data_5QSE
# 
_entry.id   5QSE 
# 
_audit_conform.dict_name       mmcif_pdbx.dic 
_audit_conform.dict_version    5.387 
_audit_conform.dict_location   http://mmcif.pdb.org/dictionaries/ascii/mmcif_pdbx.dic 
# 
loop_
_database_2.database_id 
_database_2.database_code 
_database_2.pdbx_database_accession 
_database_2.pdbx_DOI 
PDB   5QSE         pdb_00005qse 10.2210/pdb5qse/pdb 
WWPDB D_1001402347 ?            ?                   
# 
loop_
_pdbx_audit_revision_history.ordinal 
_pdbx_audit_revision_history.data_content_type 
_pdbx_audit_revision_history.major_revision 
_pdbx_audit_revision_history.minor_revision 
_pdbx_audit_revision_history.revision_date 
1 'Structure model' 1 0 2019-08-21 
2 'Structure model' 1 1 2024-03-06 
# 
_pdbx_audit_revision_details.ordinal             1 
_pdbx_audit_revision_details.revision_ordinal    1 
_pdbx_audit_revision_details.data_content_type   'Structure model' 
_pdbx_audit_revision_details.provider            repository 
_pdbx_audit_revision_details.type                'Initial release' 
_pdbx_audit_revision_details.description         ? 
_pdbx_audit_revision_details.details             ? 
# 
loop_
_pdbx_audit_revision_group.ordinal 
_pdbx_audit_revision_group.revision_ordinal 
_pdbx_audit_revision_group.data_content_type 
_pdbx_audit_revision_group.group 
1 2 'Structure model' 'Data collection'     
2 2 'Structure model' 'Database references' 
# 
loop_
_pdbx_audit_revision_category.ordinal 
_pdbx_audit_revision_category.revision_ordinal 
_pdbx_audit_revision_category.data_content_type 
_pdbx_audit_revision_category.category 
1 2 'Structure model' chem_comp_atom 
2 2 'Structure model' chem_comp_bond 
3 2 'Structure model' database_2     
# 
loop_
_pdbx_audit_revision_item.ordinal 
_pdbx_audit_revision_item.revision_ordinal 
_pdbx_audit_revision_item.data_content_type 
_pdbx_audit_revision_item.item 
1 2 'Structure model' '_database_2.pdbx_DOI'                
2 2 'Structure model' '_database_2.pdbx_database_accession' 
# 
_pdbx_database_status.entry_id                        5QSE 
_pdbx_database_status.status_code                     REL 
_pdbx_database_status.status_code_sf                  REL 
_pdbx_database_status.status_code_mr                  ? 
_pdbx_database_status.status_code_cs                  ? 
_pdbx_database_status.recvd_initial_deposition_date   2019-05-25 
_pdbx_database_status.deposit_site                    RCSB 
_pdbx_database_status.process_site                    RCSB 
_pdbx_database_status.SG_entry                        ? 
_pdbx_database_status.pdb_format_compatible           Y 
_pdbx_database_status.methods_development_category    ? 
_pdbx_database_status.status_code_nmr_data            ? 
# 
loop_
_audit_author.name 
_audit_author.pdbx_ordinal 
'Newman, J.A.'        1 
'Gavard, A.E.'        2 
'Sherestha, L.'       3 
'Burgess-Brown, N.A.' 4 
'von Delft, F.'       5 
'Arrowsmith, C.H.'    6 
'Edwards, A.'         7 
'Bountra, C.'         8 
'Gileadi, O.'         9 
# 
_citation.id                        primary 
_citation.title                     'PanDDA analysis group deposition' 
_citation.journal_abbrev            'To Be Published' 
_citation.journal_volume            ? 
_citation.page_first                ? 
_citation.page_last                 ? 
_citation.year                      ? 
_citation.journal_id_ASTM           ? 
_citation.country                   ? 
_citation.journal_id_ISSN           ? 
_citation.journal_id_CSD            0353 
_citation.book_publisher            ? 
_citation.pdbx_database_id_PubMed   ? 
_citation.pdbx_database_id_DOI      ? 
# 
loop_
_citation_author.citation_id 
_citation_author.name 
_citation_author.identifier_ORCID 
_citation_author.ordinal 
primary 'Newman, J.A.'        ? 1 
primary 'Gavard, A.E.'        ? 2 
primary 'Sherestha, L.'       ? 3 
primary 'Burgess-Brown, N.A.' ? 4 
primary 'von Delft, F.'       ? 5 
primary 'Arrowsmith, C.H.'    ? 6 
primary 'Edwards, A.'         ? 7 
primary 'Bountra, C.'         ? 8 
primary 'Gileadi, O.'         ? 9 
# 
loop_
_entity.id 
_entity.type 
_entity.src_method 
_entity.pdbx_description 
_entity.formula_weight 
_entity.pdbx_number_of_molecules 
_entity.pdbx_ec 
_entity.pdbx_mutation 
_entity.pdbx_fragment 
_entity.details 
1 polymer     man 'T-box transcription factor T'                            19655.623 1   ? G177D ? ? 
2 non-polymer syn '(2S)-2-[(3-fluoropyridin-2-yl)(methyl)amino]propan-1-ol' 184.211   1   ? ?     ? ? 
3 water       nat water                                                     18.015    215 ? ?     ? ? 
# 
_entity_name_com.entity_id   1 
_entity_name_com.name        'Brachyury protein,Protein T' 
# 
_entity_poly.entity_id                      1 
_entity_poly.type                           'polypeptide(L)' 
_entity_poly.nstd_linkage                   no 
_entity_poly.nstd_monomer                   no 
_entity_poly.pdbx_seq_one_letter_code       
;GELRVGLEESELWLRFKELTNEMIVTKNGRRMFPVLKVNVSGLDPNAMYSFLLDFVAADNHRWKYVNGEWVPGGKPEPQA
PSCVYIHPDSPNFGAHWMKAPVSFSKVKLTNKLNGGGQIMLNSLHKYEPRIHIVRVGDPQRMITSHCFPETQFIAVTAYQ
NEEITALKIKYN
;
_entity_poly.pdbx_seq_one_letter_code_can   
;GELRVGLEESELWLRFKELTNEMIVTKNGRRMFPVLKVNVSGLDPNAMYSFLLDFVAADNHRWKYVNGEWVPGGKPEPQA
PSCVYIHPDSPNFGAHWMKAPVSFSKVKLTNKLNGGGQIMLNSLHKYEPRIHIVRVGDPQRMITSHCFPETQFIAVTAYQ
NEEITALKIKYN
;
_entity_poly.pdbx_strand_id                 A 
_entity_poly.pdbx_target_identifier         ? 
# 
loop_
_pdbx_entity_nonpoly.entity_id 
_pdbx_entity_nonpoly.name 
_pdbx_entity_nonpoly.comp_id 
2 '(2S)-2-[(3-fluoropyridin-2-yl)(methyl)amino]propan-1-ol' O0V 
3 water                                                     HOH 
# 
loop_
_entity_poly_seq.entity_id 
_entity_poly_seq.num 
_entity_poly_seq.mon_id 
_entity_poly_seq.hetero 
1 1   GLY n 
1 2   GLU n 
1 3   LEU n 
1 4   ARG n 
1 5   VAL n 
1 6   GLY n 
1 7   LEU n 
1 8   GLU n 
1 9   GLU n 
1 10  SER n 
1 11  GLU n 
1 12  LEU n 
1 13  TRP n 
1 14  LEU n 
1 15  ARG n 
1 16  PHE n 
1 17  LYS n 
1 18  GLU n 
1 19  LEU n 
1 20  THR n 
1 21  ASN n 
1 22  GLU n 
1 23  MET n 
1 24  ILE n 
1 25  VAL n 
1 26  THR n 
1 27  LYS n 
1 28  ASN n 
1 29  GLY n 
1 30  ARG n 
1 31  ARG n 
1 32  MET n 
1 33  PHE n 
1 34  PRO n 
1 35  VAL n 
1 36  LEU n 
1 37  LYS n 
1 38  VAL n 
1 39  ASN n 
1 40  VAL n 
1 41  SER n 
1 42  GLY n 
1 43  LEU n 
1 44  ASP n 
1 45  PRO n 
1 46  ASN n 
1 47  ALA n 
1 48  MET n 
1 49  TYR n 
1 50  SER n 
1 51  PHE n 
1 52  LEU n 
1 53  LEU n 
1 54  ASP n 
1 55  PHE n 
1 56  VAL n 
1 57  ALA n 
1 58  ALA n 
1 59  ASP n 
1 60  ASN n 
1 61  HIS n 
1 62  ARG n 
1 63  TRP n 
1 64  LYS n 
1 65  TYR n 
1 66  VAL n 
1 67  ASN n 
1 68  GLY n 
1 69  GLU n 
1 70  TRP n 
1 71  VAL n 
1 72  PRO n 
1 73  GLY n 
1 74  GLY n 
1 75  LYS n 
1 76  PRO n 
1 77  GLU n 
1 78  PRO n 
1 79  GLN n 
1 80  ALA n 
1 81  PRO n 
1 82  SER n 
1 83  CYS n 
1 84  VAL n 
1 85  TYR n 
1 86  ILE n 
1 87  HIS n 
1 88  PRO n 
1 89  ASP n 
1 90  SER n 
1 91  PRO n 
1 92  ASN n 
1 93  PHE n 
1 94  GLY n 
1 95  ALA n 
1 96  HIS n 
1 97  TRP n 
1 98  MET n 
1 99  LYS n 
1 100 ALA n 
1 101 PRO n 
1 102 VAL n 
1 103 SER n 
1 104 PHE n 
1 105 SER n 
1 106 LYS n 
1 107 VAL n 
1 108 LYS n 
1 109 LEU n 
1 110 THR n 
1 111 ASN n 
1 112 LYS n 
1 113 LEU n 
1 114 ASN n 
1 115 GLY n 
1 116 GLY n 
1 117 GLY n 
1 118 GLN n 
1 119 ILE n 
1 120 MET n 
1 121 LEU n 
1 122 ASN n 
1 123 SER n 
1 124 LEU n 
1 125 HIS n 
1 126 LYS n 
1 127 TYR n 
1 128 GLU n 
1 129 PRO n 
1 130 ARG n 
1 131 ILE n 
1 132 HIS n 
1 133 ILE n 
1 134 VAL n 
1 135 ARG n 
1 136 VAL n 
1 137 GLY n 
1 138 ASP n 
1 139 PRO n 
1 140 GLN n 
1 141 ARG n 
1 142 MET n 
1 143 ILE n 
1 144 THR n 
1 145 SER n 
1 146 HIS n 
1 147 CYS n 
1 148 PHE n 
1 149 PRO n 
1 150 GLU n 
1 151 THR n 
1 152 GLN n 
1 153 PHE n 
1 154 ILE n 
1 155 ALA n 
1 156 VAL n 
1 157 THR n 
1 158 ALA n 
1 159 TYR n 
1 160 GLN n 
1 161 ASN n 
1 162 GLU n 
1 163 GLU n 
1 164 ILE n 
1 165 THR n 
1 166 ALA n 
1 167 LEU n 
1 168 LYS n 
1 169 ILE n 
1 170 LYS n 
1 171 TYR n 
1 172 ASN n 
# 
_entity_src_gen.entity_id                          1 
_entity_src_gen.pdbx_src_id                        1 
_entity_src_gen.pdbx_alt_source_flag               sample 
_entity_src_gen.pdbx_seq_type                      'Biological sequence' 
_entity_src_gen.pdbx_beg_seq_num                   1 
_entity_src_gen.pdbx_end_seq_num                   172 
_entity_src_gen.gene_src_common_name               Human 
_entity_src_gen.gene_src_genus                     ? 
_entity_src_gen.pdbx_gene_src_gene                 'TBXT, T' 
_entity_src_gen.gene_src_species                   ? 
_entity_src_gen.gene_src_strain                    ? 
_entity_src_gen.gene_src_tissue                    ? 
_entity_src_gen.gene_src_tissue_fraction           ? 
_entity_src_gen.gene_src_details                   ? 
_entity_src_gen.pdbx_gene_src_fragment             ? 
_entity_src_gen.pdbx_gene_src_scientific_name      'Homo sapiens' 
_entity_src_gen.pdbx_gene_src_ncbi_taxonomy_id     9606 
_entity_src_gen.pdbx_gene_src_variant              ? 
_entity_src_gen.pdbx_gene_src_cell_line            ? 
_entity_src_gen.pdbx_gene_src_atcc                 ? 
_entity_src_gen.pdbx_gene_src_organ                ? 
_entity_src_gen.pdbx_gene_src_organelle            ? 
_entity_src_gen.pdbx_gene_src_cell                 ? 
_entity_src_gen.pdbx_gene_src_cellular_location    ? 
_entity_src_gen.host_org_common_name               ? 
_entity_src_gen.pdbx_host_org_scientific_name      'Escherichia coli' 
_entity_src_gen.pdbx_host_org_ncbi_taxonomy_id     562 
_entity_src_gen.host_org_genus                     ? 
_entity_src_gen.pdbx_host_org_gene                 ? 
_entity_src_gen.pdbx_host_org_organ                ? 
_entity_src_gen.host_org_species                   ? 
_entity_src_gen.pdbx_host_org_tissue               ? 
_entity_src_gen.pdbx_host_org_tissue_fraction      ? 
_entity_src_gen.pdbx_host_org_strain               ? 
_entity_src_gen.pdbx_host_org_variant              ? 
_entity_src_gen.pdbx_host_org_cell_line            ? 
_entity_src_gen.pdbx_host_org_atcc                 ? 
_entity_src_gen.pdbx_host_org_culture_collection   ? 
_entity_src_gen.pdbx_host_org_cell                 ? 
_entity_src_gen.pdbx_host_org_organelle            ? 
_entity_src_gen.pdbx_host_org_cellular_location    ? 
_entity_src_gen.pdbx_host_org_vector_type          ? 
_entity_src_gen.pdbx_host_org_vector               ? 
_entity_src_gen.host_org_details                   ? 
_entity_src_gen.expression_system_id               ? 
_entity_src_gen.plasmid_name                       ? 
_entity_src_gen.plasmid_details                    ? 
_entity_src_gen.pdbx_description                   ? 
# 
loop_
_chem_comp.id 
_chem_comp.type 
_chem_comp.mon_nstd_flag 
_chem_comp.name 
_chem_comp.pdbx_synonyms 
_chem_comp.formula 
_chem_comp.formula_weight 
ALA 'L-peptide linking' y ALANINE                                                   ? 'C3 H7 N O2'     89.093  
ARG 'L-peptide linking' y ARGININE                                                  ? 'C6 H15 N4 O2 1' 175.209 
ASN 'L-peptide linking' y ASPARAGINE                                                ? 'C4 H8 N2 O3'    132.118 
ASP 'L-peptide linking' y 'ASPARTIC ACID'                                           ? 'C4 H7 N O4'     133.103 
CYS 'L-peptide linking' y CYSTEINE                                                  ? 'C3 H7 N O2 S'   121.158 
GLN 'L-peptide linking' y GLUTAMINE                                                 ? 'C5 H10 N2 O3'   146.144 
GLU 'L-peptide linking' y 'GLUTAMIC ACID'                                           ? 'C5 H9 N O4'     147.129 
GLY 'peptide linking'   y GLYCINE                                                   ? 'C2 H5 N O2'     75.067  
HIS 'L-peptide linking' y HISTIDINE                                                 ? 'C6 H10 N3 O2 1' 156.162 
HOH non-polymer         . WATER                                                     ? 'H2 O'           18.015  
ILE 'L-peptide linking' y ISOLEUCINE                                                ? 'C6 H13 N O2'    131.173 
LEU 'L-peptide linking' y LEUCINE                                                   ? 'C6 H13 N O2'    131.173 
LYS 'L-peptide linking' y LYSINE                                                    ? 'C6 H15 N2 O2 1' 147.195 
MET 'L-peptide linking' y METHIONINE                                                ? 'C5 H11 N O2 S'  149.211 
O0V non-polymer         . '(2S)-2-[(3-fluoropyridin-2-yl)(methyl)amino]propan-1-ol' ? 'C9 H13 F N2 O'  184.211 
PHE 'L-peptide linking' y PHENYLALANINE                                             ? 'C9 H11 N O2'    165.189 
PRO 'L-peptide linking' y PROLINE                                                   ? 'C5 H9 N O2'     115.130 
SER 'L-peptide linking' y SERINE                                                    ? 'C3 H7 N O3'     105.093 
THR 'L-peptide linking' y THREONINE                                                 ? 'C4 H9 N O3'     119.119 
TRP 'L-peptide linking' y TRYPTOPHAN                                                ? 'C11 H12 N2 O2'  204.225 
TYR 'L-peptide linking' y TYROSINE                                                  ? 'C9 H11 N O3'    181.189 
VAL 'L-peptide linking' y VALINE                                                    ? 'C5 H11 N O2'    117.146 
# 
loop_
_pdbx_poly_seq_scheme.asym_id 
_pdbx_poly_seq_scheme.entity_id 
_pdbx_poly_seq_scheme.seq_id 
_pdbx_poly_seq_scheme.mon_id 
_pdbx_poly_seq_scheme.ndb_seq_num 
_pdbx_poly_seq_scheme.pdb_seq_num 
_pdbx_poly_seq_scheme.auth_seq_num 
_pdbx_poly_seq_scheme.pdb_mon_id 
_pdbx_poly_seq_scheme.auth_mon_id 
_pdbx_poly_seq_scheme.pdb_strand_id 
_pdbx_poly_seq_scheme.pdb_ins_code 
_pdbx_poly_seq_scheme.hetero 
A 1 1   GLY 1   40  ?   ?   ?   A . n 
A 1 2   GLU 2   41  41  GLU GLU A . n 
A 1 3   LEU 3   42  42  LEU LEU A . n 
A 1 4   ARG 4   43  43  ARG ARG A . n 
A 1 5   VAL 5   44  44  VAL VAL A . n 
A 1 6   GLY 6   45  45  GLY GLY A . n 
A 1 7   LEU 7   46  46  LEU LEU A . n 
A 1 8   GLU 8   47  47  GLU GLU A . n 
A 1 9   GLU 9   48  48  GLU GLU A . n 
A 1 10  SER 10  49  49  SER SER A . n 
A 1 11  GLU 11  50  50  GLU GLU A . n 
A 1 12  LEU 12  51  51  LEU LEU A . n 
A 1 13  TRP 13  52  52  TRP TRP A . n 
A 1 14  LEU 14  53  53  LEU LEU A . n 
A 1 15  ARG 15  54  54  ARG ARG A . n 
A 1 16  PHE 16  55  55  PHE PHE A . n 
A 1 17  LYS 17  56  56  LYS LYS A . n 
A 1 18  GLU 18  57  57  GLU GLU A . n 
A 1 19  LEU 19  58  58  LEU LEU A . n 
A 1 20  THR 20  59  59  THR THR A . n 
A 1 21  ASN 21  60  60  ASN ASN A . n 
A 1 22  GLU 22  61  61  GLU GLU A . n 
A 1 23  MET 23  62  62  MET MET A . n 
A 1 24  ILE 24  63  63  ILE ILE A . n 
A 1 25  VAL 25  64  64  VAL VAL A . n 
A 1 26  THR 26  65  65  THR THR A . n 
A 1 27  LYS 27  66  66  LYS LYS A . n 
A 1 28  ASN 28  67  67  ASN ASN A . n 
A 1 29  GLY 29  68  68  GLY GLY A . n 
A 1 30  ARG 30  69  69  ARG ARG A . n 
A 1 31  ARG 31  70  70  ARG ARG A . n 
A 1 32  MET 32  71  71  MET MET A . n 
A 1 33  PHE 33  72  72  PHE PHE A . n 
A 1 34  PRO 34  73  73  PRO PRO A . n 
A 1 35  VAL 35  74  74  VAL VAL A . n 
A 1 36  LEU 36  75  75  LEU LEU A . n 
A 1 37  LYS 37  76  76  LYS LYS A . n 
A 1 38  VAL 38  77  77  VAL VAL A . n 
A 1 39  ASN 39  78  78  ASN ASN A . n 
A 1 40  VAL 40  79  79  VAL VAL A . n 
A 1 41  SER 41  80  80  SER SER A . n 
A 1 42  GLY 42  81  81  GLY GLY A . n 
A 1 43  LEU 43  82  82  LEU LEU A . n 
A 1 44  ASP 44  83  83  ASP ASP A . n 
A 1 45  PRO 45  84  84  PRO PRO A . n 
A 1 46  ASN 46  85  85  ASN ASN A . n 
A 1 47  ALA 47  86  86  ALA ALA A . n 
A 1 48  MET 48  87  87  MET MET A . n 
A 1 49  TYR 49  88  88  TYR TYR A . n 
A 1 50  SER 50  89  89  SER SER A . n 
A 1 51  PHE 51  90  90  PHE PHE A . n 
A 1 52  LEU 52  91  91  LEU LEU A . n 
A 1 53  LEU 53  92  92  LEU LEU A . n 
A 1 54  ASP 54  93  93  ASP ASP A . n 
A 1 55  PHE 55  94  94  PHE PHE A . n 
A 1 56  VAL 56  95  95  VAL VAL A . n 
A 1 57  ALA 57  96  96  ALA ALA A . n 
A 1 58  ALA 58  97  97  ALA ALA A . n 
A 1 59  ASP 59  98  98  ASP ASP A . n 
A 1 60  ASN 60  99  99  ASN ASN A . n 
A 1 61  HIS 61  100 100 HIS HIS A . n 
A 1 62  ARG 62  101 101 ARG ARG A . n 
A 1 63  TRP 63  102 102 TRP TRP A . n 
A 1 64  LYS 64  103 103 LYS LYS A . n 
A 1 65  TYR 65  104 104 TYR TYR A . n 
A 1 66  VAL 66  105 105 VAL VAL A . n 
A 1 67  ASN 67  106 106 ASN ASN A . n 
A 1 68  GLY 68  107 107 GLY GLY A . n 
A 1 69  GLU 69  108 108 GLU GLU A . n 
A 1 70  TRP 70  109 109 TRP TRP A . n 
A 1 71  VAL 71  110 110 VAL VAL A . n 
A 1 72  PRO 72  111 111 PRO PRO A . n 
A 1 73  GLY 73  112 112 GLY GLY A . n 
A 1 74  GLY 74  113 113 GLY GLY A . n 
A 1 75  LYS 75  114 114 LYS LYS A . n 
A 1 76  PRO 76  115 115 PRO PRO A . n 
A 1 77  GLU 77  116 116 GLU GLU A . n 
A 1 78  PRO 78  117 117 PRO PRO A . n 
A 1 79  GLN 79  118 118 GLN GLN A . n 
A 1 80  ALA 80  119 119 ALA ALA A . n 
A 1 81  PRO 81  120 120 PRO PRO A . n 
A 1 82  SER 82  121 121 SER SER A . n 
A 1 83  CYS 83  122 122 CYS CYS A . n 
A 1 84  VAL 84  123 123 VAL VAL A . n 
A 1 85  TYR 85  124 124 TYR TYR A . n 
A 1 86  ILE 86  125 125 ILE ILE A . n 
A 1 87  HIS 87  126 126 HIS HIS A . n 
A 1 88  PRO 88  127 127 PRO PRO A . n 
A 1 89  ASP 89  128 128 ASP ASP A . n 
A 1 90  SER 90  129 129 SER SER A . n 
A 1 91  PRO 91  130 130 PRO PRO A . n 
A 1 92  ASN 92  131 131 ASN ASN A . n 
A 1 93  PHE 93  132 132 PHE PHE A . n 
A 1 94  GLY 94  133 133 GLY GLY A . n 
A 1 95  ALA 95  134 134 ALA ALA A . n 
A 1 96  HIS 96  135 135 HIS HIS A . n 
A 1 97  TRP 97  136 136 TRP TRP A . n 
A 1 98  MET 98  137 137 MET MET A . n 
A 1 99  LYS 99  138 138 LYS LYS A . n 
A 1 100 ALA 100 139 139 ALA ALA A . n 
A 1 101 PRO 101 140 140 PRO PRO A . n 
A 1 102 VAL 102 141 141 VAL VAL A . n 
A 1 103 SER 103 142 142 SER SER A . n 
A 1 104 PHE 104 143 143 PHE PHE A . n 
A 1 105 SER 105 144 144 SER SER A . n 
A 1 106 LYS 106 145 145 LYS LYS A . n 
A 1 107 VAL 107 146 146 VAL VAL A . n 
A 1 108 LYS 108 147 147 LYS LYS A . n 
A 1 109 LEU 109 148 148 LEU LEU A . n 
A 1 110 THR 110 149 149 THR THR A . n 
A 1 111 ASN 111 150 150 ASN ASN A . n 
A 1 112 LYS 112 151 151 LYS LYS A . n 
A 1 113 LEU 113 152 152 LEU LEU A . n 
A 1 114 ASN 114 153 153 ASN ASN A . n 
A 1 115 GLY 115 154 154 GLY GLY A . n 
A 1 116 GLY 116 155 155 GLY GLY A . n 
A 1 117 GLY 117 156 156 GLY GLY A . n 
A 1 118 GLN 118 157 157 GLN GLN A . n 
A 1 119 ILE 119 158 158 ILE ILE A . n 
A 1 120 MET 120 159 159 MET MET A . n 
A 1 121 LEU 121 160 160 LEU LEU A . n 
A 1 122 ASN 122 161 161 ASN ASN A . n 
A 1 123 SER 123 162 162 SER SER A . n 
A 1 124 LEU 124 163 163 LEU LEU A . n 
A 1 125 HIS 125 164 164 HIS HIS A . n 
A 1 126 LYS 126 165 165 LYS LYS A . n 
A 1 127 TYR 127 166 166 TYR TYR A . n 
A 1 128 GLU 128 167 167 GLU GLU A . n 
A 1 129 PRO 129 168 168 PRO PRO A . n 
A 1 130 ARG 130 169 169 ARG ARG A . n 
A 1 131 ILE 131 170 170 ILE ILE A . n 
A 1 132 HIS 132 171 171 HIS HIS A . n 
A 1 133 ILE 133 172 172 ILE ILE A . n 
A 1 134 VAL 134 173 173 VAL VAL A . n 
A 1 135 ARG 135 174 174 ARG ARG A . n 
A 1 136 VAL 136 175 175 VAL VAL A . n 
A 1 137 GLY 137 176 176 GLY GLY A . n 
A 1 138 ASP 138 177 177 ASP ASP A . n 
A 1 139 PRO 139 178 178 PRO PRO A . n 
A 1 140 GLN 140 179 179 GLN GLN A . n 
A 1 141 ARG 141 180 180 ARG ARG A . n 
A 1 142 MET 142 181 181 MET MET A . n 
A 1 143 ILE 143 182 182 ILE ILE A . n 
A 1 144 THR 144 183 183 THR THR A . n 
A 1 145 SER 145 184 184 SER SER A . n 
A 1 146 HIS 146 185 185 HIS HIS A . n 
A 1 147 CYS 147 186 186 CYS CYS A . n 
A 1 148 PHE 148 187 187 PHE PHE A . n 
A 1 149 PRO 149 188 188 PRO PRO A . n 
A 1 150 GLU 150 189 189 GLU GLU A . n 
A 1 151 THR 151 190 190 THR THR A . n 
A 1 152 GLN 152 191 191 GLN GLN A . n 
A 1 153 PHE 153 192 192 PHE PHE A . n 
A 1 154 ILE 154 193 193 ILE ILE A . n 
A 1 155 ALA 155 194 194 ALA ALA A . n 
A 1 156 VAL 156 195 195 VAL VAL A . n 
A 1 157 THR 157 196 196 THR THR A . n 
A 1 158 ALA 158 197 197 ALA ALA A . n 
A 1 159 TYR 159 198 198 TYR TYR A . n 
A 1 160 GLN 160 199 199 GLN GLN A . n 
A 1 161 ASN 161 200 200 ASN ASN A . n 
A 1 162 GLU 162 201 201 GLU GLU A . n 
A 1 163 GLU 163 202 202 GLU GLU A . n 
A 1 164 ILE 164 203 203 ILE ILE A . n 
A 1 165 THR 165 204 204 THR THR A . n 
A 1 166 ALA 166 205 205 ALA ALA A . n 
A 1 167 LEU 167 206 206 LEU LEU A . n 
A 1 168 LYS 168 207 207 LYS LYS A . n 
A 1 169 ILE 169 208 208 ILE ILE A . n 
A 1 170 LYS 170 209 209 LYS LYS A . n 
A 1 171 TYR 171 210 210 TYR TYR A . n 
A 1 172 ASN 172 211 211 ASN ASN A . n 
# 
loop_
_pdbx_nonpoly_scheme.asym_id 
_pdbx_nonpoly_scheme.entity_id 
_pdbx_nonpoly_scheme.mon_id 
_pdbx_nonpoly_scheme.ndb_seq_num 
_pdbx_nonpoly_scheme.pdb_seq_num 
_pdbx_nonpoly_scheme.auth_seq_num 
_pdbx_nonpoly_scheme.pdb_mon_id 
_pdbx_nonpoly_scheme.auth_mon_id 
_pdbx_nonpoly_scheme.pdb_strand_id 
_pdbx_nonpoly_scheme.pdb_ins_code 
B 2 O0V 1   301 301 O0V LIG A . 
C 3 HOH 1   401 105 HOH HOH A . 
C 3 HOH 2   402 166 HOH HOH A . 
C 3 HOH 3   403 157 HOH HOH A . 
C 3 HOH 4   404 107 HOH HOH A . 
C 3 HOH 5   405 77  HOH HOH A . 
C 3 HOH 6   406 104 HOH HOH A . 
C 3 HOH 7   407 187 HOH HOH A . 
C 3 HOH 8   408 57  HOH HOH A . 
C 3 HOH 9   409 78  HOH HOH A . 
C 3 HOH 10  410 95  HOH HOH A . 
C 3 HOH 11  411 32  HOH HOH A . 
C 3 HOH 12  412 133 HOH HOH A . 
C 3 HOH 13  413 152 HOH HOH A . 
C 3 HOH 14  414 50  HOH HOH A . 
C 3 HOH 15  415 101 HOH HOH A . 
C 3 HOH 16  416 8   HOH HOH A . 
C 3 HOH 17  417 162 HOH HOH A . 
C 3 HOH 18  418 27  HOH HOH A . 
C 3 HOH 19  419 45  HOH HOH A . 
C 3 HOH 20  420 12  HOH HOH A . 
C 3 HOH 21  421 113 HOH HOH A . 
C 3 HOH 22  422 44  HOH HOH A . 
C 3 HOH 23  423 62  HOH HOH A . 
C 3 HOH 24  424 106 HOH HOH A . 
C 3 HOH 25  425 231 HOH HOH A . 
C 3 HOH 26  426 4   HOH HOH A . 
C 3 HOH 27  427 90  HOH HOH A . 
C 3 HOH 28  428 81  HOH HOH A . 
C 3 HOH 29  429 103 HOH HOH A . 
C 3 HOH 30  430 164 HOH HOH A . 
C 3 HOH 31  431 183 HOH HOH A . 
C 3 HOH 32  432 174 HOH HOH A . 
C 3 HOH 33  433 195 HOH HOH A . 
C 3 HOH 34  434 96  HOH HOH A . 
C 3 HOH 35  435 150 HOH HOH A . 
C 3 HOH 36  436 149 HOH HOH A . 
C 3 HOH 37  437 48  HOH HOH A . 
C 3 HOH 38  438 41  HOH HOH A . 
C 3 HOH 39  439 233 HOH HOH A . 
C 3 HOH 40  440 123 HOH HOH A . 
C 3 HOH 41  441 111 HOH HOH A . 
C 3 HOH 42  442 209 HOH HOH A . 
C 3 HOH 43  443 207 HOH HOH A . 
C 3 HOH 44  444 88  HOH HOH A . 
C 3 HOH 45  445 26  HOH HOH A . 
C 3 HOH 46  446 17  HOH HOH A . 
C 3 HOH 47  447 47  HOH HOH A . 
C 3 HOH 48  448 89  HOH HOH A . 
C 3 HOH 49  449 46  HOH HOH A . 
C 3 HOH 50  450 64  HOH HOH A . 
C 3 HOH 51  451 198 HOH HOH A . 
C 3 HOH 52  452 232 HOH HOH A . 
C 3 HOH 53  453 35  HOH HOH A . 
C 3 HOH 54  454 118 HOH HOH A . 
C 3 HOH 55  455 76  HOH HOH A . 
C 3 HOH 56  456 59  HOH HOH A . 
C 3 HOH 57  457 51  HOH HOH A . 
C 3 HOH 58  458 165 HOH HOH A . 
C 3 HOH 59  459 14  HOH HOH A . 
C 3 HOH 60  460 92  HOH HOH A . 
C 3 HOH 61  461 191 HOH HOH A . 
C 3 HOH 62  462 171 HOH HOH A . 
C 3 HOH 63  463 83  HOH HOH A . 
C 3 HOH 64  464 36  HOH HOH A . 
C 3 HOH 65  465 5   HOH HOH A . 
C 3 HOH 66  466 108 HOH HOH A . 
C 3 HOH 67  467 167 HOH HOH A . 
C 3 HOH 68  468 70  HOH HOH A . 
C 3 HOH 69  469 160 HOH HOH A . 
C 3 HOH 70  470 68  HOH HOH A . 
C 3 HOH 71  471 61  HOH HOH A . 
C 3 HOH 72  472 119 HOH HOH A . 
C 3 HOH 73  473 227 HOH HOH A . 
C 3 HOH 74  474 22  HOH HOH A . 
C 3 HOH 75  475 23  HOH HOH A . 
C 3 HOH 76  476 31  HOH HOH A . 
C 3 HOH 77  477 1   HOH HOH A . 
C 3 HOH 78  478 69  HOH HOH A . 
C 3 HOH 79  479 159 HOH HOH A . 
C 3 HOH 80  480 25  HOH HOH A . 
C 3 HOH 81  481 158 HOH HOH A . 
C 3 HOH 82  482 42  HOH HOH A . 
C 3 HOH 83  483 9   HOH HOH A . 
C 3 HOH 84  484 86  HOH HOH A . 
C 3 HOH 85  485 125 HOH HOH A . 
C 3 HOH 86  486 16  HOH HOH A . 
C 3 HOH 87  487 37  HOH HOH A . 
C 3 HOH 88  488 28  HOH HOH A . 
C 3 HOH 89  489 202 HOH HOH A . 
C 3 HOH 90  490 223 HOH HOH A . 
C 3 HOH 91  491 20  HOH HOH A . 
C 3 HOH 92  492 58  HOH HOH A . 
C 3 HOH 93  493 182 HOH HOH A . 
C 3 HOH 94  494 3   HOH HOH A . 
C 3 HOH 95  495 109 HOH HOH A . 
C 3 HOH 96  496 154 HOH HOH A . 
C 3 HOH 97  497 6   HOH HOH A . 
C 3 HOH 98  498 180 HOH HOH A . 
C 3 HOH 99  499 13  HOH HOH A . 
C 3 HOH 100 500 33  HOH HOH A . 
C 3 HOH 101 501 161 HOH HOH A . 
C 3 HOH 102 502 85  HOH HOH A . 
C 3 HOH 103 503 38  HOH HOH A . 
C 3 HOH 104 504 40  HOH HOH A . 
C 3 HOH 105 505 188 HOH HOH A . 
C 3 HOH 106 506 141 HOH HOH A . 
C 3 HOH 107 507 138 HOH HOH A . 
C 3 HOH 108 508 185 HOH HOH A . 
C 3 HOH 109 509 60  HOH HOH A . 
C 3 HOH 110 510 15  HOH HOH A . 
C 3 HOH 111 511 56  HOH HOH A . 
C 3 HOH 112 512 67  HOH HOH A . 
C 3 HOH 113 513 52  HOH HOH A . 
C 3 HOH 114 514 87  HOH HOH A . 
C 3 HOH 115 515 72  HOH HOH A . 
C 3 HOH 116 516 151 HOH HOH A . 
C 3 HOH 117 517 190 HOH HOH A . 
C 3 HOH 118 518 66  HOH HOH A . 
C 3 HOH 119 519 2   HOH HOH A . 
C 3 HOH 120 520 24  HOH HOH A . 
C 3 HOH 121 521 54  HOH HOH A . 
C 3 HOH 122 522 11  HOH HOH A . 
C 3 HOH 123 523 43  HOH HOH A . 
C 3 HOH 124 524 39  HOH HOH A . 
C 3 HOH 125 525 216 HOH HOH A . 
C 3 HOH 126 526 93  HOH HOH A . 
C 3 HOH 127 527 127 HOH HOH A . 
C 3 HOH 128 528 205 HOH HOH A . 
C 3 HOH 129 529 114 HOH HOH A . 
C 3 HOH 130 530 7   HOH HOH A . 
C 3 HOH 131 531 196 HOH HOH A . 
C 3 HOH 132 532 117 HOH HOH A . 
C 3 HOH 133 533 34  HOH HOH A . 
C 3 HOH 134 534 178 HOH HOH A . 
C 3 HOH 135 535 100 HOH HOH A . 
C 3 HOH 136 536 213 HOH HOH A . 
C 3 HOH 137 537 99  HOH HOH A . 
C 3 HOH 138 538 124 HOH HOH A . 
C 3 HOH 139 539 163 HOH HOH A . 
C 3 HOH 140 540 82  HOH HOH A . 
C 3 HOH 141 541 186 HOH HOH A . 
C 3 HOH 142 542 184 HOH HOH A . 
C 3 HOH 143 543 199 HOH HOH A . 
C 3 HOH 144 544 181 HOH HOH A . 
C 3 HOH 145 545 179 HOH HOH A . 
C 3 HOH 146 546 189 HOH HOH A . 
C 3 HOH 147 547 168 HOH HOH A . 
C 3 HOH 148 548 208 HOH HOH A . 
C 3 HOH 149 549 172 HOH HOH A . 
C 3 HOH 150 550 29  HOH HOH A . 
C 3 HOH 151 551 170 HOH HOH A . 
C 3 HOH 152 552 136 HOH HOH A . 
C 3 HOH 153 553 194 HOH HOH A . 
C 3 HOH 154 554 224 HOH HOH A . 
C 3 HOH 155 555 98  HOH HOH A . 
C 3 HOH 156 556 175 HOH HOH A . 
C 3 HOH 157 557 234 HOH HOH A . 
C 3 HOH 158 558 121 HOH HOH A . 
C 3 HOH 159 559 135 HOH HOH A . 
C 3 HOH 160 560 19  HOH HOH A . 
C 3 HOH 161 561 131 HOH HOH A . 
C 3 HOH 162 562 144 HOH HOH A . 
C 3 HOH 163 563 156 HOH HOH A . 
C 3 HOH 164 564 218 HOH HOH A . 
C 3 HOH 165 565 139 HOH HOH A . 
C 3 HOH 166 566 84  HOH HOH A . 
C 3 HOH 167 567 200 HOH HOH A . 
C 3 HOH 168 568 221 HOH HOH A . 
C 3 HOH 169 569 126 HOH HOH A . 
C 3 HOH 170 570 140 HOH HOH A . 
C 3 HOH 171 571 197 HOH HOH A . 
C 3 HOH 172 572 193 HOH HOH A . 
C 3 HOH 173 573 74  HOH HOH A . 
C 3 HOH 174 574 80  HOH HOH A . 
C 3 HOH 175 575 204 HOH HOH A . 
C 3 HOH 176 576 206 HOH HOH A . 
C 3 HOH 177 577 143 HOH HOH A . 
C 3 HOH 178 578 129 HOH HOH A . 
C 3 HOH 179 579 222 HOH HOH A . 
C 3 HOH 180 580 215 HOH HOH A . 
C 3 HOH 181 581 94  HOH HOH A . 
C 3 HOH 182 582 102 HOH HOH A . 
C 3 HOH 183 583 65  HOH HOH A . 
C 3 HOH 184 584 55  HOH HOH A . 
C 3 HOH 185 585 173 HOH HOH A . 
C 3 HOH 186 586 217 HOH HOH A . 
C 3 HOH 187 587 116 HOH HOH A . 
C 3 HOH 188 588 137 HOH HOH A . 
C 3 HOH 189 589 91  HOH HOH A . 
C 3 HOH 190 590 219 HOH HOH A . 
C 3 HOH 191 591 112 HOH HOH A . 
C 3 HOH 192 592 49  HOH HOH A . 
C 3 HOH 193 593 155 HOH HOH A . 
C 3 HOH 194 594 79  HOH HOH A . 
C 3 HOH 195 595 132 HOH HOH A . 
C 3 HOH 196 596 21  HOH HOH A . 
C 3 HOH 197 597 71  HOH HOH A . 
C 3 HOH 198 598 142 HOH HOH A . 
C 3 HOH 199 599 210 HOH HOH A . 
C 3 HOH 200 600 130 HOH HOH A . 
C 3 HOH 201 601 230 HOH HOH A . 
C 3 HOH 202 602 115 HOH HOH A . 
C 3 HOH 203 603 63  HOH HOH A . 
C 3 HOH 204 604 110 HOH HOH A . 
C 3 HOH 205 605 75  HOH HOH A . 
C 3 HOH 206 606 73  HOH HOH A . 
C 3 HOH 207 607 153 HOH HOH A . 
C 3 HOH 208 608 128 HOH HOH A . 
C 3 HOH 209 609 148 HOH HOH A . 
C 3 HOH 210 610 211 HOH HOH A . 
C 3 HOH 211 611 134 HOH HOH A . 
C 3 HOH 212 612 147 HOH HOH A . 
C 3 HOH 213 613 145 HOH HOH A . 
C 3 HOH 214 614 203 HOH HOH A . 
C 3 HOH 215 615 146 HOH HOH A . 
# 
loop_
_software.pdbx_ordinal 
_software.name 
_software.version 
_software.date 
_software.type 
_software.contact_author 
_software.contact_author_email 
_software.classification 
_software.location 
_software.language 
_software.citation_id 
1 REFMAC      5.8.0238 ?               program 'Garib N. Murshudov' garib@ysbl.york.ac.uk    refinement        
http://www.ccp4.ac.uk/dist/html/refmac5.html        Fortran_77 ? 
2 Aimless     0.7.3    15/08/18        program 'Phil Evans'         ?                        'data scaling'    
http://www.mrc-lmb.cam.ac.uk/harry/pre/aimless.html ?          ? 
3 PDB_EXTRACT 3.23     'SEP. 23, 2016' package PDB                  deposit@deposit.rcsb.org 'data extraction' 
http://sw-tools.pdb.org/apps/PDB_EXTRACT/           C++        ? 
4 XDS         .        ?               program ?                    ?                        'data reduction'  ? ?          ? 
5 REFMAC      .        ?               program ?                    ?                        phasing           ? ?          ? 
# 
_cell.entry_id           5QSE 
_cell.length_a           99.884 
_cell.length_b           99.884 
_cell.length_c           98.898 
_cell.angle_alpha        90.000 
_cell.angle_beta         90.000 
_cell.angle_gamma        120.000 
_cell.Z_PDB              18 
_cell.pdbx_unique_axis   ? 
# 
_symmetry.entry_id                         5QSE 
_symmetry.Int_Tables_number                155 
_symmetry.space_group_name_H-M             'H 3 2' 
_symmetry.pdbx_full_space_group_name_H-M   ? 
_symmetry.cell_setting                     ? 
# 
_exptl.crystals_number   1 
_exptl.entry_id          5QSE 
_exptl.method            'X-RAY DIFFRACTION' 
# 
_exptl_crystal.id                    1 
_exptl_crystal.pdbx_mosaicity        0.000 
_exptl_crystal.pdbx_mosaicity_esd    ? 
_exptl_crystal.density_Matthews      2.42 
_exptl_crystal.density_diffrn        ? 
_exptl_crystal.density_meas          ? 
_exptl_crystal.density_meas_temp     ? 
_exptl_crystal.density_percent_sol   49.07 
_exptl_crystal.size_max              ? 
_exptl_crystal.size_mid              ? 
_exptl_crystal.size_min              ? 
_exptl_crystal.size_rad              ? 
_exptl_crystal.description           ? 
# 
_exptl_crystal_grow.crystal_id      1 
_exptl_crystal_grow.method          'VAPOR DIFFUSION, SITTING DROP' 
_exptl_crystal_grow.pH              7 
_exptl_crystal_grow.temp            298 
_exptl_crystal_grow.pdbx_details    '0.1 M SPG pH 7.0, 30 % PEG 1000' 
_exptl_crystal_grow.temp_details    ? 
_exptl_crystal_grow.pdbx_pH_range   ? 
# 
_diffrn.id                               1 
_diffrn.ambient_temp                     100 
_diffrn.crystal_id                       1 
_diffrn.ambient_temp_details             ? 
_diffrn.pdbx_serial_crystal_experiment   ? 
# 
_diffrn_detector.detector               PIXEL 
_diffrn_detector.type                   'DECTRIS PILATUS 6M' 
_diffrn_detector.pdbx_collection_date   2018-12-09 
_diffrn_detector.diffrn_id              1 
_diffrn_detector.details                ? 
# 
_diffrn_radiation.diffrn_id                        1 
_diffrn_radiation.wavelength_id                    1 
_diffrn_radiation.pdbx_diffrn_protocol             'SINGLE WAVELENGTH' 
_diffrn_radiation.pdbx_monochromatic_or_laue_m_l   M 
_diffrn_radiation.monochromator                    ? 
_diffrn_radiation.pdbx_scattering_type             x-ray 
# 
_diffrn_radiation_wavelength.id           1 
_diffrn_radiation_wavelength.wavelength   0.91587 
_diffrn_radiation_wavelength.wt           1.0 
# 
_diffrn_source.diffrn_id                   1 
_diffrn_source.source                      SYNCHROTRON 
_diffrn_source.type                        'DIAMOND BEAMLINE I04-1' 
_diffrn_source.pdbx_wavelength_list        0.91587 
_diffrn_source.pdbx_synchrotron_site       Diamond 
_diffrn_source.pdbx_synchrotron_beamline   I04-1 
_diffrn_source.pdbx_wavelength             ? 
# 
_reflns.entry_id                     5QSE 
_reflns.pdbx_diffrn_id               1 
_reflns.pdbx_ordinal                 1 
_reflns.observed_criterion_sigma_I   ? 
_reflns.observed_criterion_sigma_F   ? 
_reflns.d_resolution_low             65.110 
_reflns.d_resolution_high            2.010 
_reflns.number_obs                   12812 
_reflns.number_all                   ? 
_reflns.percent_possible_obs         100.000 
_reflns.pdbx_Rmerge_I_obs            0.233 
_reflns.pdbx_Rsym_value              ? 
_reflns.pdbx_netI_over_sigmaI        5.400 
_reflns.B_iso_Wilson_estimate        ? 
_reflns.pdbx_redundancy              9.600 
_reflns.pdbx_Rrim_I_all              0.246 
_reflns.pdbx_Rpim_I_all              0.079 
_reflns.pdbx_CC_half                 0.991 
_reflns.pdbx_netI_over_av_sigmaI     ? 
_reflns.pdbx_number_measured_all     122991 
_reflns.pdbx_scaling_rejects         338 
_reflns.pdbx_chi_squared             ? 
_reflns.Rmerge_F_all                 ? 
_reflns.Rmerge_F_obs                 ? 
_reflns.observed_criterion_F_max     ? 
_reflns.observed_criterion_F_min     ? 
_reflns.observed_criterion_I_max     ? 
_reflns.observed_criterion_I_min     ? 
_reflns.pdbx_d_res_high_opt          ? 
_reflns.pdbx_d_res_low_opt           ? 
_reflns.details                      ? 
# 
loop_
_reflns_shell.pdbx_diffrn_id 
_reflns_shell.pdbx_ordinal 
_reflns_shell.d_res_high 
_reflns_shell.d_res_low 
_reflns_shell.number_measured_obs 
_reflns_shell.number_measured_all 
_reflns_shell.number_unique_obs 
_reflns_shell.pdbx_rejects 
_reflns_shell.Rmerge_I_obs 
_reflns_shell.meanI_over_sigI_obs 
_reflns_shell.pdbx_Rsym_value 
_reflns_shell.pdbx_chi_squared 
_reflns_shell.pdbx_redundancy 
_reflns_shell.percent_possible_obs 
_reflns_shell.pdbx_netI_over_sigmaI_obs 
_reflns_shell.number_possible 
_reflns_shell.number_unique_all 
_reflns_shell.Rmerge_F_all 
_reflns_shell.Rmerge_F_obs 
_reflns_shell.Rmerge_I_all 
_reflns_shell.meanI_over_sigI_all 
_reflns_shell.percent_possible_all 
_reflns_shell.pdbx_Rrim_I_all 
_reflns_shell.pdbx_Rpim_I_all 
_reflns_shell.pdbx_CC_half 
1 1 2.010 2.060  ? 8984 ? ? 1.793 ? ? ? 9.700 ? 1.100  ? 929 ? ? ? ? 100.000 1.893 0.604 0.549 
1 2 8.990 65.110 ? 1599 ? ? 0.077 ? ? ? 9.400 ? 15.000 ? 170 ? ? ? ? 99.900  0.083 0.030 0.991 
# 
_refine.entry_id                                 5QSE 
_refine.pdbx_refine_id                           'X-RAY DIFFRACTION' 
_refine.ls_d_res_high                            2.0100 
_refine.ls_d_res_low                             65.1100 
_refine.pdbx_ls_sigma_F                          0.000 
_refine.pdbx_data_cutoff_high_absF               ? 
_refine.pdbx_data_cutoff_low_absF                ? 
_refine.ls_percent_reflns_obs                    99.9100 
_refine.ls_number_reflns_obs                     12153 
_refine.ls_number_reflns_all                     ? 
_refine.pdbx_ls_cross_valid_method               THROUGHOUT 
_refine.ls_matrix_type                           ? 
_refine.pdbx_R_Free_selection_details            RANDOM 
_refine.details                                  
'HYDROGENS HAVE BEEN ADDED IN THE RIDING POSITIONS U VALUES      : REFINED INDIVIDUALLY' 
_refine.ls_R_factor_all                          ? 
_refine.ls_R_factor_obs                          0.1964 
_refine.ls_R_factor_R_work                       0.1933 
_refine.ls_wR_factor_R_work                      ? 
_refine.ls_R_factor_R_free                       0.2526 
_refine.ls_wR_factor_R_free                      ? 
_refine.ls_percent_reflns_R_free                 5.1000 
_refine.ls_number_reflns_R_free                  648 
_refine.ls_number_reflns_R_work                  ? 
_refine.ls_R_factor_R_free_error                 ? 
_refine.B_iso_mean                               31.9130 
_refine.solvent_model_param_bsol                 ? 
_refine.solvent_model_param_ksol                 ? 
_refine.pdbx_isotropic_thermal_model             ? 
_refine.aniso_B[1][1]                            -0.6800 
_refine.aniso_B[2][2]                            -0.6800 
_refine.aniso_B[3][3]                            2.2100 
_refine.aniso_B[1][2]                            -0.3400 
_refine.aniso_B[1][3]                            -0.0000 
_refine.aniso_B[2][3]                            -0.0000 
_refine.correlation_coeff_Fo_to_Fc               0.9570 
_refine.correlation_coeff_Fo_to_Fc_free          0.9240 
_refine.overall_SU_R_Cruickshank_DPI             ? 
_refine.pdbx_overall_SU_R_free_Cruickshank_DPI   ? 
_refine.pdbx_overall_SU_R_Blow_DPI               ? 
_refine.pdbx_overall_SU_R_free_Blow_DPI          ? 
_refine.overall_SU_R_free                        ? 
_refine.pdbx_overall_ESU_R                       0.2450 
_refine.pdbx_overall_ESU_R_Free                  0.2010 
_refine.overall_SU_ML                            0.1830 
_refine.overall_SU_B                             7.0330 
_refine.solvent_model_details                    MASK 
_refine.pdbx_solvent_vdw_probe_radii             1.2000 
_refine.pdbx_solvent_ion_probe_radii             0.8000 
_refine.pdbx_solvent_shrinkage_radii             0.8000 
_refine.ls_number_parameters                     ? 
_refine.ls_number_restraints                     ? 
_refine.pdbx_starting_model                      6f58 
_refine.pdbx_method_to_determine_struct          'FOURIER SYNTHESIS' 
_refine.pdbx_stereochemistry_target_values       'MAXIMUM LIKELIHOOD' 
_refine.pdbx_stereochem_target_val_spec_case     ? 
_refine.overall_FOM_work_R_set                   ? 
_refine.B_iso_max                                147.970 
_refine.B_iso_min                                20.900 
_refine.pdbx_overall_phase_error                 ? 
_refine.occupancy_max                            ? 
_refine.occupancy_min                            ? 
_refine.pdbx_diffrn_id                           1 
_refine.pdbx_TLS_residual_ADP_flag               ? 
_refine.pdbx_ls_sigma_I                          ? 
_refine.pdbx_data_cutoff_high_rms_absF           ? 
_refine.ls_R_factor_R_free_error_details         ? 
# 
_refine_hist.cycle_id                         final 
_refine_hist.pdbx_refine_id                   'X-RAY DIFFRACTION' 
_refine_hist.d_res_high                       2.0100 
_refine_hist.d_res_low                        65.1100 
_refine_hist.pdbx_number_atoms_ligand         13 
_refine_hist.number_atoms_solvent             215 
_refine_hist.number_atoms_total               1608 
_refine_hist.pdbx_number_residues_total       171 
_refine_hist.pdbx_B_iso_mean_ligand           39.13 
_refine_hist.pdbx_B_iso_mean_solvent          45.01 
_refine_hist.pdbx_number_atoms_protein        1380 
_refine_hist.pdbx_number_atoms_nucleic_acid   0 
# 
loop_
_refine_ls_restr.pdbx_refine_id 
_refine_ls_restr.type 
_refine_ls_restr.number 
_refine_ls_restr.dev_ideal 
_refine_ls_restr.dev_ideal_target 
_refine_ls_restr.weight 
_refine_ls_restr.pdbx_restraint_function 
'X-RAY DIFFRACTION' r_bond_refined_d       1803 0.011  0.014  ? ? 
'X-RAY DIFFRACTION' r_bond_other_d         1531 0.001  0.017  ? ? 
'X-RAY DIFFRACTION' r_angle_refined_deg    2256 1.469  1.665  ? ? 
'X-RAY DIFFRACTION' r_angle_other_deg      3569 1.209  1.595  ? ? 
'X-RAY DIFFRACTION' r_dihedral_angle_1_deg 206  6.845  5.000  ? ? 
'X-RAY DIFFRACTION' r_dihedral_angle_2_deg 83   28.633 21.446 ? ? 
'X-RAY DIFFRACTION' r_dihedral_angle_3_deg 291  15.674 15.000 ? ? 
'X-RAY DIFFRACTION' r_dihedral_angle_4_deg 11   20.871 15.000 ? ? 
'X-RAY DIFFRACTION' r_chiral_restr         208  0.059  0.200  ? ? 
'X-RAY DIFFRACTION' r_gen_planes_refined   1944 0.007  0.020  ? ? 
'X-RAY DIFFRACTION' r_gen_planes_other     361  0.002  0.020  ? ? 
'X-RAY DIFFRACTION' r_mcbond_it            862  2.101  3.096  ? ? 
'X-RAY DIFFRACTION' r_mcbond_other         853  2.092  3.086  ? ? 
'X-RAY DIFFRACTION' r_mcangle_it           1010 3.295  4.688  ? ? 
# 
_refine_ls_shell.d_res_high                       2.0100 
_refine_ls_shell.d_res_low                        2.0620 
_refine_ls_shell.pdbx_total_number_of_bins_used   20 
_refine_ls_shell.percent_reflns_obs               100.0000 
_refine_ls_shell.number_reflns_R_work             889 
_refine_ls_shell.R_factor_all                     ? 
_refine_ls_shell.R_factor_R_work                  0.2910 
_refine_ls_shell.R_factor_R_free                  0.3130 
_refine_ls_shell.percent_reflns_R_free            ? 
_refine_ls_shell.number_reflns_R_free             39 
_refine_ls_shell.R_factor_R_free_error            ? 
_refine_ls_shell.number_reflns_all                928 
_refine_ls_shell.number_reflns_obs                ? 
_refine_ls_shell.pdbx_refine_id                   'X-RAY DIFFRACTION' 
# 
_struct.entry_id                  5QSE 
_struct.title                     
'PanDDA analysis group deposition -- Crystal Structure of human Brachyury G177D variant in complex with Z2017168803' 
_struct.pdbx_model_details        ? 
_struct.pdbx_CASP_flag            ? 
_struct.pdbx_model_type_details   ? 
# 
_struct_keywords.entry_id        5QSE 
_struct_keywords.text            'SGC - Diamond I04-1 fragment screening, PanDDA, XChemExplorer, TRANSCRIPTION' 
_struct_keywords.pdbx_keywords   TRANSCRIPTION 
# 
loop_
_struct_asym.id 
_struct_asym.pdbx_blank_PDB_chainid_flag 
_struct_asym.pdbx_modified 
_struct_asym.entity_id 
_struct_asym.details 
A N N 1 ? 
B N N 2 ? 
C N N 3 ? 
# 
_struct_ref.id                         1 
_struct_ref.db_name                    UNP 
_struct_ref.db_code                    TBXT_HUMAN 
_struct_ref.pdbx_db_accession          O15178 
_struct_ref.pdbx_db_isoform            ? 
_struct_ref.entity_id                  1 
_struct_ref.pdbx_seq_one_letter_code   
;ELRVGLEESELWLRFKELTNEMIVTKNGRRMFPVLKVNVSGLDPNAMYSFLLDFVAADNHRWKYVNGEWVPGGKPEPQAP
SCVYIHPDSPNFGAHWMKAPVSFSKVKLTNKLNGGGQIMLNSLHKYEPRIHIVRVGGPQRMITSHCFPETQFIAVTAYQN
EEITALKIKYN
;
_struct_ref.pdbx_align_begin           41 
# 
_struct_ref_seq.align_id                      1 
_struct_ref_seq.ref_id                        1 
_struct_ref_seq.pdbx_PDB_id_code              5QSE 
_struct_ref_seq.pdbx_strand_id                A 
_struct_ref_seq.seq_align_beg                 2 
_struct_ref_seq.pdbx_seq_align_beg_ins_code   ? 
_struct_ref_seq.seq_align_end                 172 
_struct_ref_seq.pdbx_seq_align_end_ins_code   ? 
_struct_ref_seq.pdbx_db_accession             O15178 
_struct_ref_seq.db_align_beg                  41 
_struct_ref_seq.pdbx_db_align_beg_ins_code    ? 
_struct_ref_seq.db_align_end                  211 
_struct_ref_seq.pdbx_db_align_end_ins_code    ? 
_struct_ref_seq.pdbx_auth_seq_align_beg       41 
_struct_ref_seq.pdbx_auth_seq_align_end       211 
# 
loop_
_struct_ref_seq_dif.align_id 
_struct_ref_seq_dif.pdbx_pdb_id_code 
_struct_ref_seq_dif.mon_id 
_struct_ref_seq_dif.pdbx_pdb_strand_id 
_struct_ref_seq_dif.seq_num 
_struct_ref_seq_dif.pdbx_pdb_ins_code 
_struct_ref_seq_dif.pdbx_seq_db_name 
_struct_ref_seq_dif.pdbx_seq_db_accession_code 
_struct_ref_seq_dif.db_mon_id 
_struct_ref_seq_dif.pdbx_seq_db_seq_num 
_struct_ref_seq_dif.details 
_struct_ref_seq_dif.pdbx_auth_seq_num 
_struct_ref_seq_dif.pdbx_ordinal 
1 5QSE GLY A 1   ? UNP O15178 ?   ?   'expression tag'      40  1 
1 5QSE ASP A 138 ? UNP O15178 GLY 177 'engineered mutation' 177 2 
# 
_pdbx_struct_assembly.id                   1 
_pdbx_struct_assembly.details              author_and_software_defined_assembly 
_pdbx_struct_assembly.method_details       PISA 
_pdbx_struct_assembly.oligomeric_details   monomeric 
_pdbx_struct_assembly.oligomeric_count     1 
# 
_pdbx_struct_assembly_gen.assembly_id       1 
_pdbx_struct_assembly_gen.oper_expression   1 
_pdbx_struct_assembly_gen.asym_id_list      A,B,C 
# 
_pdbx_struct_oper_list.id                   1 
_pdbx_struct_oper_list.type                 'identity operation' 
_pdbx_struct_oper_list.name                 1_555 
_pdbx_struct_oper_list.symmetry_operation   x,y,z 
_pdbx_struct_oper_list.matrix[1][1]         1.0000000000 
_pdbx_struct_oper_list.matrix[1][2]         0.0000000000 
_pdbx_struct_oper_list.matrix[1][3]         0.0000000000 
_pdbx_struct_oper_list.vector[1]            0.0000000000 
_pdbx_struct_oper_list.matrix[2][1]         0.0000000000 
_pdbx_struct_oper_list.matrix[2][2]         1.0000000000 
_pdbx_struct_oper_list.matrix[2][3]         0.0000000000 
_pdbx_struct_oper_list.vector[2]            0.0000000000 
_pdbx_struct_oper_list.matrix[3][1]         0.0000000000 
_pdbx_struct_oper_list.matrix[3][2]         0.0000000000 
_pdbx_struct_oper_list.matrix[3][3]         1.0000000000 
_pdbx_struct_oper_list.vector[3]            0.0000000000 
# 
loop_
_struct_conf.conf_type_id 
_struct_conf.id 
_struct_conf.pdbx_PDB_helix_id 
_struct_conf.beg_label_comp_id 
_struct_conf.beg_label_asym_id 
_struct_conf.beg_label_seq_id 
_struct_conf.pdbx_beg_PDB_ins_code 
_struct_conf.end_label_comp_id 
_struct_conf.end_label_asym_id 
_struct_conf.end_label_seq_id 
_struct_conf.pdbx_end_PDB_ins_code 
_struct_conf.beg_auth_comp_id 
_struct_conf.beg_auth_asym_id 
_struct_conf.beg_auth_seq_id 
_struct_conf.end_auth_comp_id 
_struct_conf.end_auth_asym_id 
_struct_conf.end_auth_seq_id 
_struct_conf.pdbx_PDB_helix_class 
_struct_conf.details 
_struct_conf.pdbx_PDB_helix_length 
HELX_P HELX_P1 AA1 GLU A 9   ? GLU A 18  ? GLU A 48  GLU A 57  1 ? 10 
HELX_P HELX_P2 AA2 GLY A 94  ? ALA A 100 ? GLY A 133 ALA A 139 1 ? 7  
HELX_P HELX_P3 AA3 PRO A 149 ? GLN A 152 ? PRO A 188 GLN A 191 5 ? 4  
HELX_P HELX_P4 AA4 ASN A 161 ? ASN A 172 ? ASN A 200 ASN A 211 1 ? 12 
# 
_struct_conf_type.id          HELX_P 
_struct_conf_type.criteria    ? 
_struct_conf_type.reference   ? 
# 
loop_
_struct_mon_prot_cis.pdbx_id 
_struct_mon_prot_cis.label_comp_id 
_struct_mon_prot_cis.label_seq_id 
_struct_mon_prot_cis.label_asym_id 
_struct_mon_prot_cis.label_alt_id 
_struct_mon_prot_cis.pdbx_PDB_ins_code 
_struct_mon_prot_cis.auth_comp_id 
_struct_mon_prot_cis.auth_seq_id 
_struct_mon_prot_cis.auth_asym_id 
_struct_mon_prot_cis.pdbx_label_comp_id_2 
_struct_mon_prot_cis.pdbx_label_seq_id_2 
_struct_mon_prot_cis.pdbx_label_asym_id_2 
_struct_mon_prot_cis.pdbx_PDB_ins_code_2 
_struct_mon_prot_cis.pdbx_auth_comp_id_2 
_struct_mon_prot_cis.pdbx_auth_seq_id_2 
_struct_mon_prot_cis.pdbx_auth_asym_id_2 
_struct_mon_prot_cis.pdbx_PDB_model_num 
_struct_mon_prot_cis.pdbx_omega_angle 
1 PHE 33 A . ? PHE 72  A PRO 34 A ? PRO 73  A 1 -7.53  
2 SER 90 A . ? SER 129 A PRO 91 A ? PRO 130 A 1 -16.44 
# 
loop_
_struct_sheet.id 
_struct_sheet.type 
_struct_sheet.number_strands 
_struct_sheet.details 
AA1 ? 3 ? 
AA2 ? 5 ? 
AA3 ? 4 ? 
AA4 ? 3 ? 
AA5 ? 2 ? 
# 
loop_
_struct_sheet_order.sheet_id 
_struct_sheet_order.range_id_1 
_struct_sheet_order.range_id_2 
_struct_sheet_order.offset 
_struct_sheet_order.sense 
AA1 1 2 ? anti-parallel 
AA1 2 3 ? anti-parallel 
AA2 1 2 ? parallel      
AA2 2 3 ? anti-parallel 
AA2 3 4 ? anti-parallel 
AA2 4 5 ? anti-parallel 
AA3 1 2 ? anti-parallel 
AA3 2 3 ? anti-parallel 
AA3 3 4 ? anti-parallel 
AA4 1 2 ? anti-parallel 
AA4 2 3 ? parallel      
AA5 1 2 ? anti-parallel 
# 
loop_
_struct_sheet_range.sheet_id 
_struct_sheet_range.id 
_struct_sheet_range.beg_label_comp_id 
_struct_sheet_range.beg_label_asym_id 
_struct_sheet_range.beg_label_seq_id 
_struct_sheet_range.pdbx_beg_PDB_ins_code 
_struct_sheet_range.end_label_comp_id 
_struct_sheet_range.end_label_asym_id 
_struct_sheet_range.end_label_seq_id 
_struct_sheet_range.pdbx_end_PDB_ins_code 
_struct_sheet_range.beg_auth_comp_id 
_struct_sheet_range.beg_auth_asym_id 
_struct_sheet_range.beg_auth_seq_id 
_struct_sheet_range.end_auth_comp_id 
_struct_sheet_range.end_auth_asym_id 
_struct_sheet_range.end_auth_seq_id 
AA1 1 ARG A 4   ? LEU A 7   ? ARG A 43  LEU A 46  
AA1 2 LYS A 37  ? SER A 41  ? LYS A 76  SER A 80  
AA1 3 VAL A 102 ? SER A 103 ? VAL A 141 SER A 142 
AA2 1 GLU A 22  ? ILE A 24  ? GLU A 61  ILE A 63  
AA2 2 PHE A 153 ? VAL A 156 ? PHE A 192 VAL A 195 
AA2 3 LYS A 126 ? ARG A 135 ? LYS A 165 ARG A 174 
AA2 4 MET A 48  ? ALA A 57  ? MET A 87  ALA A 96  
AA2 5 ASN A 92  ? PHE A 93  ? ASN A 131 PHE A 132 
AA3 1 TYR A 85  ? ILE A 86  ? TYR A 124 ILE A 125 
AA3 2 MET A 48  ? ALA A 57  ? MET A 87  ALA A 96  
AA3 3 LYS A 126 ? ARG A 135 ? LYS A 165 ARG A 174 
AA3 4 ILE A 143 ? CYS A 147 ? ILE A 182 CYS A 186 
AA4 1 ARG A 30  ? ARG A 31  ? ARG A 69  ARG A 70  
AA4 2 LYS A 108 ? THR A 110 ? LYS A 147 THR A 149 
AA4 3 ILE A 119 ? MET A 120 ? ILE A 158 MET A 159 
AA5 1 ARG A 62  ? VAL A 66  ? ARG A 101 VAL A 105 
AA5 2 GLU A 69  ? GLY A 74  ? GLU A 108 GLY A 113 
# 
loop_
_pdbx_struct_sheet_hbond.sheet_id 
_pdbx_struct_sheet_hbond.range_id_1 
_pdbx_struct_sheet_hbond.range_id_2 
_pdbx_struct_sheet_hbond.range_1_label_atom_id 
_pdbx_struct_sheet_hbond.range_1_label_comp_id 
_pdbx_struct_sheet_hbond.range_1_label_asym_id 
_pdbx_struct_sheet_hbond.range_1_label_seq_id 
_pdbx_struct_sheet_hbond.range_1_PDB_ins_code 
_pdbx_struct_sheet_hbond.range_1_auth_atom_id 
_pdbx_struct_sheet_hbond.range_1_auth_comp_id 
_pdbx_struct_sheet_hbond.range_1_auth_asym_id 
_pdbx_struct_sheet_hbond.range_1_auth_seq_id 
_pdbx_struct_sheet_hbond.range_2_label_atom_id 
_pdbx_struct_sheet_hbond.range_2_label_comp_id 
_pdbx_struct_sheet_hbond.range_2_label_asym_id 
_pdbx_struct_sheet_hbond.range_2_label_seq_id 
_pdbx_struct_sheet_hbond.range_2_PDB_ins_code 
_pdbx_struct_sheet_hbond.range_2_auth_atom_id 
_pdbx_struct_sheet_hbond.range_2_auth_comp_id 
_pdbx_struct_sheet_hbond.range_2_auth_asym_id 
_pdbx_struct_sheet_hbond.range_2_auth_seq_id 
AA1 1 2 N GLY A 6   ? N GLY A 45  O ASN A 39  ? O ASN A 78  
AA1 2 3 N VAL A 38  ? N VAL A 77  O VAL A 102 ? O VAL A 141 
AA2 1 2 N MET A 23  ? N MET A 62  O VAL A 156 ? O VAL A 195 
AA2 2 3 O PHE A 153 ? O PHE A 192 N TYR A 127 ? N TYR A 166 
AA2 3 4 O VAL A 134 ? O VAL A 173 N SER A 50  ? N SER A 89  
AA2 4 5 N TYR A 49  ? N TYR A 88  O ASN A 92  ? O ASN A 131 
AA3 1 2 O TYR A 85  ? O TYR A 124 N LEU A 53  ? N LEU A 92  
AA3 2 3 N SER A 50  ? N SER A 89  O VAL A 134 ? O VAL A 173 
AA3 3 4 N ILE A 131 ? N ILE A 170 O HIS A 146 ? O HIS A 185 
AA4 1 2 N ARG A 30  ? N ARG A 69  O LEU A 109 ? O LEU A 148 
AA4 2 3 N LYS A 108 ? N LYS A 147 O ILE A 119 ? O ILE A 158 
AA5 1 2 N VAL A 66  ? N VAL A 105 O GLU A 69  ? O GLU A 108 
# 
_struct_site.id                   AC1 
_struct_site.pdbx_evidence_code   Software 
_struct_site.pdbx_auth_asym_id    A 
_struct_site.pdbx_auth_comp_id    O0V 
_struct_site.pdbx_auth_seq_id     301 
_struct_site.pdbx_auth_ins_code   ? 
_struct_site.pdbx_num_residues    6 
_struct_site.details              'binding site for residue O0V A 301' 
# 
loop_
_struct_site_gen.id 
_struct_site_gen.site_id 
_struct_site_gen.pdbx_num_res 
_struct_site_gen.label_comp_id 
_struct_site_gen.label_asym_id 
_struct_site_gen.label_seq_id 
_struct_site_gen.pdbx_auth_ins_code 
_struct_site_gen.auth_comp_id 
_struct_site_gen.auth_asym_id 
_struct_site_gen.auth_seq_id 
_struct_site_gen.label_atom_id 
_struct_site_gen.label_alt_id 
_struct_site_gen.symmetry 
_struct_site_gen.details 
1 AC1 6 GLU A 9   ? GLU A 48  . ? 4_555 ? 
2 AC1 6 GLU A 11  ? GLU A 50  . ? 1_555 ? 
3 AC1 6 PHE A 33  ? PHE A 72  . ? 4_555 ? 
4 AC1 6 TYR A 171 ? TYR A 210 . ? 1_555 ? 
5 AC1 6 TYR A 171 ? TYR A 210 . ? 4_555 ? 
6 AC1 6 HOH C .   ? HOH A 533 . ? 1_555 ? 
# 
loop_
_pdbx_validate_close_contact.id 
_pdbx_validate_close_contact.PDB_model_num 
_pdbx_validate_close_contact.auth_atom_id_1 
_pdbx_validate_close_contact.auth_asym_id_1 
_pdbx_validate_close_contact.auth_comp_id_1 
_pdbx_validate_close_contact.auth_seq_id_1 
_pdbx_validate_close_contact.PDB_ins_code_1 
_pdbx_validate_close_contact.label_alt_id_1 
_pdbx_validate_close_contact.auth_atom_id_2 
_pdbx_validate_close_contact.auth_asym_id_2 
_pdbx_validate_close_contact.auth_comp_id_2 
_pdbx_validate_close_contact.auth_seq_id_2 
_pdbx_validate_close_contact.PDB_ins_code_2 
_pdbx_validate_close_contact.label_alt_id_2 
_pdbx_validate_close_contact.dist 
1 1 NH2 A ARG 54  ? ? OH A TYR 210 ? ? 2.09 
2 1 O   A HOH 473 ? ? O  A HOH 564 ? ? 2.15 
# 
loop_
_pdbx_validate_torsion.id 
_pdbx_validate_torsion.PDB_model_num 
_pdbx_validate_torsion.auth_comp_id 
_pdbx_validate_torsion.auth_asym_id 
_pdbx_validate_torsion.auth_seq_id 
_pdbx_validate_torsion.PDB_ins_code 
_pdbx_validate_torsion.label_alt_id 
_pdbx_validate_torsion.phi 
_pdbx_validate_torsion.psi 
1 1 THR A 59  ? ? 74.59   112.91 
2 1 ALA A 119 ? ? -38.12  145.24 
3 1 SER A 121 ? ? -57.91  102.32 
4 1 PHE A 143 ? ? -105.58 52.21  
5 1 PHE A 143 ? ? -104.31 52.21  
6 1 LEU A 152 ? ? -67.64  66.67  
# 
_pdbx_struct_special_symmetry.id              1 
_pdbx_struct_special_symmetry.PDB_model_num   1 
_pdbx_struct_special_symmetry.auth_asym_id    A 
_pdbx_struct_special_symmetry.auth_comp_id    HOH 
_pdbx_struct_special_symmetry.auth_seq_id     515 
_pdbx_struct_special_symmetry.PDB_ins_code    ? 
_pdbx_struct_special_symmetry.label_asym_id   C 
_pdbx_struct_special_symmetry.label_comp_id   HOH 
_pdbx_struct_special_symmetry.label_seq_id    . 
# 
_phasing.method   MR 
# 
_pdbx_entry_details.entry_id                 5QSE 
_pdbx_entry_details.has_ligand_of_interest   Y 
_pdbx_entry_details.compound_details         ? 
_pdbx_entry_details.source_details           ? 
_pdbx_entry_details.nonpolymer_details       ? 
_pdbx_entry_details.sequence_details         ? 
# 
loop_
_pdbx_distant_solvent_atoms.id 
_pdbx_distant_solvent_atoms.PDB_model_num 
_pdbx_distant_solvent_atoms.auth_atom_id 
_pdbx_distant_solvent_atoms.label_alt_id 
_pdbx_distant_solvent_atoms.auth_asym_id 
_pdbx_distant_solvent_atoms.auth_comp_id 
_pdbx_distant_solvent_atoms.auth_seq_id 
_pdbx_distant_solvent_atoms.PDB_ins_code 
_pdbx_distant_solvent_atoms.neighbor_macromolecule_distance 
_pdbx_distant_solvent_atoms.neighbor_ligand_distance 
1 1 O ? A HOH 612 ? 5.81 . 
2 1 O ? A HOH 613 ? 6.86 . 
3 1 O ? A HOH 614 ? 7.45 . 
4 1 O ? A HOH 615 ? 7.76 . 
# 
_pdbx_unobs_or_zero_occ_residues.id               1 
_pdbx_unobs_or_zero_occ_residues.PDB_model_num    1 
_pdbx_unobs_or_zero_occ_residues.polymer_flag     Y 
_pdbx_unobs_or_zero_occ_residues.occupancy_flag   1 
_pdbx_unobs_or_zero_occ_residues.auth_asym_id     A 
_pdbx_unobs_or_zero_occ_residues.auth_comp_id     GLY 
_pdbx_unobs_or_zero_occ_residues.auth_seq_id      40 
_pdbx_unobs_or_zero_occ_residues.PDB_ins_code     ? 
_pdbx_unobs_or_zero_occ_residues.label_asym_id    A 
_pdbx_unobs_or_zero_occ_residues.label_comp_id    GLY 
_pdbx_unobs_or_zero_occ_residues.label_seq_id     1 
# 
loop_
_chem_comp_atom.comp_id 
_chem_comp_atom.atom_id 
_chem_comp_atom.type_symbol 
_chem_comp_atom.pdbx_aromatic_flag 
_chem_comp_atom.pdbx_stereo_config 
_chem_comp_atom.pdbx_ordinal 
ALA N    N N N 1   
ALA CA   C N S 2   
ALA C    C N N 3   
ALA O    O N N 4   
ALA CB   C N N 5   
ALA OXT  O N N 6   
ALA H    H N N 7   
ALA H2   H N N 8   
ALA HA   H N N 9   
ALA HB1  H N N 10  
ALA HB2  H N N 11  
ALA HB3  H N N 12  
ALA HXT  H N N 13  
ARG N    N N N 14  
ARG CA   C N S 15  
ARG C    C N N 16  
ARG O    O N N 17  
ARG CB   C N N 18  
ARG CG   C N N 19  
ARG CD   C N N 20  
ARG NE   N N N 21  
ARG CZ   C N N 22  
ARG NH1  N N N 23  
ARG NH2  N N N 24  
ARG OXT  O N N 25  
ARG H    H N N 26  
ARG H2   H N N 27  
ARG HA   H N N 28  
ARG HB2  H N N 29  
ARG HB3  H N N 30  
ARG HG2  H N N 31  
ARG HG3  H N N 32  
ARG HD2  H N N 33  
ARG HD3  H N N 34  
ARG HE   H N N 35  
ARG HH11 H N N 36  
ARG HH12 H N N 37  
ARG HH21 H N N 38  
ARG HH22 H N N 39  
ARG HXT  H N N 40  
ASN N    N N N 41  
ASN CA   C N S 42  
ASN C    C N N 43  
ASN O    O N N 44  
ASN CB   C N N 45  
ASN CG   C N N 46  
ASN OD1  O N N 47  
ASN ND2  N N N 48  
ASN OXT  O N N 49  
ASN H    H N N 50  
ASN H2   H N N 51  
ASN HA   H N N 52  
ASN HB2  H N N 53  
ASN HB3  H N N 54  
ASN HD21 H N N 55  
ASN HD22 H N N 56  
ASN HXT  H N N 57  
ASP N    N N N 58  
ASP CA   C N S 59  
ASP C    C N N 60  
ASP O    O N N 61  
ASP CB   C N N 62  
ASP CG   C N N 63  
ASP OD1  O N N 64  
ASP OD2  O N N 65  
ASP OXT  O N N 66  
ASP H    H N N 67  
ASP H2   H N N 68  
ASP HA   H N N 69  
ASP HB2  H N N 70  
ASP HB3  H N N 71  
ASP HD2  H N N 72  
ASP HXT  H N N 73  
CYS N    N N N 74  
CYS CA   C N R 75  
CYS C    C N N 76  
CYS O    O N N 77  
CYS CB   C N N 78  
CYS SG   S N N 79  
CYS OXT  O N N 80  
CYS H    H N N 81  
CYS H2   H N N 82  
CYS HA   H N N 83  
CYS HB2  H N N 84  
CYS HB3  H N N 85  
CYS HG   H N N 86  
CYS HXT  H N N 87  
GLN N    N N N 88  
GLN CA   C N S 89  
GLN C    C N N 90  
GLN O    O N N 91  
GLN CB   C N N 92  
GLN CG   C N N 93  
GLN CD   C N N 94  
GLN OE1  O N N 95  
GLN NE2  N N N 96  
GLN OXT  O N N 97  
GLN H    H N N 98  
GLN H2   H N N 99  
GLN HA   H N N 100 
GLN HB2  H N N 101 
GLN HB3  H N N 102 
GLN HG2  H N N 103 
GLN HG3  H N N 104 
GLN HE21 H N N 105 
GLN HE22 H N N 106 
GLN HXT  H N N 107 
GLU N    N N N 108 
GLU CA   C N S 109 
GLU C    C N N 110 
GLU O    O N N 111 
GLU CB   C N N 112 
GLU CG   C N N 113 
GLU CD   C N N 114 
GLU OE1  O N N 115 
GLU OE2  O N N 116 
GLU OXT  O N N 117 
GLU H    H N N 118 
GLU H2   H N N 119 
GLU HA   H N N 120 
GLU HB2  H N N 121 
GLU HB3  H N N 122 
GLU HG2  H N N 123 
GLU HG3  H N N 124 
GLU HE2  H N N 125 
GLU HXT  H N N 126 
GLY N    N N N 127 
GLY CA   C N N 128 
GLY C    C N N 129 
GLY O    O N N 130 
GLY OXT  O N N 131 
GLY H    H N N 132 
GLY H2   H N N 133 
GLY HA2  H N N 134 
GLY HA3  H N N 135 
GLY HXT  H N N 136 
HIS N    N N N 137 
HIS CA   C N S 138 
HIS C    C N N 139 
HIS O    O N N 140 
HIS CB   C N N 141 
HIS CG   C Y N 142 
HIS ND1  N Y N 143 
HIS CD2  C Y N 144 
HIS CE1  C Y N 145 
HIS NE2  N Y N 146 
HIS OXT  O N N 147 
HIS H    H N N 148 
HIS H2   H N N 149 
HIS HA   H N N 150 
HIS HB2  H N N 151 
HIS HB3  H N N 152 
HIS HD1  H N N 153 
HIS HD2  H N N 154 
HIS HE1  H N N 155 
HIS HE2  H N N 156 
HIS HXT  H N N 157 
HOH O    O N N 158 
HOH H1   H N N 159 
HOH H2   H N N 160 
ILE N    N N N 161 
ILE CA   C N S 162 
ILE C    C N N 163 
ILE O    O N N 164 
ILE CB   C N S 165 
ILE CG1  C N N 166 
ILE CG2  C N N 167 
ILE CD1  C N N 168 
ILE OXT  O N N 169 
ILE H    H N N 170 
ILE H2   H N N 171 
ILE HA   H N N 172 
ILE HB   H N N 173 
ILE HG12 H N N 174 
ILE HG13 H N N 175 
ILE HG21 H N N 176 
ILE HG22 H N N 177 
ILE HG23 H N N 178 
ILE HD11 H N N 179 
ILE HD12 H N N 180 
ILE HD13 H N N 181 
ILE HXT  H N N 182 
LEU N    N N N 183 
LEU CA   C N S 184 
LEU C    C N N 185 
LEU O    O N N 186 
LEU CB   C N N 187 
LEU CG   C N N 188 
LEU CD1  C N N 189 
LEU CD2  C N N 190 
LEU OXT  O N N 191 
LEU H    H N N 192 
LEU H2   H N N 193 
LEU HA   H N N 194 
LEU HB2  H N N 195 
LEU HB3  H N N 196 
LEU HG   H N N 197 
LEU HD11 H N N 198 
LEU HD12 H N N 199 
LEU HD13 H N N 200 
LEU HD21 H N N 201 
LEU HD22 H N N 202 
LEU HD23 H N N 203 
LEU HXT  H N N 204 
LYS N    N N N 205 
LYS CA   C N S 206 
LYS C    C N N 207 
LYS O    O N N 208 
LYS CB   C N N 209 
LYS CG   C N N 210 
LYS CD   C N N 211 
LYS CE   C N N 212 
LYS NZ   N N N 213 
LYS OXT  O N N 214 
LYS H    H N N 215 
LYS H2   H N N 216 
LYS HA   H N N 217 
LYS HB2  H N N 218 
LYS HB3  H N N 219 
LYS HG2  H N N 220 
LYS HG3  H N N 221 
LYS HD2  H N N 222 
LYS HD3  H N N 223 
LYS HE2  H N N 224 
LYS HE3  H N N 225 
LYS HZ1  H N N 226 
LYS HZ2  H N N 227 
LYS HZ3  H N N 228 
LYS HXT  H N N 229 
MET N    N N N 230 
MET CA   C N S 231 
MET C    C N N 232 
MET O    O N N 233 
MET CB   C N N 234 
MET CG   C N N 235 
MET SD   S N N 236 
MET CE   C N N 237 
MET OXT  O N N 238 
MET H    H N N 239 
MET H2   H N N 240 
MET HA   H N N 241 
MET HB2  H N N 242 
MET HB3  H N N 243 
MET HG2  H N N 244 
MET HG3  H N N 245 
MET HE1  H N N 246 
MET HE2  H N N 247 
MET HE3  H N N 248 
MET HXT  H N N 249 
O0V N1   N Y N 250 
O0V C4   C Y N 251 
O0V C5   C Y N 252 
O0V C6   C Y N 253 
O0V C7   C Y N 254 
O0V C8   C Y N 255 
O0V N    N N N 256 
O0V C    C N N 257 
O0V O    O N N 258 
O0V C1   C N S 259 
O0V C2   C N N 260 
O0V C3   C N N 261 
O0V F    F N N 262 
O0V H1   H N N 263 
O0V H2   H N N 264 
O0V H3   H N N 265 
O0V H4   H N N 266 
O0V H5   H N N 267 
O0V H6   H N N 268 
O0V H7   H N N 269 
O0V H8   H N N 270 
O0V H9   H N N 271 
O0V H10  H N N 272 
O0V H11  H N N 273 
O0V H12  H N N 274 
O0V H13  H N N 275 
PHE N    N N N 276 
PHE CA   C N S 277 
PHE C    C N N 278 
PHE O    O N N 279 
PHE CB   C N N 280 
PHE CG   C Y N 281 
PHE CD1  C Y N 282 
PHE CD2  C Y N 283 
PHE CE1  C Y N 284 
PHE CE2  C Y N 285 
PHE CZ   C Y N 286 
PHE OXT  O N N 287 
PHE H    H N N 288 
PHE H2   H N N 289 
PHE HA   H N N 290 
PHE HB2  H N N 291 
PHE HB3  H N N 292 
PHE HD1  H N N 293 
PHE HD2  H N N 294 
PHE HE1  H N N 295 
PHE HE2  H N N 296 
PHE HZ   H N N 297 
PHE HXT  H N N 298 
PRO N    N N N 299 
PRO CA   C N S 300 
PRO C    C N N 301 
PRO O    O N N 302 
PRO CB   C N N 303 
PRO CG   C N N 304 
PRO CD   C N N 305 
PRO OXT  O N N 306 
PRO H    H N N 307 
PRO HA   H N N 308 
PRO HB2  H N N 309 
PRO HB3  H N N 310 
PRO HG2  H N N 311 
PRO HG3  H N N 312 
PRO HD2  H N N 313 
PRO HD3  H N N 314 
PRO HXT  H N N 315 
SER N    N N N 316 
SER CA   C N S 317 
SER C    C N N 318 
SER O    O N N 319 
SER CB   C N N 320 
SER OG   O N N 321 
SER OXT  O N N 322 
SER H    H N N 323 
SER H2   H N N 324 
SER HA   H N N 325 
SER HB2  H N N 326 
SER HB3  H N N 327 
SER HG   H N N 328 
SER HXT  H N N 329 
THR N    N N N 330 
THR CA   C N S 331 
THR C    C N N 332 
THR O    O N N 333 
THR CB   C N R 334 
THR OG1  O N N 335 
THR CG2  C N N 336 
THR OXT  O N N 337 
THR H    H N N 338 
THR H2   H N N 339 
THR HA   H N N 340 
THR HB   H N N 341 
THR HG1  H N N 342 
THR HG21 H N N 343 
THR HG22 H N N 344 
THR HG23 H N N 345 
THR HXT  H N N 346 
TRP N    N N N 347 
TRP CA   C N S 348 
TRP C    C N N 349 
TRP O    O N N 350 
TRP CB   C N N 351 
TRP CG   C Y N 352 
TRP CD1  C Y N 353 
TRP CD2  C Y N 354 
TRP NE1  N Y N 355 
TRP CE2  C Y N 356 
TRP CE3  C Y N 357 
TRP CZ2  C Y N 358 
TRP CZ3  C Y N 359 
TRP CH2  C Y N 360 
TRP OXT  O N N 361 
TRP H    H N N 362 
TRP H2   H N N 363 
TRP HA   H N N 364 
TRP HB2  H N N 365 
TRP HB3  H N N 366 
TRP HD1  H N N 367 
TRP HE1  H N N 368 
TRP HE3  H N N 369 
TRP HZ2  H N N 370 
TRP HZ3  H N N 371 
TRP HH2  H N N 372 
TRP HXT  H N N 373 
TYR N    N N N 374 
TYR CA   C N S 375 
TYR C    C N N 376 
TYR O    O N N 377 
TYR CB   C N N 378 
TYR CG   C Y N 379 
TYR CD1  C Y N 380 
TYR CD2  C Y N 381 
TYR CE1  C Y N 382 
TYR CE2  C Y N 383 
TYR CZ   C Y N 384 
TYR OH   O N N 385 
TYR OXT  O N N 386 
TYR H    H N N 387 
TYR H2   H N N 388 
TYR HA   H N N 389 
TYR HB2  H N N 390 
TYR HB3  H N N 391 
TYR HD1  H N N 392 
TYR HD2  H N N 393 
TYR HE1  H N N 394 
TYR HE2  H N N 395 
TYR HH   H N N 396 
TYR HXT  H N N 397 
VAL N    N N N 398 
VAL CA   C N S 399 
VAL C    C N N 400 
VAL O    O N N 401 
VAL CB   C N N 402 
VAL CG1  C N N 403 
VAL CG2  C N N 404 
VAL OXT  O N N 405 
VAL H    H N N 406 
VAL H2   H N N 407 
VAL HA   H N N 408 
VAL HB   H N N 409 
VAL HG11 H N N 410 
VAL HG12 H N N 411 
VAL HG13 H N N 412 
VAL HG21 H N N 413 
VAL HG22 H N N 414 
VAL HG23 H N N 415 
VAL HXT  H N N 416 
# 
loop_
_chem_comp_bond.comp_id 
_chem_comp_bond.atom_id_1 
_chem_comp_bond.atom_id_2 
_chem_comp_bond.value_order 
_chem_comp_bond.pdbx_aromatic_flag 
_chem_comp_bond.pdbx_stereo_config 
_chem_comp_bond.pdbx_ordinal 
ALA N   CA   sing N N 1   
ALA N   H    sing N N 2   
ALA N   H2   sing N N 3   
ALA CA  C    sing N N 4   
ALA CA  CB   sing N N 5   
ALA CA  HA   sing N N 6   
ALA C   O    doub N N 7   
ALA C   OXT  sing N N 8   
ALA CB  HB1  sing N N 9   
ALA CB  HB2  sing N N 10  
ALA CB  HB3  sing N N 11  
ALA OXT HXT  sing N N 12  
ARG N   CA   sing N N 13  
ARG N   H    sing N N 14  
ARG N   H2   sing N N 15  
ARG CA  C    sing N N 16  
ARG CA  CB   sing N N 17  
ARG CA  HA   sing N N 18  
ARG C   O    doub N N 19  
ARG C   OXT  sing N N 20  
ARG CB  CG   sing N N 21  
ARG CB  HB2  sing N N 22  
ARG CB  HB3  sing N N 23  
ARG CG  CD   sing N N 24  
ARG CG  HG2  sing N N 25  
ARG CG  HG3  sing N N 26  
ARG CD  NE   sing N N 27  
ARG CD  HD2  sing N N 28  
ARG CD  HD3  sing N N 29  
ARG NE  CZ   sing N N 30  
ARG NE  HE   sing N N 31  
ARG CZ  NH1  sing N N 32  
ARG CZ  NH2  doub N N 33  
ARG NH1 HH11 sing N N 34  
ARG NH1 HH12 sing N N 35  
ARG NH2 HH21 sing N N 36  
ARG NH2 HH22 sing N N 37  
ARG OXT HXT  sing N N 38  
ASN N   CA   sing N N 39  
ASN N   H    sing N N 40  
ASN N   H2   sing N N 41  
ASN CA  C    sing N N 42  
ASN CA  CB   sing N N 43  
ASN CA  HA   sing N N 44  
ASN C   O    doub N N 45  
ASN C   OXT  sing N N 46  
ASN CB  CG   sing N N 47  
ASN CB  HB2  sing N N 48  
ASN CB  HB3  sing N N 49  
ASN CG  OD1  doub N N 50  
ASN CG  ND2  sing N N 51  
ASN ND2 HD21 sing N N 52  
ASN ND2 HD22 sing N N 53  
ASN OXT HXT  sing N N 54  
ASP N   CA   sing N N 55  
ASP N   H    sing N N 56  
ASP N   H2   sing N N 57  
ASP CA  C    sing N N 58  
ASP CA  CB   sing N N 59  
ASP CA  HA   sing N N 60  
ASP C   O    doub N N 61  
ASP C   OXT  sing N N 62  
ASP CB  CG   sing N N 63  
ASP CB  HB2  sing N N 64  
ASP CB  HB3  sing N N 65  
ASP CG  OD1  doub N N 66  
ASP CG  OD2  sing N N 67  
ASP OD2 HD2  sing N N 68  
ASP OXT HXT  sing N N 69  
CYS N   CA   sing N N 70  
CYS N   H    sing N N 71  
CYS N   H2   sing N N 72  
CYS CA  C    sing N N 73  
CYS CA  CB   sing N N 74  
CYS CA  HA   sing N N 75  
CYS C   O    doub N N 76  
CYS C   OXT  sing N N 77  
CYS CB  SG   sing N N 78  
CYS CB  HB2  sing N N 79  
CYS CB  HB3  sing N N 80  
CYS SG  HG   sing N N 81  
CYS OXT HXT  sing N N 82  
GLN N   CA   sing N N 83  
GLN N   H    sing N N 84  
GLN N   H2   sing N N 85  
GLN CA  C    sing N N 86  
GLN CA  CB   sing N N 87  
GLN CA  HA   sing N N 88  
GLN C   O    doub N N 89  
GLN C   OXT  sing N N 90  
GLN CB  CG   sing N N 91  
GLN CB  HB2  sing N N 92  
GLN CB  HB3  sing N N 93  
GLN CG  CD   sing N N 94  
GLN CG  HG2  sing N N 95  
GLN CG  HG3  sing N N 96  
GLN CD  OE1  doub N N 97  
GLN CD  NE2  sing N N 98  
GLN NE2 HE21 sing N N 99  
GLN NE2 HE22 sing N N 100 
GLN OXT HXT  sing N N 101 
GLU N   CA   sing N N 102 
GLU N   H    sing N N 103 
GLU N   H2   sing N N 104 
GLU CA  C    sing N N 105 
GLU CA  CB   sing N N 106 
GLU CA  HA   sing N N 107 
GLU C   O    doub N N 108 
GLU C   OXT  sing N N 109 
GLU CB  CG   sing N N 110 
GLU CB  HB2  sing N N 111 
GLU CB  HB3  sing N N 112 
GLU CG  CD   sing N N 113 
GLU CG  HG2  sing N N 114 
GLU CG  HG3  sing N N 115 
GLU CD  OE1  doub N N 116 
GLU CD  OE2  sing N N 117 
GLU OE2 HE2  sing N N 118 
GLU OXT HXT  sing N N 119 
GLY N   CA   sing N N 120 
GLY N   H    sing N N 121 
GLY N   H2   sing N N 122 
GLY CA  C    sing N N 123 
GLY CA  HA2  sing N N 124 
GLY CA  HA3  sing N N 125 
GLY C   O    doub N N 126 
GLY C   OXT  sing N N 127 
GLY OXT HXT  sing N N 128 
HIS N   CA   sing N N 129 
HIS N   H    sing N N 130 
HIS N   H2   sing N N 131 
HIS CA  C    sing N N 132 
HIS CA  CB   sing N N 133 
HIS CA  HA   sing N N 134 
HIS C   O    doub N N 135 
HIS C   OXT  sing N N 136 
HIS CB  CG   sing N N 137 
HIS CB  HB2  sing N N 138 
HIS CB  HB3  sing N N 139 
HIS CG  ND1  sing Y N 140 
HIS CG  CD2  doub Y N 141 
HIS ND1 CE1  doub Y N 142 
HIS ND1 HD1  sing N N 143 
HIS CD2 NE2  sing Y N 144 
HIS CD2 HD2  sing N N 145 
HIS CE1 NE2  sing Y N 146 
HIS CE1 HE1  sing N N 147 
HIS NE2 HE2  sing N N 148 
HIS OXT HXT  sing N N 149 
HOH O   H1   sing N N 150 
HOH O   H2   sing N N 151 
ILE N   CA   sing N N 152 
ILE N   H    sing N N 153 
ILE N   H2   sing N N 154 
ILE CA  C    sing N N 155 
ILE CA  CB   sing N N 156 
ILE CA  HA   sing N N 157 
ILE C   O    doub N N 158 
ILE C   OXT  sing N N 159 
ILE CB  CG1  sing N N 160 
ILE CB  CG2  sing N N 161 
ILE CB  HB   sing N N 162 
ILE CG1 CD1  sing N N 163 
ILE CG1 HG12 sing N N 164 
ILE CG1 HG13 sing N N 165 
ILE CG2 HG21 sing N N 166 
ILE CG2 HG22 sing N N 167 
ILE CG2 HG23 sing N N 168 
ILE CD1 HD11 sing N N 169 
ILE CD1 HD12 sing N N 170 
ILE CD1 HD13 sing N N 171 
ILE OXT HXT  sing N N 172 
LEU N   CA   sing N N 173 
LEU N   H    sing N N 174 
LEU N   H2   sing N N 175 
LEU CA  C    sing N N 176 
LEU CA  CB   sing N N 177 
LEU CA  HA   sing N N 178 
LEU C   O    doub N N 179 
LEU C   OXT  sing N N 180 
LEU CB  CG   sing N N 181 
LEU CB  HB2  sing N N 182 
LEU CB  HB3  sing N N 183 
LEU CG  CD1  sing N N 184 
LEU CG  CD2  sing N N 185 
LEU CG  HG   sing N N 186 
LEU CD1 HD11 sing N N 187 
LEU CD1 HD12 sing N N 188 
LEU CD1 HD13 sing N N 189 
LEU CD2 HD21 sing N N 190 
LEU CD2 HD22 sing N N 191 
LEU CD2 HD23 sing N N 192 
LEU OXT HXT  sing N N 193 
LYS N   CA   sing N N 194 
LYS N   H    sing N N 195 
LYS N   H2   sing N N 196 
LYS CA  C    sing N N 197 
LYS CA  CB   sing N N 198 
LYS CA  HA   sing N N 199 
LYS C   O    doub N N 200 
LYS C   OXT  sing N N 201 
LYS CB  CG   sing N N 202 
LYS CB  HB2  sing N N 203 
LYS CB  HB3  sing N N 204 
LYS CG  CD   sing N N 205 
LYS CG  HG2  sing N N 206 
LYS CG  HG3  sing N N 207 
LYS CD  CE   sing N N 208 
LYS CD  HD2  sing N N 209 
LYS CD  HD3  sing N N 210 
LYS CE  NZ   sing N N 211 
LYS CE  HE2  sing N N 212 
LYS CE  HE3  sing N N 213 
LYS NZ  HZ1  sing N N 214 
LYS NZ  HZ2  sing N N 215 
LYS NZ  HZ3  sing N N 216 
LYS OXT HXT  sing N N 217 
MET N   CA   sing N N 218 
MET N   H    sing N N 219 
MET N   H2   sing N N 220 
MET CA  C    sing N N 221 
MET CA  CB   sing N N 222 
MET CA  HA   sing N N 223 
MET C   O    doub N N 224 
MET C   OXT  sing N N 225 
MET CB  CG   sing N N 226 
MET CB  HB2  sing N N 227 
MET CB  HB3  sing N N 228 
MET CG  SD   sing N N 229 
MET CG  HG2  sing N N 230 
MET CG  HG3  sing N N 231 
MET SD  CE   sing N N 232 
MET CE  HE1  sing N N 233 
MET CE  HE2  sing N N 234 
MET CE  HE3  sing N N 235 
MET OXT HXT  sing N N 236 
O0V C6  C7   doub Y N 237 
O0V C6  C5   sing Y N 238 
O0V C7  C8   sing Y N 239 
O0V C5  N1   doub Y N 240 
O0V C8  F    sing N N 241 
O0V C8  C4   doub Y N 242 
O0V N1  C4   sing Y N 243 
O0V C4  N    sing N N 244 
O0V N   C1   sing N N 245 
O0V N   C3   sing N N 246 
O0V C1  C2   sing N N 247 
O0V C1  C    sing N N 248 
O0V C2  O    sing N N 249 
O0V C5  H1   sing N N 250 
O0V C6  H2   sing N N 251 
O0V C7  H3   sing N N 252 
O0V C   H4   sing N N 253 
O0V C   H5   sing N N 254 
O0V C   H6   sing N N 255 
O0V O   H7   sing N N 256 
O0V C1  H8   sing N N 257 
O0V C2  H9   sing N N 258 
O0V C2  H10  sing N N 259 
O0V C3  H11  sing N N 260 
O0V C3  H12  sing N N 261 
O0V C3  H13  sing N N 262 
PHE N   CA   sing N N 263 
PHE N   H    sing N N 264 
PHE N   H2   sing N N 265 
PHE CA  C    sing N N 266 
PHE CA  CB   sing N N 267 
PHE CA  HA   sing N N 268 
PHE C   O    doub N N 269 
PHE C   OXT  sing N N 270 
PHE CB  CG   sing N N 271 
PHE CB  HB2  sing N N 272 
PHE CB  HB3  sing N N 273 
PHE CG  CD1  doub Y N 274 
PHE CG  CD2  sing Y N 275 
PHE CD1 CE1  sing Y N 276 
PHE CD1 HD1  sing N N 277 
PHE CD2 CE2  doub Y N 278 
PHE CD2 HD2  sing N N 279 
PHE CE1 CZ   doub Y N 280 
PHE CE1 HE1  sing N N 281 
PHE CE2 CZ   sing Y N 282 
PHE CE2 HE2  sing N N 283 
PHE CZ  HZ   sing N N 284 
PHE OXT HXT  sing N N 285 
PRO N   CA   sing N N 286 
PRO N   CD   sing N N 287 
PRO N   H    sing N N 288 
PRO CA  C    sing N N 289 
PRO CA  CB   sing N N 290 
PRO CA  HA   sing N N 291 
PRO C   O    doub N N 292 
PRO C   OXT  sing N N 293 
PRO CB  CG   sing N N 294 
PRO CB  HB2  sing N N 295 
PRO CB  HB3  sing N N 296 
PRO CG  CD   sing N N 297 
PRO CG  HG2  sing N N 298 
PRO CG  HG3  sing N N 299 
PRO CD  HD2  sing N N 300 
PRO CD  HD3  sing N N 301 
PRO OXT HXT  sing N N 302 
SER N   CA   sing N N 303 
SER N   H    sing N N 304 
SER N   H2   sing N N 305 
SER CA  C    sing N N 306 
SER CA  CB   sing N N 307 
SER CA  HA   sing N N 308 
SER C   O    doub N N 309 
SER C   OXT  sing N N 310 
SER CB  OG   sing N N 311 
SER CB  HB2  sing N N 312 
SER CB  HB3  sing N N 313 
SER OG  HG   sing N N 314 
SER OXT HXT  sing N N 315 
THR N   CA   sing N N 316 
THR N   H    sing N N 317 
THR N   H2   sing N N 318 
THR CA  C    sing N N 319 
THR CA  CB   sing N N 320 
THR CA  HA   sing N N 321 
THR C   O    doub N N 322 
THR C   OXT  sing N N 323 
THR CB  OG1  sing N N 324 
THR CB  CG2  sing N N 325 
THR CB  HB   sing N N 326 
THR OG1 HG1  sing N N 327 
THR CG2 HG21 sing N N 328 
THR CG2 HG22 sing N N 329 
THR CG2 HG23 sing N N 330 
THR OXT HXT  sing N N 331 
TRP N   CA   sing N N 332 
TRP N   H    sing N N 333 
TRP N   H2   sing N N 334 
TRP CA  C    sing N N 335 
TRP CA  CB   sing N N 336 
TRP CA  HA   sing N N 337 
TRP C   O    doub N N 338 
TRP C   OXT  sing N N 339 
TRP CB  CG   sing N N 340 
TRP CB  HB2  sing N N 341 
TRP CB  HB3  sing N N 342 
TRP CG  CD1  doub Y N 343 
TRP CG  CD2  sing Y N 344 
TRP CD1 NE1  sing Y N 345 
TRP CD1 HD1  sing N N 346 
TRP CD2 CE2  doub Y N 347 
TRP CD2 CE3  sing Y N 348 
TRP NE1 CE2  sing Y N 349 
TRP NE1 HE1  sing N N 350 
TRP CE2 CZ2  sing Y N 351 
TRP CE3 CZ3  doub Y N 352 
TRP CE3 HE3  sing N N 353 
TRP CZ2 CH2  doub Y N 354 
TRP CZ2 HZ2  sing N N 355 
TRP CZ3 CH2  sing Y N 356 
TRP CZ3 HZ3  sing N N 357 
TRP CH2 HH2  sing N N 358 
TRP OXT HXT  sing N N 359 
TYR N   CA   sing N N 360 
TYR N   H    sing N N 361 
TYR N   H2   sing N N 362 
TYR CA  C    sing N N 363 
TYR CA  CB   sing N N 364 
TYR CA  HA   sing N N 365 
TYR C   O    doub N N 366 
TYR C   OXT  sing N N 367 
TYR CB  CG   sing N N 368 
TYR CB  HB2  sing N N 369 
TYR CB  HB3  sing N N 370 
TYR CG  CD1  doub Y N 371 
TYR CG  CD2  sing Y N 372 
TYR CD1 CE1  sing Y N 373 
TYR CD1 HD1  sing N N 374 
TYR CD2 CE2  doub Y N 375 
TYR CD2 HD2  sing N N 376 
TYR CE1 CZ   doub Y N 377 
TYR CE1 HE1  sing N N 378 
TYR CE2 CZ   sing Y N 379 
TYR CE2 HE2  sing N N 380 
TYR CZ  OH   sing N N 381 
TYR OH  HH   sing N N 382 
TYR OXT HXT  sing N N 383 
VAL N   CA   sing N N 384 
VAL N   H    sing N N 385 
VAL N   H2   sing N N 386 
VAL CA  C    sing N N 387 
VAL CA  CB   sing N N 388 
VAL CA  HA   sing N N 389 
VAL C   O    doub N N 390 
VAL C   OXT  sing N N 391 
VAL CB  CG1  sing N N 392 
VAL CB  CG2  sing N N 393 
VAL CB  HB   sing N N 394 
VAL CG1 HG11 sing N N 395 
VAL CG1 HG12 sing N N 396 
VAL CG1 HG13 sing N N 397 
VAL CG2 HG21 sing N N 398 
VAL CG2 HG22 sing N N 399 
VAL CG2 HG23 sing N N 400 
VAL OXT HXT  sing N N 401 
# 
_pdbx_deposit_group.group_id            G_1002081 
_pdbx_deposit_group.group_description   
;Human Brachyury G177D variant screened against the DSI-poised Fragment Library by X-ray Crystallography at the XChem facility of Diamond Light Source beamline I04-1
;
_pdbx_deposit_group.group_title         'PanDDA analysis group deposition' 
_pdbx_deposit_group.group_type          'changed state' 
# 
_pdbx_entity_instance_feature.ordinal        1 
_pdbx_entity_instance_feature.comp_id        O0V 
_pdbx_entity_instance_feature.asym_id        ? 
_pdbx_entity_instance_feature.seq_num        ? 
_pdbx_entity_instance_feature.auth_comp_id   O0V 
_pdbx_entity_instance_feature.auth_asym_id   ? 
_pdbx_entity_instance_feature.auth_seq_num   ? 
_pdbx_entity_instance_feature.feature_type   'SUBJECT OF INVESTIGATION' 
_pdbx_entity_instance_feature.details        ? 
# 
_atom_sites.entry_id                    5QSE 
_atom_sites.fract_transf_matrix[1][1]   -0.00145566 
_atom_sites.fract_transf_matrix[1][2]   -0.00951032 
_atom_sites.fract_transf_matrix[1][3]   -0.00640963 
_atom_sites.fract_transf_matrix[2][1]   0.00557948 
_atom_sites.fract_transf_matrix[2][2]   -0.00109636 
_atom_sites.fract_transf_matrix[2][3]   -0.01006484 
_atom_sites.fract_transf_matrix[3][1]   0.00774824 
_atom_sites.fract_transf_matrix[3][2]   -0.00440414 
_atom_sites.fract_transf_matrix[3][3]   0.00477500 
_atom_sites.fract_transf_vector[1]      -0.176854 
_atom_sites.fract_transf_vector[2]      -0.362181 
_atom_sites.fract_transf_vector[3]      -0.017740 
# 
loop_
_atom_type.symbol 
C 
F 
N 
O 
S 
# 
loop_
_atom_site.group_PDB 
_atom_site.id 
_atom_site.type_symbol 
_atom_site.label_atom_id 
_atom_site.label_alt_id 
_atom_site.label_comp_id 
_atom_site.label_asym_id 
_atom_site.label_entity_id 
_atom_site.label_seq_id 
_atom_site.pdbx_PDB_ins_code 
_atom_site.Cartn_x 
_atom_site.Cartn_y 
_atom_site.Cartn_z 
_atom_site.occupancy 
_atom_site.B_iso_or_equiv 
_atom_site.pdbx_formal_charge 
_atom_site.auth_seq_id 
_atom_site.auth_comp_id 
_atom_site.auth_asym_id 
_atom_site.auth_atom_id 
_atom_site.pdbx_PDB_model_num 
ATOM   1    N N   . GLU A 1 2   ? 14.060  -3.463  -19.657 1.00 47.50  ? 41  GLU A N   1 
ATOM   2    C CA  . GLU A 1 2   ? 13.682  -4.282  -18.484 1.00 46.67  ? 41  GLU A CA  1 
ATOM   3    C C   . GLU A 1 2   ? 12.681  -3.504  -17.624 1.00 41.12  ? 41  GLU A C   1 
ATOM   4    O O   . GLU A 1 2   ? 12.982  -2.341  -17.319 1.00 39.62  ? 41  GLU A O   1 
ATOM   5    C CB  . GLU A 1 2   ? 14.897  -4.614  -17.623 1.00 55.28  ? 41  GLU A CB  1 
ATOM   6    C CG  . GLU A 1 2   ? 14.725  -5.903  -16.843 1.00 61.03  ? 41  GLU A CG  1 
ATOM   7    C CD  . GLU A 1 2   ? 14.915  -7.134  -17.707 1.00 70.65  ? 41  GLU A CD  1 
ATOM   8    O OE1 . GLU A 1 2   ? 14.309  -8.180  -17.386 1.00 80.49  ? 41  GLU A OE1 1 
ATOM   9    O OE2 . GLU A 1 2   ? 15.670  -7.036  -18.707 1.00 74.86  ? 41  GLU A OE2 1 
ATOM   10   N N   . LEU A 1 3   ? 11.574  -4.140  -17.221 1.00 34.20  ? 42  LEU A N   1 
ATOM   11   C CA  . LEU A 1 3   ? 10.530  -3.490  -16.385 1.00 31.95  ? 42  LEU A CA  1 
ATOM   12   C C   . LEU A 1 3   ? 11.135  -3.134  -15.025 1.00 30.20  ? 42  LEU A C   1 
ATOM   13   O O   . LEU A 1 3   ? 11.569  -4.047  -14.310 1.00 33.67  ? 42  LEU A O   1 
ATOM   14   C CB  . LEU A 1 3   ? 9.304   -4.384  -16.194 1.00 27.96  ? 42  LEU A CB  1 
ATOM   15   C CG  . LEU A 1 3   ? 8.304   -3.831  -15.173 1.00 29.43  ? 42  LEU A CG  1 
ATOM   16   C CD1 . LEU A 1 3   ? 7.826   -2.443  -15.567 1.00 29.34  ? 42  LEU A CD1 1 
ATOM   17   C CD2 . LEU A 1 3   ? 7.127   -4.751  -14.980 1.00 29.11  ? 42  LEU A CD2 1 
ATOM   18   N N   . ARG A 1 4   ? 11.116  -1.861  -14.666 1.00 31.42  ? 43  ARG A N   1 
ATOM   19   C CA  . ARG A 1 4   ? 11.569  -1.386  -13.333 1.00 33.50  ? 43  ARG A CA  1 
ATOM   20   C C   . ARG A 1 4   ? 10.445  -0.555  -12.715 1.00 28.05  ? 43  ARG A C   1 
ATOM   21   O O   . ARG A 1 4   ? 9.929   0.335   -13.391 1.00 26.33  ? 43  ARG A O   1 
ATOM   22   C CB  . ARG A 1 4   ? 12.868  -0.585  -13.459 1.00 37.51  ? 43  ARG A CB  1 
ATOM   23   C CG  . ARG A 1 4   ? 14.066  -1.412  -13.906 1.00 43.81  ? 43  ARG A CG  1 
ATOM   24   C CD  . ARG A 1 4   ? 15.148  -0.575  -14.563 1.00 52.59  ? 43  ARG A CD  1 
ATOM   25   N NE  . ARG A 1 4   ? 15.616  0.521   -13.718 1.00 57.08  ? 43  ARG A NE  1 
ATOM   26   C CZ  . ARG A 1 4   ? 16.798  0.579   -13.105 1.00 60.91  ? 43  ARG A CZ  1 
ATOM   27   N NH1 . ARG A 1 4   ? 17.102  1.635   -12.369 1.00 59.74  ? 43  ARG A NH1 1 
ATOM   28   N NH2 . ARG A 1 4   ? 17.675  -0.407  -13.219 1.00 65.08  ? 43  ARG A NH2 1 
ATOM   29   N N   . VAL A 1 5   ? 10.077  -0.880  -11.477 1.00 27.37  ? 44  VAL A N   1 
ATOM   30   C CA  . VAL A 1 5   ? 9.116   -0.113  -10.648 1.00 23.06  ? 44  VAL A CA  1 
ATOM   31   C C   . VAL A 1 5   ? 9.846   0.321   -9.379  1.00 25.75  ? 44  VAL A C   1 
ATOM   32   O O   . VAL A 1 5   ? 10.082  -0.545  -8.510  1.00 26.76  ? 44  VAL A O   1 
ATOM   33   C CB  . VAL A 1 5   ? 7.873   -0.952  -10.326 1.00 22.54  ? 44  VAL A CB  1 
ATOM   34   C CG1 . VAL A 1 5   ? 6.818   -0.111  -9.629  1.00 21.86  ? 44  VAL A CG1 1 
ATOM   35   C CG2 . VAL A 1 5   ? 7.289   -1.594  -11.580 1.00 22.31  ? 44  VAL A CG2 1 
ATOM   36   N N   . GLY A 1 6   ? 10.167  1.611   -9.284  1.00 25.38  ? 45  GLY A N   1 
ATOM   37   C CA  . GLY A 1 6   ? 10.916  2.204   -8.158  1.00 24.88  ? 45  GLY A CA  1 
ATOM   38   C C   . GLY A 1 6   ? 10.012  3.022   -7.249  1.00 23.77  ? 45  GLY A C   1 
ATOM   39   O O   . GLY A 1 6   ? 9.183   3.803   -7.752  1.00 23.66  ? 45  GLY A O   1 
ATOM   40   N N   . LEU A 1 7   ? 10.172  2.841   -5.942  1.00 24.97  ? 46  LEU A N   1 
ATOM   41   C CA  . LEU A 1 7   ? 9.507   3.635   -4.878  1.00 24.46  ? 46  LEU A CA  1 
ATOM   42   C C   . LEU A 1 7   ? 10.006  5.077   -4.925  1.00 25.43  ? 46  LEU A C   1 
ATOM   43   O O   . LEU A 1 7   ? 11.226  5.286   -4.836  1.00 23.94  ? 46  LEU A O   1 
ATOM   44   C CB  . LEU A 1 7   ? 9.807   3.013   -3.515  1.00 22.48  ? 46  LEU A CB  1 
ATOM   45   C CG  . LEU A 1 7   ? 9.112   3.672   -2.324  1.00 22.16  ? 46  LEU A CG  1 
ATOM   46   C CD1 . LEU A 1 7   ? 7.602   3.548   -2.409  1.00 22.27  ? 46  LEU A CD1 1 
ATOM   47   C CD2 . LEU A 1 7   ? 9.620   3.085   -1.012  1.00 22.42  ? 46  LEU A CD2 1 
ATOM   48   N N   . GLU A 1 8   ? 9.066   6.014   -5.042  1.00 26.92  ? 47  GLU A N   1 
ATOM   49   C CA  . GLU A 1 8   ? 9.298   7.466   -4.876  1.00 28.28  ? 47  GLU A CA  1 
ATOM   50   C C   . GLU A 1 8   ? 9.352   7.787   -3.380  1.00 28.87  ? 47  GLU A C   1 
ATOM   51   O O   . GLU A 1 8   ? 8.592   7.144   -2.576  1.00 28.72  ? 47  GLU A O   1 
ATOM   52   C CB  . GLU A 1 8   ? 8.194   8.276   -5.561  1.00 30.51  ? 47  GLU A CB  1 
ATOM   53   C CG  . GLU A 1 8   ? 8.220   8.155   -7.075  1.00 30.96  ? 47  GLU A CG  1 
ATOM   54   C CD  . GLU A 1 8   ? 9.274   9.000   -7.769  1.00 33.80  ? 47  GLU A CD  1 
ATOM   55   O OE1 . GLU A 1 8   ? 9.808   8.556   -8.830  1.00 31.42  ? 47  GLU A OE1 1 
ATOM   56   O OE2 . GLU A 1 8   ? 9.531   10.114  -7.276  1.00 33.39  ? 47  GLU A OE2 1 
ATOM   57   N N   . GLU A 1 9   ? 10.240  8.717   -3.025  1.00 27.42  ? 48  GLU A N   1 
ATOM   58   C CA  . GLU A 1 9   ? 10.344  9.287   -1.663  1.00 28.89  ? 48  GLU A CA  1 
ATOM   59   C C   . GLU A 1 9   ? 10.678  8.143   -0.706  1.00 25.01  ? 48  GLU A C   1 
ATOM   60   O O   . GLU A 1 9   ? 10.110  8.088   0.400   1.00 23.83  ? 48  GLU A O   1 
ATOM   61   C CB  . GLU A 1 9   ? 9.044   10.034  -1.333  1.00 30.98  ? 48  GLU A CB  1 
ATOM   62   C CG  . GLU A 1 9   ? 8.784   11.170  -2.293  1.00 35.61  ? 48  GLU A CG  1 
ATOM   63   C CD  . GLU A 1 9   ? 7.365   11.691  -2.276  1.00 44.25  ? 48  GLU A CD  1 
ATOM   64   O OE1 . GLU A 1 9   ? 6.755   11.688  -1.186  1.00 51.21  ? 48  GLU A OE1 1 
ATOM   65   O OE2 . GLU A 1 9   ? 6.861   12.074  -3.356  1.00 51.19  ? 48  GLU A OE2 1 
ATOM   66   N N   . SER A 1 10  ? 11.579  7.258   -1.121  1.00 25.52  ? 49  SER A N   1 
ATOM   67   C CA  . SER A 1 10  ? 12.026  6.106   -0.303  1.00 27.71  ? 49  SER A CA  1 
ATOM   68   C C   . SER A 1 10  ? 12.614  6.613   1.019   1.00 28.66  ? 49  SER A C   1 
ATOM   69   O O   . SER A 1 10  ? 12.333  5.993   2.053   1.00 26.81  ? 49  SER A O   1 
ATOM   70   C CB  . SER A 1 10  ? 13.002  5.271   -1.050  1.00 27.69  ? 49  SER A CB  1 
ATOM   71   O OG  . SER A 1 10  ? 13.949  6.113   -1.662  1.00 30.19  ? 49  SER A OG  1 
ATOM   72   N N   . GLU A 1 11  ? 13.347  7.727   0.995   1.00 27.28  ? 50  GLU A N   1 
ATOM   73   C CA  . GLU A 1 11  ? 13.986  8.298   2.212   1.00 29.29  ? 50  GLU A CA  1 
ATOM   74   C C   . GLU A 1 11  ? 12.885  8.675   3.216   1.00 24.73  ? 50  GLU A C   1 
ATOM   75   O O   . GLU A 1 11  ? 13.075  8.443   4.416   1.00 25.31  ? 50  GLU A O   1 
ATOM   76   C CB  . GLU A 1 11  ? 14.859  9.494   1.833   1.00 32.79  ? 50  GLU A CB  1 
ATOM   77   C CG  . GLU A 1 11  ? 15.818  9.916   2.926   1.00 43.05  ? 50  GLU A CG  1 
ATOM   78   C CD  . GLU A 1 11  ? 16.646  11.152  2.587   1.00 50.73  ? 50  GLU A CD  1 
ATOM   79   O OE1 . GLU A 1 11  ? 17.419  11.106  1.581   1.00 47.03  ? 50  GLU A OE1 1 
ATOM   80   O OE2 . GLU A 1 11  ? 16.491  12.172  3.312   1.00 56.42  ? 50  GLU A OE2 1 
ATOM   81   N N   . LEU A 1 12  ? 11.765  9.204   2.735   1.00 24.14  ? 51  LEU A N   1 
ATOM   82   C CA  . LEU A 1 12  ? 10.622  9.621   3.585   1.00 25.54  ? 51  LEU A CA  1 
ATOM   83   C C   . LEU A 1 12  ? 9.989   8.381   4.238   1.00 27.02  ? 51  LEU A C   1 
ATOM   84   O O   . LEU A 1 12  ? 9.814   8.369   5.491   1.00 28.07  ? 51  LEU A O   1 
ATOM   85   C CB  . LEU A 1 12  ? 9.602   10.383  2.743   1.00 27.01  ? 51  LEU A CB  1 
ATOM   86   C CG  . LEU A 1 12  ? 8.309   10.721  3.487   1.00 28.79  ? 51  LEU A CG  1 
ATOM   87   C CD1 . LEU A 1 12  ? 8.601   11.510  4.769   1.00 30.44  ? 51  LEU A CD1 1 
ATOM   88   C CD2 . LEU A 1 12  ? 7.314   11.433  2.580   1.00 28.96  ? 51  LEU A CD2 1 
ATOM   89   N N   . TRP A 1 13  ? 9.706   7.356   3.434   1.00 25.44  ? 52  TRP A N   1 
ATOM   90   C CA  . TRP A 1 13  ? 9.134   6.070   3.908   1.00 25.55  ? 52  TRP A CA  1 
ATOM   91   C C   . TRP A 1 13  ? 10.029  5.501   5.017   1.00 26.14  ? 52  TRP A C   1 
ATOM   92   O O   . TRP A 1 13  ? 9.479   5.076   6.045   1.00 22.47  ? 52  TRP A O   1 
ATOM   93   C CB  . TRP A 1 13  ? 8.968   5.087   2.740   1.00 26.61  ? 52  TRP A CB  1 
ATOM   94   C CG  . TRP A 1 13  ? 7.708   5.301   1.966   1.00 24.92  ? 52  TRP A CG  1 
ATOM   95   C CD1 . TRP A 1 13  ? 7.576   5.887   0.736   1.00 26.10  ? 52  TRP A CD1 1 
ATOM   96   C CD2 . TRP A 1 13  ? 6.377   4.969   2.397   1.00 26.90  ? 52  TRP A CD2 1 
ATOM   97   N NE1 . TRP A 1 13  ? 6.256   5.938   0.368   1.00 26.80  ? 52  TRP A NE1 1 
ATOM   98   C CE2 . TRP A 1 13  ? 5.495   5.382   1.370   1.00 26.75  ? 52  TRP A CE2 1 
ATOM   99   C CE3 . TRP A 1 13  ? 5.844   4.367   3.543   1.00 25.65  ? 52  TRP A CE3 1 
ATOM   100  C CZ2 . TRP A 1 13  ? 4.120   5.185   1.454   1.00 26.26  ? 52  TRP A CZ2 1 
ATOM   101  C CZ3 . TRP A 1 13  ? 4.486   4.155   3.607   1.00 26.20  ? 52  TRP A CZ3 1 
ATOM   102  C CH2 . TRP A 1 13  ? 3.634   4.577   2.589   1.00 25.44  ? 52  TRP A CH2 1 
ATOM   103  N N   . LEU A 1 14  ? 11.352  5.517   4.822   1.00 26.90  ? 53  LEU A N   1 
ATOM   104  C CA  . LEU A 1 14  ? 12.317  4.919   5.782   1.00 28.75  ? 53  LEU A CA  1 
ATOM   105  C C   . LEU A 1 14  ? 12.315  5.624   7.152   1.00 28.09  ? 53  LEU A C   1 
ATOM   106  O O   . LEU A 1 14  ? 12.543  4.952   8.156   1.00 27.82  ? 53  LEU A O   1 
ATOM   107  C CB  . LEU A 1 14  ? 13.717  4.881   5.168   1.00 31.88  ? 53  LEU A CB  1 
ATOM   108  C CG  . LEU A 1 14  ? 14.026  3.649   4.305   1.00 36.25  ? 53  LEU A CG  1 
ATOM   109  C CD1 . LEU A 1 14  ? 13.346  2.389   4.834   1.00 35.75  ? 53  LEU A CD1 1 
ATOM   110  C CD2 . LEU A 1 14  ? 13.627  3.869   2.861   1.00 38.30  ? 53  LEU A CD2 1 
ATOM   111  N N   . ARG A 1 15  ? 12.052  6.933   7.180   0.46 28.30  ? 54  ARG A N   1 
ATOM   112  C CA  . ARG A 1 15  ? 11.956  7.735   8.432   0.46 28.86  ? 54  ARG A CA  1 
ATOM   113  C C   . ARG A 1 15  ? 10.754  7.244   9.248   0.46 28.14  ? 54  ARG A C   1 
ATOM   114  O O   . ARG A 1 15  ? 10.848  7.247   10.485  0.46 28.12  ? 54  ARG A O   1 
ATOM   115  C CB  . ARG A 1 15  ? 11.851  9.231   8.118   0.46 30.09  ? 54  ARG A CB  1 
ATOM   116  C CG  . ARG A 1 15  ? 13.098  9.809   7.463   0.46 31.50  ? 54  ARG A CG  1 
ATOM   117  C CD  . ARG A 1 15  ? 14.116  10.382  8.435   0.46 33.15  ? 54  ARG A CD  1 
ATOM   118  N NE  . ARG A 1 15  ? 14.080  11.842  8.434   0.46 34.90  ? 54  ARG A NE  1 
ATOM   119  C CZ  . ARG A 1 15  ? 13.741  12.622  9.462   0.46 36.09  ? 54  ARG A CZ  1 
ATOM   120  N NH1 . ARG A 1 15  ? 13.399  12.105  10.633  0.46 35.89  ? 54  ARG A NH1 1 
ATOM   121  N NH2 . ARG A 1 15  ? 13.746  13.935  9.310   0.46 36.61  ? 54  ARG A NH2 1 
ATOM   122  N N   . PHE A 1 16  ? 9.672   6.842   8.575   1.00 28.31  ? 55  PHE A N   1 
ATOM   123  C CA  . PHE A 1 16  ? 8.473   6.247   9.227   1.00 27.78  ? 55  PHE A CA  1 
ATOM   124  C C   . PHE A 1 16  ? 8.790   4.805   9.585   1.00 26.86  ? 55  PHE A C   1 
ATOM   125  O O   . PHE A 1 16  ? 8.486   4.400   10.732  1.00 25.80  ? 55  PHE A O   1 
ATOM   126  C CB  . PHE A 1 16  ? 7.238   6.371   8.345   1.00 28.26  ? 55  PHE A CB  1 
ATOM   127  C CG  . PHE A 1 16  ? 6.690   7.768   8.302   1.00 29.51  ? 55  PHE A CG  1 
ATOM   128  C CD1 . PHE A 1 16  ? 5.755   8.187   9.235   1.00 30.84  ? 55  PHE A CD1 1 
ATOM   129  C CD2 . PHE A 1 16  ? 7.147   8.678   7.364   1.00 29.77  ? 55  PHE A CD2 1 
ATOM   130  C CE1 . PHE A 1 16  ? 5.269   9.487   9.210   1.00 32.37  ? 55  PHE A CE1 1 
ATOM   131  C CE2 . PHE A 1 16  ? 6.646   9.970   7.330   1.00 32.44  ? 55  PHE A CE2 1 
ATOM   132  C CZ  . PHE A 1 16  ? 5.717   10.380  8.260   1.00 32.99  ? 55  PHE A CZ  1 
ATOM   133  N N   . LYS A 1 17  ? 9.429   4.066   8.671   1.00 25.53  ? 56  LYS A N   1 
ATOM   134  C CA  . LYS A 1 17  ? 9.658   2.624   8.916   1.00 27.95  ? 56  LYS A CA  1 
ATOM   135  C C   . LYS A 1 17  ? 10.577  2.457   10.131  1.00 27.17  ? 56  LYS A C   1 
ATOM   136  O O   . LYS A 1 17  ? 10.364  1.507   10.915  1.00 27.80  ? 56  LYS A O   1 
ATOM   137  C CB  . LYS A 1 17  ? 10.237  1.893   7.702   1.00 28.79  ? 56  LYS A CB  1 
ATOM   138  C CG  . LYS A 1 17  ? 10.369  0.397   7.937   1.00 29.86  ? 56  LYS A CG  1 
ATOM   139  C CD  . LYS A 1 17  ? 10.646  -0.427  6.707   1.00 32.22  ? 56  LYS A CD  1 
ATOM   140  C CE  . LYS A 1 17  ? 10.935  -1.866  7.077   1.00 32.39  ? 56  LYS A CE  1 
ATOM   141  N NZ  . LYS A 1 17  ? 10.941  -2.730  5.882   1.00 34.21  ? 56  LYS A NZ  1 
ATOM   142  N N   . GLU A 1 18  ? 11.549  3.341   10.333  1.00 29.45  ? 57  GLU A N   1 
ATOM   143  C CA  . GLU A 1 18  ? 12.493  3.134   11.466  1.00 34.52  ? 57  GLU A CA  1 
ATOM   144  C C   . GLU A 1 18  ? 11.775  3.403   12.799  1.00 31.73  ? 57  GLU A C   1 
ATOM   145  O O   . GLU A 1 18  ? 12.296  2.970   13.819  1.00 35.35  ? 57  GLU A O   1 
ATOM   146  C CB  . GLU A 1 18  ? 13.785  3.928   11.272  1.00 39.30  ? 57  GLU A CB  1 
ATOM   147  C CG  . GLU A 1 18  ? 13.801  5.259   11.972  1.00 46.95  ? 57  GLU A CG  1 
ATOM   148  C CD  . GLU A 1 18  ? 15.002  6.100   11.584  1.00 57.85  ? 57  GLU A CD  1 
ATOM   149  O OE1 . GLU A 1 18  ? 16.134  5.567   11.648  1.00 66.77  ? 57  GLU A OE1 1 
ATOM   150  O OE2 . GLU A 1 18  ? 14.800  7.275   11.186  1.00 65.35  ? 57  GLU A OE2 1 
ATOM   151  N N   . LEU A 1 19  ? 10.608  4.048   12.807  1.00 28.78  ? 58  LEU A N   1 
ATOM   152  C CA  . LEU A 1 19  ? 9.810   4.245   14.051  1.00 31.29  ? 58  LEU A CA  1 
ATOM   153  C C   . LEU A 1 19  ? 8.830   3.078   14.220  1.00 29.75  ? 58  LEU A C   1 
ATOM   154  O O   . LEU A 1 19  ? 8.217   2.966   15.302  1.00 28.15  ? 58  LEU A O   1 
ATOM   155  C CB  . LEU A 1 19  ? 9.027   5.559   13.968  1.00 32.22  ? 58  LEU A CB  1 
ATOM   156  C CG  . LEU A 1 19  ? 9.839   6.849   13.903  1.00 35.30  ? 58  LEU A CG  1 
ATOM   157  C CD1 . LEU A 1 19  ? 8.903   8.044   13.989  1.00 34.21  ? 58  LEU A CD1 1 
ATOM   158  C CD2 . LEU A 1 19  ? 10.874  6.903   15.005  1.00 36.57  ? 58  LEU A CD2 1 
ATOM   159  N N   . THR A 1 20  ? 8.681   2.276   13.161  1.00 26.87  ? 59  THR A N   1 
ATOM   160  C CA  . THR A 1 20  ? 7.530   1.403   12.865  1.00 25.60  ? 59  THR A CA  1 
ATOM   161  C C   . THR A 1 20  ? 6.402   2.314   12.395  1.00 25.63  ? 59  THR A C   1 
ATOM   162  O O   . THR A 1 20  ? 5.885   3.114   13.210  1.00 24.14  ? 59  THR A O   1 
ATOM   163  C CB  . THR A 1 20  ? 7.137   0.511   14.050  1.00 27.27  ? 59  THR A CB  1 
ATOM   164  O OG1 . THR A 1 20  ? 8.274   -0.276  14.411  1.00 26.78  ? 59  THR A OG1 1 
ATOM   165  C CG2 . THR A 1 20  ? 5.959   -0.382  13.727  1.00 25.95  ? 59  THR A CG2 1 
ATOM   166  N N   . ASN A 1 21  ? 6.041   2.188   11.120  1.00 25.44  ? 60  ASN A N   1 
ATOM   167  C CA  . ASN A 1 21  ? 4.996   3.012   10.463  1.00 25.34  ? 60  ASN A CA  1 
ATOM   168  C C   . ASN A 1 21  ? 3.632   2.529   10.956  1.00 25.31  ? 60  ASN A C   1 
ATOM   169  O O   . ASN A 1 21  ? 3.487   1.320   11.230  1.00 24.74  ? 60  ASN A O   1 
ATOM   170  C CB  . ASN A 1 21  ? 5.110   2.949   8.932   1.00 26.55  ? 60  ASN A CB  1 
ATOM   171  C CG  . ASN A 1 21  ? 4.555   4.159   8.208   1.00 26.66  ? 60  ASN A CG  1 
ATOM   172  O OD1 . ASN A 1 21  ? 4.003   5.072   8.814   1.00 24.63  ? 60  ASN A OD1 1 
ATOM   173  N ND2 . ASN A 1 21  ? 4.722   4.182   6.894   1.00 27.75  ? 60  ASN A ND2 1 
ATOM   174  N N   . GLU A 1 22  ? 2.685   3.457   11.068  1.00 24.70  ? 61  GLU A N   1 
ATOM   175  C CA  . GLU A 1 22  ? 1.283   3.213   11.479  1.00 25.38  ? 61  GLU A CA  1 
ATOM   176  C C   . GLU A 1 22  ? 0.405   3.953   10.473  1.00 25.17  ? 61  GLU A C   1 
ATOM   177  O O   . GLU A 1 22  ? 0.787   5.070   10.096  1.00 29.67  ? 61  GLU A O   1 
ATOM   178  C CB  . GLU A 1 22  ? 1.010   3.721   12.903  1.00 24.00  ? 61  GLU A CB  1 
ATOM   179  C CG  . GLU A 1 22  ? 1.978   3.212   13.966  1.00 23.75  ? 61  GLU A CG  1 
ATOM   180  C CD  . GLU A 1 22  ? 1.719   3.777   15.362  1.00 24.23  ? 61  GLU A CD  1 
ATOM   181  O OE1 . GLU A 1 22  ? 2.678   3.919   16.138  1.00 25.10  ? 61  GLU A OE1 1 
ATOM   182  O OE2 . GLU A 1 22  ? 0.560   4.074   15.679  1.00 24.51  ? 61  GLU A OE2 1 
ATOM   183  N N   . MET A 1 23  ? -0.679  3.344   10.009  1.00 25.55  ? 62  MET A N   1 
ATOM   184  C CA  . MET A 1 23  ? -1.714  4.026   9.202   1.00 27.29  ? 62  MET A CA  1 
ATOM   185  C C   . MET A 1 23  ? -3.045  3.878   9.931   1.00 27.84  ? 62  MET A C   1 
ATOM   186  O O   . MET A 1 23  ? -3.327  2.778   10.421  1.00 27.45  ? 62  MET A O   1 
ATOM   187  C CB  . MET A 1 23  ? -1.830  3.418   7.803   1.00 27.75  ? 62  MET A CB  1 
ATOM   188  C CG  . MET A 1 23  ? -0.551  3.541   6.999   1.00 29.64  ? 62  MET A CG  1 
ATOM   189  S SD  . MET A 1 23  ? -0.283  5.199   6.308   1.00 26.66  ? 62  MET A SD  1 
ATOM   190  C CE  . MET A 1 23  ? 1.271   4.918   5.467   1.00 27.90  ? 62  MET A CE  1 
ATOM   191  N N   . ILE A 1 24  ? -3.833  4.950   9.964   1.00 29.26  ? 63  ILE A N   1 
ATOM   192  C CA  . ILE A 1 24  ? -5.172  4.999   10.620  1.00 29.66  ? 63  ILE A CA  1 
ATOM   193  C C   . ILE A 1 24  ? -6.182  4.313   9.708   1.00 28.99  ? 63  ILE A C   1 
ATOM   194  O O   . ILE A 1 24  ? -6.194  4.644   8.516   1.00 30.13  ? 63  ILE A O   1 
ATOM   195  C CB  . ILE A 1 24  ? -5.628  6.439   10.901  1.00 32.65  ? 63  ILE A CB  1 
ATOM   196  C CG1 . ILE A 1 24  ? -4.611  7.249   11.707  1.00 35.22  ? 63  ILE A CG1 1 
ATOM   197  C CG2 . ILE A 1 24  ? -7.003  6.422   11.557  1.00 33.83  ? 63  ILE A CG2 1 
ATOM   198  C CD1 . ILE A 1 24  ? -4.564  6.893   13.160  1.00 37.57  ? 63  ILE A CD1 1 
ATOM   199  N N   . VAL A 1 25  ? -7.033  3.458   10.283  1.00 28.98  ? 64  VAL A N   1 
ATOM   200  C CA  . VAL A 1 25  ? -8.232  2.861   9.629   1.00 29.90  ? 64  VAL A CA  1 
ATOM   201  C C   . VAL A 1 25  ? -9.473  3.391   10.361  1.00 31.80  ? 64  VAL A C   1 
ATOM   202  O O   . VAL A 1 25  ? -9.423  3.535   11.600  1.00 30.38  ? 64  VAL A O   1 
ATOM   203  C CB  . VAL A 1 25  ? -8.170  1.324   9.621   1.00 30.64  ? 64  VAL A CB  1 
ATOM   204  C CG1 . VAL A 1 25  ? -7.130  0.809   8.631   1.00 31.81  ? 64  VAL A CG1 1 
ATOM   205  C CG2 . VAL A 1 25  ? -7.932  0.748   11.010  1.00 29.83  ? 64  VAL A CG2 1 
ATOM   206  N N   . THR A 1 26  ? -10.524 3.721   9.610   1.00 33.39  ? 65  THR A N   1 
ATOM   207  C CA  . THR A 1 26  ? -11.789 4.304   10.121  1.00 32.96  ? 65  THR A CA  1 
ATOM   208  C C   . THR A 1 26  ? -12.971 3.624   9.436   1.00 36.83  ? 65  THR A C   1 
ATOM   209  O O   . THR A 1 26  ? -12.770 2.929   8.398   1.00 34.95  ? 65  THR A O   1 
ATOM   210  C CB  . THR A 1 26  ? -11.854 5.826   9.927   1.00 31.97  ? 65  THR A CB  1 
ATOM   211  O OG1 . THR A 1 26  ? -11.760 6.141   8.535   1.00 30.87  ? 65  THR A OG1 1 
ATOM   212  C CG2 . THR A 1 26  ? -10.773 6.553   10.692  1.00 30.06  ? 65  THR A CG2 1 
ATOM   213  N N   . LYS A 1 27  ? -14.154 3.803   10.024  1.00 37.71  ? 66  LYS A N   1 
ATOM   214  C CA  . LYS A 1 27  ? -15.452 3.384   9.447   1.00 42.50  ? 66  LYS A CA  1 
ATOM   215  C C   . LYS A 1 27  ? -15.496 3.827   7.979   1.00 38.65  ? 66  LYS A C   1 
ATOM   216  O O   . LYS A 1 27  ? -15.856 3.005   7.109   1.00 37.90  ? 66  LYS A O   1 
ATOM   217  C CB  . LYS A 1 27  ? -16.589 4.021   10.254  1.00 46.61  ? 66  LYS A CB  1 
ATOM   218  C CG  . LYS A 1 27  ? -17.997 3.604   9.859   1.00 57.80  ? 66  LYS A CG  1 
ATOM   219  C CD  . LYS A 1 27  ? -19.071 4.246   10.723  1.00 64.63  ? 66  LYS A CD  1 
ATOM   220  C CE  . LYS A 1 27  ? -20.313 3.391   10.869  1.00 75.04  ? 66  LYS A CE  1 
ATOM   221  N NZ  . LYS A 1 27  ? -21.064 3.274   9.595   1.00 80.84  ? 66  LYS A NZ  1 
ATOM   222  N N   . ASN A 1 28  ? -15.133 5.075   7.715   1.00 36.34  ? 67  ASN A N   1 
ATOM   223  C CA  . ASN A 1 28  ? -15.403 5.724   6.406   1.00 41.97  ? 67  ASN A CA  1 
ATOM   224  C C   . ASN A 1 28  ? -14.160 5.701   5.509   1.00 40.81  ? 67  ASN A C   1 
ATOM   225  O O   . ASN A 1 28  ? -14.294 6.055   4.323   1.00 45.13  ? 67  ASN A O   1 
ATOM   226  C CB  . ASN A 1 28  ? -15.982 7.113   6.637   1.00 45.03  ? 67  ASN A CB  1 
ATOM   227  C CG  . ASN A 1 28  ? -17.326 7.018   7.328   1.00 45.95  ? 67  ASN A CG  1 
ATOM   228  O OD1 . ASN A 1 28  ? -18.006 6.000   7.222   1.00 47.30  ? 67  ASN A OD1 1 
ATOM   229  N ND2 . ASN A 1 28  ? -17.694 8.052   8.065   1.00 47.65  ? 67  ASN A ND2 1 
ATOM   230  N N   . GLY A 1 29  ? -13.022 5.234   6.029   1.00 38.68  ? 68  GLY A N   1 
ATOM   231  C CA  . GLY A 1 29  ? -11.777 5.067   5.257   1.00 38.29  ? 68  GLY A CA  1 
ATOM   232  C C   . GLY A 1 29  ? -10.912 6.309   5.347   1.00 36.92  ? 68  GLY A C   1 
ATOM   233  O O   . GLY A 1 29  ? -11.464 7.420   5.254   1.00 32.13  ? 68  GLY A O   1 
ATOM   234  N N   . ARG A 1 30  ? -9.610  6.117   5.563   1.00 33.89  ? 69  ARG A N   1 
ATOM   235  C CA  . ARG A 1 30  ? -8.616  7.203   5.700   1.00 33.83  ? 69  ARG A CA  1 
ATOM   236  C C   . ARG A 1 30  ? -7.544  7.048   4.609   1.00 35.94  ? 69  ARG A C   1 
ATOM   237  O O   . ARG A 1 30  ? -6.988  5.924   4.428   1.00 30.28  ? 69  ARG A O   1 
ATOM   238  C CB  . ARG A 1 30  ? -8.043  7.186   7.117   1.00 35.10  ? 69  ARG A CB  1 
ATOM   239  C CG  . ARG A 1 30  ? -7.202  8.404   7.460   1.00 39.23  ? 69  ARG A CG  1 
ATOM   240  C CD  . ARG A 1 30  ? -8.002  9.690   7.586   1.00 43.83  ? 69  ARG A CD  1 
ATOM   241  N NE  . ARG A 1 30  ? -8.956  9.705   8.696   1.00 43.40  ? 69  ARG A NE  1 
ATOM   242  C CZ  . ARG A 1 30  ? -8.646  9.954   9.971   1.00 44.89  ? 69  ARG A CZ  1 
ATOM   243  N NH1 . ARG A 1 30  ? -9.600  9.959   10.888  1.00 44.68  ? 69  ARG A NH1 1 
ATOM   244  N NH2 . ARG A 1 30  ? -7.389  10.168  10.338  1.00 46.30  ? 69  ARG A NH2 1 
ATOM   245  N N   . ARG A 1 31  ? -7.268  8.138   3.896   1.00 33.41  ? 70  ARG A N   1 
ATOM   246  C CA  . ARG A 1 31  ? -6.136  8.213   2.940   1.00 34.37  ? 70  ARG A CA  1 
ATOM   247  C C   . ARG A 1 31  ? -4.831  8.020   3.711   1.00 35.10  ? 70  ARG A C   1 
ATOM   248  O O   . ARG A 1 31  ? -4.788  8.314   4.925   1.00 34.43  ? 70  ARG A O   1 
ATOM   249  C CB  . ARG A 1 31  ? -6.177  9.526   2.153   1.00 36.71  ? 70  ARG A CB  1 
ATOM   250  C CG  . ARG A 1 31  ? -7.164  9.509   0.993   1.00 41.10  ? 70  ARG A CG  1 
ATOM   251  C CD  . ARG A 1 31  ? -7.182  10.816  0.210   1.00 45.19  ? 70  ARG A CD  1 
ATOM   252  N NE  . ARG A 1 31  ? -7.466  11.932  1.089   1.00 48.41  ? 70  ARG A NE  1 
ATOM   253  C CZ  . ARG A 1 31  ? -8.685  12.282  1.492   1.00 53.58  ? 70  ARG A CZ  1 
ATOM   254  N NH1 . ARG A 1 31  ? -9.741  11.610  1.064   1.00 55.51  ? 70  ARG A NH1 1 
ATOM   255  N NH2 . ARG A 1 31  ? -8.845  13.307  2.315   1.00 54.72  ? 70  ARG A NH2 1 
ATOM   256  N N   . MET A 1 32  ? -3.806  7.528   3.013   1.00 35.72  ? 71  MET A N   1 
ATOM   257  C CA  . MET A 1 32  ? -2.479  7.190   3.581   1.00 31.16  ? 71  MET A CA  1 
ATOM   258  C C   . MET A 1 32  ? -1.584  8.425   3.593   1.00 31.31  ? 71  MET A C   1 
ATOM   259  O O   . MET A 1 32  ? -1.660  9.222   2.638   1.00 33.11  ? 71  MET A O   1 
ATOM   260  C CB  . MET A 1 32  ? -1.791  6.108   2.746   1.00 30.33  ? 71  MET A CB  1 
ATOM   261  C CG  . MET A 1 32  ? -2.475  4.755   2.848   1.00 31.92  ? 71  MET A CG  1 
ATOM   262  S SD  . MET A 1 32  ? -1.869  3.626   1.586   1.00 28.12  ? 71  MET A SD  1 
ATOM   263  C CE  . MET A 1 32  ? -0.231  3.346   2.255   1.00 28.69  ? 71  MET A CE  1 
ATOM   264  N N   . PHE A 1 33  ? -0.709  8.512   4.595   1.00 28.98  ? 72  PHE A N   1 
ATOM   265  C CA  . PHE A 1 33  ? 0.498   9.364   4.564   1.00 30.58  ? 72  PHE A CA  1 
ATOM   266  C C   . PHE A 1 33  ? 1.670   8.576   5.118   1.00 30.26  ? 72  PHE A C   1 
ATOM   267  O O   . PHE A 1 33  ? 1.564   8.016   6.197   1.00 32.70  ? 72  PHE A O   1 
ATOM   268  C CB  . PHE A 1 33  ? 0.351   10.672  5.346   1.00 30.86  ? 72  PHE A CB  1 
ATOM   269  C CG  . PHE A 1 33  ? 1.505   11.575  5.029   1.00 31.82  ? 72  PHE A CG  1 
ATOM   270  C CD1 . PHE A 1 33  ? 1.480   12.375  3.890   1.00 33.66  ? 72  PHE A CD1 1 
ATOM   271  C CD2 . PHE A 1 33  ? 2.667   11.512  5.773   1.00 31.88  ? 72  PHE A CD2 1 
ATOM   272  C CE1 . PHE A 1 33  ? 2.572   13.164  3.563   1.00 34.82  ? 72  PHE A CE1 1 
ATOM   273  C CE2 . PHE A 1 33  ? 3.766   12.279  5.427   1.00 34.24  ? 72  PHE A CE2 1 
ATOM   274  C CZ  . PHE A 1 33  ? 3.712   13.116  4.339   1.00 35.38  ? 72  PHE A CZ  1 
ATOM   275  N N   . PRO A 1 34  ? 2.819   8.513   4.415   1.00 30.44  ? 73  PRO A N   1 
ATOM   276  C CA  . PRO A 1 34  ? 2.943   9.040   3.056   1.00 30.81  ? 73  PRO A CA  1 
ATOM   277  C C   . PRO A 1 34  ? 2.043   8.321   2.033   1.00 30.17  ? 73  PRO A C   1 
ATOM   278  O O   . PRO A 1 34  ? 1.528   7.244   2.311   1.00 26.46  ? 73  PRO A O   1 
ATOM   279  C CB  . PRO A 1 34  ? 4.419   8.788   2.688   1.00 32.03  ? 73  PRO A CB  1 
ATOM   280  C CG  . PRO A 1 34  ? 5.129   8.595   4.024   1.00 31.74  ? 73  PRO A CG  1 
ATOM   281  C CD  . PRO A 1 34  ? 4.082   7.961   4.917   1.00 29.50  ? 73  PRO A CD  1 
ATOM   282  N N   . VAL A 1 35  ? 1.878   8.948   0.874   1.00 28.07  ? 74  VAL A N   1 
ATOM   283  C CA  . VAL A 1 35  ? 1.185   8.360   -0.304  1.00 29.55  ? 74  VAL A CA  1 
ATOM   284  C C   . VAL A 1 35  ? 2.178   7.432   -1.034  1.00 29.49  ? 74  VAL A C   1 
ATOM   285  O O   . VAL A 1 35  ? 3.332   7.852   -1.316  1.00 26.77  ? 74  VAL A O   1 
ATOM   286  C CB  . VAL A 1 35  ? 0.627   9.480   -1.197  1.00 33.44  ? 74  VAL A CB  1 
ATOM   287  C CG1 . VAL A 1 35  ? 0.141   8.956   -2.544  1.00 34.89  ? 74  VAL A CG1 1 
ATOM   288  C CG2 . VAL A 1 35  ? -0.494  10.235  -0.480  1.00 35.03  ? 74  VAL A CG2 1 
ATOM   289  N N   . LEU A 1 36  ? 1.739   6.217   -1.358  1.00 29.02  ? 75  LEU A N   1 
ATOM   290  C CA  . LEU A 1 36  ? 2.499   5.298   -2.240  1.00 28.92  ? 75  LEU A CA  1 
ATOM   291  C C   . LEU A 1 36  ? 2.589   5.907   -3.648  1.00 27.42  ? 75  LEU A C   1 
ATOM   292  O O   . LEU A 1 36  ? 1.547   6.132   -4.272  1.00 24.81  ? 75  LEU A O   1 
ATOM   293  C CB  . LEU A 1 36  ? 1.826   3.931   -2.284  1.00 31.85  ? 75  LEU A CB  1 
ATOM   294  C CG  . LEU A 1 36  ? 2.594   2.919   -3.128  1.00 34.26  ? 75  LEU A CG  1 
ATOM   295  C CD1 . LEU A 1 36  ? 4.002   2.737   -2.590  1.00 36.38  ? 75  LEU A CD1 1 
ATOM   296  C CD2 . LEU A 1 36  ? 1.861   1.591   -3.199  1.00 37.40  ? 75  LEU A CD2 1 
ATOM   297  N N   . LYS A 1 37  ? 3.806   6.188   -4.105  1.00 27.40  ? 76  LYS A N   1 
ATOM   298  C CA  . LYS A 1 37  ? 4.096   6.721   -5.454  1.00 28.39  ? 76  LYS A CA  1 
ATOM   299  C C   . LYS A 1 37  ? 5.248   5.900   -6.023  1.00 25.82  ? 76  LYS A C   1 
ATOM   300  O O   . LYS A 1 37  ? 6.229   5.675   -5.295  1.00 25.02  ? 76  LYS A O   1 
ATOM   301  C CB  . LYS A 1 37  ? 4.465   8.207   -5.376  1.00 32.39  ? 76  LYS A CB  1 
ATOM   302  C CG  . LYS A 1 37  ? 3.450   9.107   -4.686  1.00 36.61  ? 76  LYS A CG  1 
ATOM   303  C CD  . LYS A 1 37  ? 3.798   10.603  -4.766  1.00 40.63  ? 76  LYS A CD  1 
ATOM   304  C CE  . LYS A 1 37  ? 3.511   11.345  -3.478  1.00 46.96  ? 76  LYS A CE  1 
ATOM   305  N NZ  . LYS A 1 37  ? 4.303   10.793  -2.350  1.00 50.16  ? 76  LYS A NZ  1 
ATOM   306  N N   . VAL A 1 38  ? 5.144   5.476   -7.275  1.00 24.61  ? 77  VAL A N   1 
ATOM   307  C CA  . VAL A 1 38  ? 6.228   4.702   -7.941  1.00 26.58  ? 77  VAL A CA  1 
ATOM   308  C C   . VAL A 1 38  ? 6.519   5.308   -9.310  1.00 24.88  ? 77  VAL A C   1 
ATOM   309  O O   . VAL A 1 38  ? 5.610   5.882   -9.939  1.00 25.55  ? 77  VAL A O   1 
ATOM   310  C CB  . VAL A 1 38  ? 5.883   3.207   -8.065  1.00 26.98  ? 77  VAL A CB  1 
ATOM   311  C CG1 . VAL A 1 38  ? 5.776   2.557   -6.696  1.00 26.32  ? 77  VAL A CG1 1 
ATOM   312  C CG2 . VAL A 1 38  ? 4.618   2.973   -8.887  1.00 25.07  ? 77  VAL A CG2 1 
ATOM   313  N N   . ASN A 1 39  ? 7.763   5.150   -9.738  1.00 26.94  ? 78  ASN A N   1 
ATOM   314  C CA  . ASN A 1 39  ? 8.215   5.480   -11.106 1.00 27.75  ? 78  ASN A CA  1 
ATOM   315  C C   . ASN A 1 39  ? 8.302   4.155   -11.884 1.00 26.93  ? 78  ASN A C   1 
ATOM   316  O O   . ASN A 1 39  ? 8.540   3.060   -11.271 1.00 26.18  ? 78  ASN A O   1 
ATOM   317  C CB  . ASN A 1 39  ? 9.468   6.360   -11.064 1.00 28.58  ? 78  ASN A CB  1 
ATOM   318  C CG  . ASN A 1 39  ? 10.584  5.757   -10.244 1.00 32.80  ? 78  ASN A CG  1 
ATOM   319  O OD1 . ASN A 1 39  ? 11.207  4.787   -10.675 1.00 34.96  ? 78  ASN A OD1 1 
ATOM   320  N ND2 . ASN A 1 39  ? 10.821  6.294   -9.055  1.00 32.66  ? 78  ASN A ND2 1 
ATOM   321  N N   . VAL A 1 40  ? 8.037   4.206   -13.182 1.00 26.11  ? 79  VAL A N   1 
ATOM   322  C CA  . VAL A 1 40  ? 7.965   2.976   -14.023 1.00 24.81  ? 79  VAL A CA  1 
ATOM   323  C C   . VAL A 1 40  ? 8.821   3.169   -15.269 1.00 24.74  ? 79  VAL A C   1 
ATOM   324  O O   . VAL A 1 40  ? 8.659   4.212   -15.943 1.00 27.33  ? 79  VAL A O   1 
ATOM   325  C CB  . VAL A 1 40  ? 6.517   2.626   -14.388 1.00 24.70  ? 79  VAL A CB  1 
ATOM   326  C CG1 . VAL A 1 40  ? 6.456   1.355   -15.216 1.00 27.77  ? 79  VAL A CG1 1 
ATOM   327  C CG2 . VAL A 1 40  ? 5.634   2.502   -13.156 1.00 25.10  ? 79  VAL A CG2 1 
ATOM   328  N N   . SER A 1 41  ? 9.689   2.205   -15.563 1.00 24.41  ? 80  SER A N   1 
ATOM   329  C CA  . SER A 1 41  ? 10.388  2.110   -16.870 1.00 25.53  ? 80  SER A CA  1 
ATOM   330  C C   . SER A 1 41  ? 10.233  0.691   -17.427 1.00 24.70  ? 80  SER A C   1 
ATOM   331  O O   . SER A 1 41  ? 9.941   -0.222  -16.645 1.00 24.63  ? 80  SER A O   1 
ATOM   332  C CB  . SER A 1 41  ? 11.842  2.524   -16.743 1.00 26.51  ? 80  SER A CB  1 
ATOM   333  O OG  . SER A 1 41  ? 12.545  1.655   -15.851 1.00 29.91  ? 80  SER A OG  1 
ATOM   334  N N   . GLY A 1 42  ? 10.366  0.539   -18.746 1.00 24.50  ? 81  GLY A N   1 
ATOM   335  C CA  . GLY A 1 42  ? 10.453  -0.754  -19.444 1.00 23.66  ? 81  GLY A CA  1 
ATOM   336  C C   . GLY A 1 42  ? 9.116   -1.428  -19.615 1.00 25.09  ? 81  GLY A C   1 
ATOM   337  O O   . GLY A 1 42  ? 9.102   -2.681  -19.795 1.00 26.36  ? 81  GLY A O   1 
ATOM   338  N N   . LEU A 1 43  ? 8.016   -0.676  -19.511 1.00 23.90  ? 82  LEU A N   1 
ATOM   339  C CA  . LEU A 1 43  ? 6.730   -1.112  -20.097 1.00 24.27  ? 82  LEU A CA  1 
ATOM   340  C C   . LEU A 1 43  ? 6.795   -0.884  -21.607 1.00 26.01  ? 82  LEU A C   1 
ATOM   341  O O   . LEU A 1 43  ? 7.660   -0.109  -22.083 1.00 23.69  ? 82  LEU A O   1 
ATOM   342  C CB  . LEU A 1 43  ? 5.561   -0.327  -19.504 1.00 26.14  ? 82  LEU A CB  1 
ATOM   343  C CG  . LEU A 1 43  ? 5.174   -0.663  -18.074 1.00 25.42  ? 82  LEU A CG  1 
ATOM   344  C CD1 . LEU A 1 43  ? 4.038   0.230   -17.623 1.00 27.09  ? 82  LEU A CD1 1 
ATOM   345  C CD2 . LEU A 1 43  ? 4.791   -2.128  -17.921 1.00 26.81  ? 82  LEU A CD2 1 
ATOM   346  N N   . ASP A 1 44  ? 5.911   -1.539  -22.346 1.00 28.22  ? 83  ASP A N   1 
ATOM   347  C CA  . ASP A 1 44  ? 5.728   -1.242  -23.783 1.00 27.96  ? 83  ASP A CA  1 
ATOM   348  C C   . ASP A 1 44  ? 4.923   0.048   -23.827 1.00 27.25  ? 83  ASP A C   1 
ATOM   349  O O   . ASP A 1 44  ? 3.825   0.079   -23.290 1.00 31.03  ? 83  ASP A O   1 
ATOM   350  C CB  . ASP A 1 44  ? 5.119   -2.468  -24.460 1.00 30.83  ? 83  ASP A CB  1 
ATOM   351  C CG  . ASP A 1 44  ? 4.840   -2.289  -25.928 1.00 30.63  ? 83  ASP A CG  1 
ATOM   352  O OD1 . ASP A 1 44  ? 5.060   -1.175  -26.447 1.00 34.63  ? 83  ASP A OD1 1 
ATOM   353  O OD2 . ASP A 1 44  ? 4.397   -3.262  -26.523 1.00 36.07  ? 83  ASP A OD2 1 
ATOM   354  N N   . PRO A 1 45  ? 5.468   1.167   -24.362 1.00 27.90  ? 84  PRO A N   1 
ATOM   355  C CA  . PRO A 1 45  ? 4.756   2.446   -24.334 1.00 27.78  ? 84  PRO A CA  1 
ATOM   356  C C   . PRO A 1 45  ? 3.441   2.409   -25.113 1.00 29.56  ? 84  PRO A C   1 
ATOM   357  O O   . PRO A 1 45  ? 2.577   3.219   -24.810 1.00 29.48  ? 84  PRO A O   1 
ATOM   358  C CB  . PRO A 1 45  ? 5.724   3.456   -24.970 1.00 28.69  ? 84  PRO A CB  1 
ATOM   359  C CG  . PRO A 1 45  ? 6.774   2.616   -25.688 1.00 29.36  ? 84  PRO A CG  1 
ATOM   360  C CD  . PRO A 1 45  ? 6.804   1.277   -24.972 1.00 27.29  ? 84  PRO A CD  1 
ATOM   361  N N   . ASN A 1 46  ? 3.335   1.462   -26.057 1.00 28.40  ? 85  ASN A N   1 
ATOM   362  C CA  . ASN A 1 46  ? 2.208   1.270   -27.006 1.00 29.19  ? 85  ASN A CA  1 
ATOM   363  C C   . ASN A 1 46  ? 1.103   0.405   -26.389 1.00 29.25  ? 85  ASN A C   1 
ATOM   364  O O   . ASN A 1 46  ? -0.047  0.563   -26.780 1.00 34.27  ? 85  ASN A O   1 
ATOM   365  C CB  . ASN A 1 46  ? 2.679   0.564   -28.281 1.00 30.37  ? 85  ASN A CB  1 
ATOM   366  C CG  . ASN A 1 46  ? 3.800   1.300   -28.980 1.00 31.89  ? 85  ASN A CG  1 
ATOM   367  O OD1 . ASN A 1 46  ? 3.726   2.507   -29.186 1.00 33.26  ? 85  ASN A OD1 1 
ATOM   368  N ND2 . ASN A 1 46  ? 4.865   0.584   -29.305 1.00 37.61  ? 85  ASN A ND2 1 
ATOM   369  N N   . ALA A 1 47  ? 1.449   -0.493  -25.473 1.00 28.59  ? 86  ALA A N   1 
ATOM   370  C CA  . ALA A 1 47  ? 0.511   -1.443  -24.832 1.00 29.19  ? 86  ALA A CA  1 
ATOM   371  C C   . ALA A 1 47  ? -0.303  -0.698  -23.771 1.00 28.79  ? 86  ALA A C   1 
ATOM   372  O O   . ALA A 1 47  ? 0.151   0.387   -23.302 1.00 28.39  ? 86  ALA A O   1 
ATOM   373  C CB  . ALA A 1 47  ? 1.277   -2.614  -24.247 1.00 28.31  ? 86  ALA A CB  1 
ATOM   374  N N   . MET A 1 48  ? -1.476  -1.236  -23.438 1.00 25.35  ? 87  MET A N   1 
ATOM   375  C CA  . MET A 1 48  ? -2.318  -0.721  -22.340 1.00 26.02  ? 87  MET A CA  1 
ATOM   376  C C   . MET A 1 48  ? -2.243  -1.667  -21.147 1.00 25.14  ? 87  MET A C   1 
ATOM   377  O O   . MET A 1 48  ? -2.152  -2.896  -21.351 1.00 24.46  ? 87  MET A O   1 
ATOM   378  C CB  . MET A 1 48  ? -3.758  -0.563  -22.797 1.00 29.86  ? 87  MET A CB  1 
ATOM   379  C CG  . MET A 1 48  ? -3.858  0.453   -23.912 1.00 31.27  ? 87  MET A CG  1 
ATOM   380  S SD  . MET A 1 48  ? -5.536  0.954   -24.099 1.00 35.01  ? 87  MET A SD  1 
ATOM   381  C CE  . MET A 1 48  ? -5.692  2.031   -22.674 1.00 35.48  ? 87  MET A CE  1 
ATOM   382  N N   . TYR A 1 49  ? -2.198  -1.067  -19.957 1.00 25.20  ? 88  TYR A N   1 
ATOM   383  C CA  . TYR A 1 49  ? -2.036  -1.744  -18.650 1.00 24.74  ? 88  TYR A CA  1 
ATOM   384  C C   . TYR A 1 49  ? -2.981  -1.102  -17.650 1.00 24.45  ? 88  TYR A C   1 
ATOM   385  O O   . TYR A 1 49  ? -3.247  0.123   -17.750 1.00 23.58  ? 88  TYR A O   1 
ATOM   386  C CB  . TYR A 1 49  ? -0.613  -1.624  -18.098 1.00 22.51  ? 88  TYR A CB  1 
ATOM   387  C CG  . TYR A 1 49  ? 0.480   -2.051  -19.034 1.00 23.20  ? 88  TYR A CG  1 
ATOM   388  C CD1 . TYR A 1 49  ? 0.987   -3.342  -19.005 1.00 22.79  ? 88  TYR A CD1 1 
ATOM   389  C CD2 . TYR A 1 49  ? 1.041   -1.153  -19.925 1.00 23.76  ? 88  TYR A CD2 1 
ATOM   390  C CE1 . TYR A 1 49  ? 2.001   -3.734  -19.866 1.00 24.98  ? 88  TYR A CE1 1 
ATOM   391  C CE2 . TYR A 1 49  ? 2.066   -1.527  -20.779 1.00 23.90  ? 88  TYR A CE2 1 
ATOM   392  C CZ  . TYR A 1 49  ? 2.548   -2.823  -20.752 1.00 24.42  ? 88  TYR A CZ  1 
ATOM   393  O OH  . TYR A 1 49  ? 3.563   -3.180  -21.588 1.00 27.51  ? 88  TYR A OH  1 
ATOM   394  N N   . SER A 1 50  ? -3.475  -1.917  -16.722 1.00 24.38  ? 89  SER A N   1 
ATOM   395  C CA  . SER A 1 50  ? -4.066  -1.430  -15.454 1.00 25.59  ? 89  SER A CA  1 
ATOM   396  C C   . SER A 1 50  ? -3.057  -1.582  -14.311 1.00 24.85  ? 89  SER A C   1 
ATOM   397  O O   . SER A 1 50  ? -2.276  -2.546  -14.327 1.00 25.06  ? 89  SER A O   1 
ATOM   398  C CB  . SER A 1 50  ? -5.332  -2.117  -15.159 1.00 24.01  ? 89  SER A CB  1 
ATOM   399  O OG  . SER A 1 50  ? -6.263  -1.798  -16.151 1.00 30.41  ? 89  SER A OG  1 
ATOM   400  N N   . PHE A 1 51  ? -3.115  -0.657  -13.356 1.00 24.79  ? 90  PHE A N   1 
ATOM   401  C CA  . PHE A 1 51  ? -2.318  -0.657  -12.105 1.00 24.33  ? 90  PHE A CA  1 
ATOM   402  C C   . PHE A 1 51  ? -3.290  -0.974  -10.959 1.00 24.94  ? 90  PHE A C   1 
ATOM   403  O O   . PHE A 1 51  ? -4.353  -0.333  -10.852 1.00 30.89  ? 90  PHE A O   1 
ATOM   404  C CB  . PHE A 1 51  ? -1.578  0.679   -11.967 1.00 23.08  ? 90  PHE A CB  1 
ATOM   405  C CG  . PHE A 1 51  ? -0.229  0.747   -12.632 1.00 23.00  ? 90  PHE A CG  1 
ATOM   406  C CD1 . PHE A 1 51  ? 0.917   1.005   -11.891 1.00 23.38  ? 90  PHE A CD1 1 
ATOM   407  C CD2 . PHE A 1 51  ? -0.103  0.569   -14.003 1.00 22.18  ? 90  PHE A CD2 1 
ATOM   408  C CE1 . PHE A 1 51  ? 2.160   1.079   -12.512 1.00 23.93  ? 90  PHE A CE1 1 
ATOM   409  C CE2 . PHE A 1 51  ? 1.133   0.648   -14.625 1.00 22.00  ? 90  PHE A CE2 1 
ATOM   410  C CZ  . PHE A 1 51  ? 2.265   0.884   -13.876 1.00 23.16  ? 90  PHE A CZ  1 
ATOM   411  N N   . LEU A 1 52  ? -2.974  -2.006  -10.186 1.00 26.73  ? 91  LEU A N   1 
ATOM   412  C CA  . LEU A 1 52  ? -3.765  -2.480  -9.027  1.00 29.28  ? 91  LEU A CA  1 
ATOM   413  C C   . LEU A 1 52  ? -2.879  -2.407  -7.783  1.00 27.37  ? 91  LEU A C   1 
ATOM   414  O O   . LEU A 1 52  ? -1.679  -2.602  -7.928  1.00 25.45  ? 91  LEU A O   1 
ATOM   415  C CB  . LEU A 1 52  ? -4.212  -3.922  -9.299  1.00 33.39  ? 91  LEU A CB  1 
ATOM   416  C CG  . LEU A 1 52  ? -5.535  -4.127  -10.037 1.00 36.63  ? 91  LEU A CG  1 
ATOM   417  C CD1 . LEU A 1 52  ? -5.618  -3.313  -11.309 1.00 35.33  ? 91  LEU A CD1 1 
ATOM   418  C CD2 . LEU A 1 52  ? -5.736  -5.611  -10.331 1.00 41.10  ? 91  LEU A CD2 1 
ATOM   419  N N   . LEU A 1 53  ? -3.471  -2.135  -6.618  1.00 25.43  ? 92  LEU A N   1 
ATOM   420  C CA  . LEU A 1 53  ? -2.785  -2.073  -5.303  1.00 26.45  ? 92  LEU A CA  1 
ATOM   421  C C   . LEU A 1 53  ? -3.539  -2.974  -4.336  1.00 25.01  ? 92  LEU A C   1 
ATOM   422  O O   . LEU A 1 53  ? -4.785  -2.879  -4.258  1.00 27.07  ? 92  LEU A O   1 
ATOM   423  C CB  . LEU A 1 53  ? -2.756  -0.631  -4.802  1.00 26.89  ? 92  LEU A CB  1 
ATOM   424  C CG  . LEU A 1 53  ? -2.405  -0.425  -3.336  1.00 27.66  ? 92  LEU A CG  1 
ATOM   425  C CD1 . LEU A 1 53  ? -0.934  -0.757  -3.070  1.00 28.43  ? 92  LEU A CD1 1 
ATOM   426  C CD2 . LEU A 1 53  ? -2.727  0.991   -2.905  1.00 28.32  ? 92  LEU A CD2 1 
ATOM   427  N N   . ASP A 1 54  ? -2.817  -3.856  -3.668  1.00 24.15  ? 93  ASP A N   1 
ATOM   428  C CA  . ASP A 1 54  ? -3.398  -4.612  -2.531  1.00 25.31  ? 93  ASP A CA  1 
ATOM   429  C C   . ASP A 1 54  ? -2.379  -4.595  -1.407  1.00 23.95  ? 93  ASP A C   1 
ATOM   430  O O   . ASP A 1 54  ? -1.348  -3.966  -1.578  1.00 22.45  ? 93  ASP A O   1 
ATOM   431  C CB  . ASP A 1 54  ? -3.886  -6.000  -2.941  1.00 26.25  ? 93  ASP A CB  1 
ATOM   432  C CG  . ASP A 1 54  ? -2.806  -7.016  -3.249  1.00 28.76  ? 93  ASP A CG  1 
ATOM   433  O OD1 . ASP A 1 54  ? -1.671  -6.616  -3.505  1.00 29.88  ? 93  ASP A OD1 1 
ATOM   434  O OD2 . ASP A 1 54  ? -3.134  -8.212  -3.271  1.00 36.08  ? 93  ASP A OD2 1 
ATOM   435  N N   . PHE A 1 55  ? -2.735  -5.198  -0.275  1.00 27.22  ? 94  PHE A N   1 
ATOM   436  C CA  . PHE A 1 55  ? -1.978  -5.126  0.996   1.00 26.67  ? 94  PHE A CA  1 
ATOM   437  C C   . PHE A 1 55  ? -1.842  -6.554  1.501   1.00 28.31  ? 94  PHE A C   1 
ATOM   438  O O   . PHE A 1 55  ? -2.849  -7.232  1.713   1.00 32.21  ? 94  PHE A O   1 
ATOM   439  C CB  . PHE A 1 55  ? -2.693  -4.190  1.980   1.00 26.75  ? 94  PHE A CB  1 
ATOM   440  C CG  . PHE A 1 55  ? -2.686  -2.735  1.580   1.00 24.80  ? 94  PHE A CG  1 
ATOM   441  C CD1 . PHE A 1 55  ? -1.711  -1.868  2.054   1.00 23.89  ? 94  PHE A CD1 1 
ATOM   442  C CD2 . PHE A 1 55  ? -3.629  -2.243  0.692   1.00 23.91  ? 94  PHE A CD2 1 
ATOM   443  C CE1 . PHE A 1 55  ? -1.689  -0.543  1.656   1.00 25.23  ? 94  PHE A CE1 1 
ATOM   444  C CE2 . PHE A 1 55  ? -3.628  -0.909  0.317   1.00 23.54  ? 94  PHE A CE2 1 
ATOM   445  C CZ  . PHE A 1 55  ? -2.662  -0.057  0.808   1.00 26.05  ? 94  PHE A CZ  1 
ATOM   446  N N   . VAL A 1 56  ? -0.612  -7.003  1.661   1.00 30.80  ? 95  VAL A N   1 
ATOM   447  C CA  . VAL A 1 56  ? -0.305  -8.397  2.070   1.00 30.20  ? 95  VAL A CA  1 
ATOM   448  C C   . VAL A 1 56  ? -0.034  -8.380  3.568   1.00 27.87  ? 95  VAL A C   1 
ATOM   449  O O   . VAL A 1 56  ? 0.764   -7.575  3.983   1.00 26.49  ? 95  VAL A O   1 
ATOM   450  C CB  . VAL A 1 56  ? 0.892   -8.889  1.249   1.00 30.74  ? 95  VAL A CB  1 
ATOM   451  C CG1 . VAL A 1 56  ? 1.327   -10.278 1.666   1.00 32.11  ? 95  VAL A CG1 1 
ATOM   452  C CG2 . VAL A 1 56  ? 0.553   -8.820  -0.235  1.00 29.76  ? 95  VAL A CG2 1 
ATOM   453  N N   . ALA A 1 57  ? -0.756  -9.191  4.335   1.00 31.72  ? 96  ALA A N   1 
ATOM   454  C CA  . ALA A 1 57  ? -0.489  -9.446  5.764   1.00 33.73  ? 96  ALA A CA  1 
ATOM   455  C C   . ALA A 1 57  ? 0.956   -9.936  5.903   1.00 34.76  ? 96  ALA A C   1 
ATOM   456  O O   . ALA A 1 57  ? 1.317   -10.864 5.186   1.00 33.50  ? 96  ALA A O   1 
ATOM   457  C CB  . ALA A 1 57  ? -1.484  -10.443 6.297   1.00 33.44  ? 96  ALA A CB  1 
ATOM   458  N N   . ALA A 1 58  ? 1.764   -9.300  6.761   1.00 34.46  ? 97  ALA A N   1 
ATOM   459  C CA  . ALA A 1 58  ? 3.208   -9.588  6.903   1.00 35.67  ? 97  ALA A CA  1 
ATOM   460  C C   . ALA A 1 58  ? 3.471   -10.711 7.927   1.00 38.81  ? 97  ALA A C   1 
ATOM   461  O O   . ALA A 1 58  ? 4.577   -11.280 7.856   1.00 42.36  ? 97  ALA A O   1 
ATOM   462  C CB  . ALA A 1 58  ? 3.947   -8.322  7.252   1.00 36.18  ? 97  ALA A CB  1 
ATOM   463  N N   . ASP A 1 59  ? 2.537   -11.065 8.822   1.00 35.75  ? 98  ASP A N   1 
ATOM   464  C CA  . ASP A 1 59  ? 2.868   -11.969 9.968   1.00 37.65  ? 98  ASP A CA  1 
ATOM   465  C C   . ASP A 1 59  ? 1.717   -12.904 10.337  1.00 37.86  ? 98  ASP A C   1 
ATOM   466  O O   . ASP A 1 59  ? 0.567   -12.577 10.045  1.00 37.97  ? 98  ASP A O   1 
ATOM   467  C CB  . ASP A 1 59  ? 3.174   -11.199 11.257  1.00 37.75  ? 98  ASP A CB  1 
ATOM   468  C CG  . ASP A 1 59  ? 3.990   -9.945  11.052  1.00 38.42  ? 98  ASP A CG  1 
ATOM   469  O OD1 . ASP A 1 59  ? 3.413   -8.849  11.151  1.00 36.79  ? 98  ASP A OD1 1 
ATOM   470  O OD2 . ASP A 1 59  ? 5.177   -10.076 10.781  1.00 43.58  ? 98  ASP A OD2 1 
ATOM   471  N N   . ASN A 1 60  ? 2.034   -13.970 11.077  1.00 40.13  ? 99  ASN A N   1 
ATOM   472  C CA  . ASN A 1 60  ? 1.039   -14.930 11.621  1.00 47.40  ? 99  ASN A CA  1 
ATOM   473  C C   . ASN A 1 60  ? 0.709   -14.562 13.077  1.00 44.65  ? 99  ASN A C   1 
ATOM   474  O O   . ASN A 1 60  ? 0.373   -15.478 13.861  1.00 48.66  ? 99  ASN A O   1 
ATOM   475  C CB  . ASN A 1 60  ? 1.537   -16.372 11.492  1.00 52.04  ? 99  ASN A CB  1 
ATOM   476  C CG  . ASN A 1 60  ? 2.475   -16.774 12.611  1.00 61.26  ? 99  ASN A CG  1 
ATOM   477  O OD1 . ASN A 1 60  ? 3.346   -16.005 13.014  1.00 66.31  ? 99  ASN A OD1 1 
ATOM   478  N ND2 . ASN A 1 60  ? 2.295   -17.975 13.133  1.00 71.71  ? 99  ASN A ND2 1 
ATOM   479  N N   . HIS A 1 61  ? 0.804   -13.278 13.439  1.00 40.18  ? 100 HIS A N   1 
ATOM   480  C CA  . HIS A 1 61  ? 0.461   -12.758 14.791  1.00 37.69  ? 100 HIS A CA  1 
ATOM   481  C C   . HIS A 1 61  ? 0.094   -11.281 14.667  1.00 34.01  ? 100 HIS A C   1 
ATOM   482  O O   . HIS A 1 61  ? 0.516   -10.666 13.683  1.00 35.74  ? 100 HIS A O   1 
ATOM   483  C CB  . HIS A 1 61  ? 1.620   -12.963 15.768  1.00 35.61  ? 100 HIS A CB  1 
ATOM   484  C CG  . HIS A 1 61  ? 2.822   -12.145 15.426  1.00 36.76  ? 100 HIS A CG  1 
ATOM   485  N ND1 . HIS A 1 61  ? 3.878   -12.651 14.698  1.00 35.97  ? 100 HIS A ND1 1 
ATOM   486  C CD2 . HIS A 1 61  ? 3.135   -10.862 15.700  1.00 37.88  ? 100 HIS A CD2 1 
ATOM   487  C CE1 . HIS A 1 61  ? 4.796   -11.721 14.551  1.00 35.68  ? 100 HIS A CE1 1 
ATOM   488  N NE2 . HIS A 1 61  ? 4.371   -10.617 15.163  1.00 39.67  ? 100 HIS A NE2 1 
ATOM   489  N N   . ARG A 1 62  ? -0.635  -10.731 15.633  1.00 34.27  ? 101 ARG A N   1 
ATOM   490  C CA  . ARG A 1 62  ? -0.872  -9.271  15.686  1.00 34.75  ? 101 ARG A CA  1 
ATOM   491  C C   . ARG A 1 62  ? 0.220   -8.612  16.546  1.00 30.72  ? 101 ARG A C   1 
ATOM   492  O O   . ARG A 1 62  ? 1.063   -9.312  17.104  1.00 29.94  ? 101 ARG A O   1 
ATOM   493  C CB  . ARG A 1 62  ? -2.316  -8.988  16.107  1.00 39.28  ? 101 ARG A CB  1 
ATOM   494  C CG  . ARG A 1 62  ? -2.674  -9.371  17.531  1.00 46.73  ? 101 ARG A CG  1 
ATOM   495  C CD  . ARG A 1 62  ? -4.122  -8.992  17.785  1.00 49.10  ? 101 ARG A CD  1 
ATOM   496  N NE  . ARG A 1 62  ? -4.484  -9.171  19.178  1.00 55.12  ? 101 ARG A NE  1 
ATOM   497  C CZ  . ARG A 1 62  ? -5.728  -9.193  19.645  1.00 60.86  ? 101 ARG A CZ  1 
ATOM   498  N NH1 . ARG A 1 62  ? -5.936  -9.373  20.938  1.00 59.15  ? 101 ARG A NH1 1 
ATOM   499  N NH2 . ARG A 1 62  ? -6.752  -9.027  18.822  1.00 64.47  ? 101 ARG A NH2 1 
ATOM   500  N N   . TRP A 1 63  ? 0.196   -7.288  16.622  1.00 27.61  ? 102 TRP A N   1 
ATOM   501  C CA  . TRP A 1 63  ? 1.198   -6.455  17.321  1.00 27.98  ? 102 TRP A CA  1 
ATOM   502  C C   . TRP A 1 63  ? 0.497   -5.657  18.413  1.00 27.63  ? 102 TRP A C   1 
ATOM   503  O O   . TRP A 1 63  ? -0.728  -5.475  18.345  1.00 28.32  ? 102 TRP A O   1 
ATOM   504  C CB  . TRP A 1 63  ? 1.897   -5.515  16.336  1.00 25.79  ? 102 TRP A CB  1 
ATOM   505  C CG  . TRP A 1 63  ? 2.789   -6.232  15.387  1.00 25.54  ? 102 TRP A CG  1 
ATOM   506  C CD1 . TRP A 1 63  ? 2.453   -6.734  14.165  1.00 26.31  ? 102 TRP A CD1 1 
ATOM   507  C CD2 . TRP A 1 63  ? 4.177   -6.542  15.586  1.00 26.40  ? 102 TRP A CD2 1 
ATOM   508  N NE1 . TRP A 1 63  ? 3.527   -7.359  13.600  1.00 26.02  ? 102 TRP A NE1 1 
ATOM   509  C CE2 . TRP A 1 63  ? 4.606   -7.244  14.437  1.00 27.36  ? 102 TRP A CE2 1 
ATOM   510  C CE3 . TRP A 1 63  ? 5.095   -6.302  16.611  1.00 26.12  ? 102 TRP A CE3 1 
ATOM   511  C CZ2 . TRP A 1 63  ? 5.914   -7.692  14.284  1.00 27.06  ? 102 TRP A CZ2 1 
ATOM   512  C CZ3 . TRP A 1 63  ? 6.388   -6.770  16.468  1.00 28.34  ? 102 TRP A CZ3 1 
ATOM   513  C CH2 . TRP A 1 63  ? 6.789   -7.458  15.320  1.00 27.09  ? 102 TRP A CH2 1 
ATOM   514  N N   A LYS A 1 64  ? 1.281   -5.187  19.387  0.25 27.71  ? 103 LYS A N   1 
ATOM   515  N N   B LYS A 1 64  ? 1.257   -5.216  19.416  0.25 27.55  ? 103 LYS A N   1 
ATOM   516  C CA  A LYS A 1 64  ? 0.839   -4.328  20.518  0.25 27.76  ? 103 LYS A CA  1 
ATOM   517  C CA  B LYS A 1 64  ? 0.784   -4.256  20.447  0.25 27.45  ? 103 LYS A CA  1 
ATOM   518  C C   A LYS A 1 64  ? 1.984   -3.370  20.853  0.25 27.07  ? 103 LYS A C   1 
ATOM   519  C C   B LYS A 1 64  ? 1.963   -3.376  20.863  0.25 26.94  ? 103 LYS A C   1 
ATOM   520  O O   A LYS A 1 64  ? 3.153   -3.802  20.729  0.25 24.89  ? 103 LYS A O   1 
ATOM   521  O O   B LYS A 1 64  ? 3.117   -3.857  20.795  0.25 24.83  ? 103 LYS A O   1 
ATOM   522  C CB  A LYS A 1 64  ? 0.467   -5.191  21.729  0.25 28.74  ? 103 LYS A CB  1 
ATOM   523  C CB  B LYS A 1 64  ? 0.131   -4.977  21.633  0.25 28.42  ? 103 LYS A CB  1 
ATOM   524  C CG  A LYS A 1 64  ? -0.292  -4.474  22.839  0.25 29.59  ? 103 LYS A CG  1 
ATOM   525  C CG  B LYS A 1 64  ? 1.008   -5.928  22.437  0.25 28.39  ? 103 LYS A CG  1 
ATOM   526  C CD  A LYS A 1 64  ? -0.587  -5.366  24.027  0.25 29.63  ? 103 LYS A CD  1 
ATOM   527  C CD  B LYS A 1 64  ? 0.313   -6.420  23.697  0.25 29.36  ? 103 LYS A CD  1 
ATOM   528  C CE  A LYS A 1 64  ? -1.183  -4.622  25.204  0.25 30.21  ? 103 LYS A CE  1 
ATOM   529  C CE  B LYS A 1 64  ? 0.719   -7.809  24.155  0.25 29.85  ? 103 LYS A CE  1 
ATOM   530  N NZ  A LYS A 1 64  ? -1.214  -5.476  26.414  0.25 30.30  ? 103 LYS A NZ  1 
ATOM   531  N NZ  B LYS A 1 64  ? 2.170   -8.058  23.986  0.25 30.40  ? 103 LYS A NZ  1 
ATOM   532  N N   . TYR A 1 65  ? 1.658   -2.129  21.236  1.00 27.01  ? 104 TYR A N   1 
ATOM   533  C CA  . TYR A 1 65  ? 2.642   -1.082  21.614  1.00 27.90  ? 104 TYR A CA  1 
ATOM   534  C C   . TYR A 1 65  ? 2.716   -1.109  23.140  1.00 28.15  ? 104 TYR A C   1 
ATOM   535  O O   . TYR A 1 65  ? 1.722   -0.804  23.784  1.00 26.05  ? 104 TYR A O   1 
ATOM   536  C CB  . TYR A 1 65  ? 2.230   0.284   21.059  1.00 29.01  ? 104 TYR A CB  1 
ATOM   537  C CG  . TYR A 1 65  ? 3.320   1.327   21.016  1.00 28.70  ? 104 TYR A CG  1 
ATOM   538  C CD1 . TYR A 1 65  ? 4.409   1.166   20.183  1.00 28.38  ? 104 TYR A CD1 1 
ATOM   539  C CD2 . TYR A 1 65  ? 3.239   2.507   21.749  1.00 30.28  ? 104 TYR A CD2 1 
ATOM   540  C CE1 . TYR A 1 65  ? 5.412   2.117   20.109  1.00 29.71  ? 104 TYR A CE1 1 
ATOM   541  C CE2 . TYR A 1 65  ? 4.222   3.488   21.665  1.00 28.45  ? 104 TYR A CE2 1 
ATOM   542  C CZ  . TYR A 1 65  ? 5.318   3.288   20.845  1.00 29.71  ? 104 TYR A CZ  1 
ATOM   543  O OH  . TYR A 1 65  ? 6.350   4.167   20.763  1.00 28.08  ? 104 TYR A OH  1 
ATOM   544  N N   . VAL A 1 66  ? 3.833   -1.589  23.676  1.00 26.77  ? 105 VAL A N   1 
ATOM   545  C CA  . VAL A 1 66  ? 3.999   -1.822  25.134  1.00 28.84  ? 105 VAL A CA  1 
ATOM   546  C C   . VAL A 1 66  ? 5.294   -1.128  25.539  1.00 27.34  ? 105 VAL A C   1 
ATOM   547  O O   . VAL A 1 66  ? 6.327   -1.407  24.912  1.00 25.77  ? 105 VAL A O   1 
ATOM   548  C CB  . VAL A 1 66  ? 3.997   -3.327  25.477  1.00 30.00  ? 105 VAL A CB  1 
ATOM   549  C CG1 . VAL A 1 66  ? 4.198   -3.563  26.967  1.00 29.65  ? 105 VAL A CG1 1 
ATOM   550  C CG2 . VAL A 1 66  ? 2.709   -4.006  25.027  1.00 31.87  ? 105 VAL A CG2 1 
ATOM   551  N N   . ASN A 1 67  ? 5.220   -0.197  26.487  1.00 27.99  ? 106 ASN A N   1 
ATOM   552  C CA  . ASN A 1 67  ? 6.421   0.473   27.039  1.00 28.02  ? 106 ASN A CA  1 
ATOM   553  C C   . ASN A 1 67  ? 7.195   1.103   25.876  1.00 29.85  ? 106 ASN A C   1 
ATOM   554  O O   . ASN A 1 67  ? 8.419   0.953   25.848  1.00 30.16  ? 106 ASN A O   1 
ATOM   555  C CB  . ASN A 1 67  ? 7.290   -0.525  27.805  1.00 27.74  ? 106 ASN A CB  1 
ATOM   556  C CG  . ASN A 1 67  ? 6.593   -1.119  29.009  1.00 28.12  ? 106 ASN A CG  1 
ATOM   557  O OD1 . ASN A 1 67  ? 5.672   -0.517  29.549  1.00 28.08  ? 106 ASN A OD1 1 
ATOM   558  N ND2 . ASN A 1 67  ? 7.045   -2.283  29.453  1.00 28.65  ? 106 ASN A ND2 1 
ATOM   559  N N   . GLY A 1 68  ? 6.482   1.712   24.919  1.00 31.69  ? 107 GLY A N   1 
ATOM   560  C CA  . GLY A 1 68  ? 7.063   2.451   23.779  1.00 33.07  ? 107 GLY A CA  1 
ATOM   561  C C   . GLY A 1 68  ? 7.752   1.547   22.779  1.00 33.09  ? 107 GLY A C   1 
ATOM   562  O O   . GLY A 1 68  ? 8.600   2.034   22.022  1.00 33.50  ? 107 GLY A O   1 
ATOM   563  N N   . GLU A 1 69  ? 7.385   0.272   22.764  1.00 34.33  ? 108 GLU A N   1 
ATOM   564  C CA  . GLU A 1 69  ? 8.002   -0.789  21.924  1.00 35.31  ? 108 GLU A CA  1 
ATOM   565  C C   . GLU A 1 69  ? 6.849   -1.520  21.223  1.00 34.34  ? 108 GLU A C   1 
ATOM   566  O O   . GLU A 1 69  ? 5.799   -1.778  21.885  1.00 26.82  ? 108 GLU A O   1 
ATOM   567  C CB  . GLU A 1 69  ? 8.812   -1.710  22.842  1.00 40.82  ? 108 GLU A CB  1 
ATOM   568  C CG  . GLU A 1 69  ? 10.063  -2.324  22.248  1.00 46.49  ? 108 GLU A CG  1 
ATOM   569  C CD  . GLU A 1 69  ? 10.677  -3.466  23.068  1.00 53.75  ? 108 GLU A CD  1 
ATOM   570  O OE1 . GLU A 1 69  ? 10.099  -3.845  24.134  1.00 47.90  ? 108 GLU A OE1 1 
ATOM   571  O OE2 . GLU A 1 69  ? 11.735  -3.996  22.640  1.00 53.83  ? 108 GLU A OE2 1 
ATOM   572  N N   . TRP A 1 70  ? 6.978   -1.812  19.930  1.00 32.62  ? 109 TRP A N   1 
ATOM   573  C CA  . TRP A 1 70  ? 6.018   -2.730  19.269  1.00 32.79  ? 109 TRP A CA  1 
ATOM   574  C C   . TRP A 1 70  ? 6.431   -4.176  19.575  1.00 29.41  ? 109 TRP A C   1 
ATOM   575  O O   . TRP A 1 70  ? 7.608   -4.514  19.350  1.00 29.17  ? 109 TRP A O   1 
ATOM   576  C CB  . TRP A 1 70  ? 5.932   -2.471  17.765  1.00 32.35  ? 109 TRP A CB  1 
ATOM   577  C CG  . TRP A 1 70  ? 5.084   -1.292  17.410  1.00 30.51  ? 109 TRP A CG  1 
ATOM   578  C CD1 . TRP A 1 70  ? 5.533   -0.043  17.104  1.00 29.48  ? 109 TRP A CD1 1 
ATOM   579  C CD2 . TRP A 1 70  ? 3.645   -1.231  17.368  1.00 29.82  ? 109 TRP A CD2 1 
ATOM   580  N NE1 . TRP A 1 70  ? 4.474   0.778   16.845  1.00 28.95  ? 109 TRP A NE1 1 
ATOM   581  C CE2 . TRP A 1 70  ? 3.306   0.082   16.984  1.00 28.62  ? 109 TRP A CE2 1 
ATOM   582  C CE3 . TRP A 1 70  ? 2.613   -2.153  17.580  1.00 29.44  ? 109 TRP A CE3 1 
ATOM   583  C CZ2 . TRP A 1 70  ? 1.989   0.496   16.811  1.00 29.68  ? 109 TRP A CZ2 1 
ATOM   584  C CZ3 . TRP A 1 70  ? 1.310   -1.747  17.403  1.00 30.76  ? 109 TRP A CZ3 1 
ATOM   585  C CH2 . TRP A 1 70  ? 1.001   -0.436  17.026  1.00 29.81  ? 109 TRP A CH2 1 
ATOM   586  N N   . VAL A 1 71  ? 5.510   -4.997  20.073  1.00 29.09  ? 110 VAL A N   1 
ATOM   587  C CA  . VAL A 1 71  ? 5.794   -6.433  20.382  1.00 30.40  ? 110 VAL A CA  1 
ATOM   588  C C   . VAL A 1 71  ? 4.668   -7.313  19.852  1.00 29.59  ? 110 VAL A C   1 
ATOM   589  O O   . VAL A 1 71  ? 3.539   -6.856  19.659  1.00 29.54  ? 110 VAL A O   1 
ATOM   590  C CB  . VAL A 1 71  ? 6.028   -6.635  21.892  1.00 33.32  ? 110 VAL A CB  1 
ATOM   591  C CG1 . VAL A 1 71  ? 7.293   -5.927  22.348  1.00 33.16  ? 110 VAL A CG1 1 
ATOM   592  C CG2 . VAL A 1 71  ? 4.838   -6.174  22.719  1.00 33.10  ? 110 VAL A CG2 1 
ATOM   593  N N   . PRO A 1 72  ? 4.960   -8.602  19.551  1.00 33.20  ? 111 PRO A N   1 
ATOM   594  C CA  . PRO A 1 72  ? 3.919   -9.578  19.235  1.00 31.54  ? 111 PRO A CA  1 
ATOM   595  C C   . PRO A 1 72  ? 2.833   -9.487  20.305  1.00 31.10  ? 111 PRO A C   1 
ATOM   596  O O   . PRO A 1 72  ? 3.201   -9.499  21.463  1.00 32.63  ? 111 PRO A O   1 
ATOM   597  C CB  . PRO A 1 72  ? 4.676   -10.919 19.275  1.00 33.86  ? 111 PRO A CB  1 
ATOM   598  C CG  . PRO A 1 72  ? 6.079   -10.552 18.870  1.00 31.38  ? 111 PRO A CG  1 
ATOM   599  C CD  . PRO A 1 72  ? 6.310   -9.183  19.477  1.00 31.37  ? 111 PRO A CD  1 
ATOM   600  N N   . GLY A 1 73  ? 1.570   -9.338  19.889  1.00 31.90  ? 112 GLY A N   1 
ATOM   601  C CA  . GLY A 1 73  ? 0.452   -8.914  20.753  1.00 34.33  ? 112 GLY A CA  1 
ATOM   602  C C   . GLY A 1 73  ? -0.711  -9.883  20.759  1.00 34.45  ? 112 GLY A C   1 
ATOM   603  O O   . GLY A 1 73  ? -1.783  -9.516  21.273  1.00 38.19  ? 112 GLY A O   1 
ATOM   604  N N   . GLY A 1 74  ? -0.508  -11.087 20.240  1.00 34.86  ? 113 GLY A N   1 
ATOM   605  C CA  . GLY A 1 74  ? -1.560  -12.114 20.210  1.00 37.60  ? 113 GLY A CA  1 
ATOM   606  C C   . GLY A 1 74  ? -1.574  -12.847 18.888  1.00 39.59  ? 113 GLY A C   1 
ATOM   607  O O   . GLY A 1 74  ? -0.783  -12.500 17.984  1.00 35.52  ? 113 GLY A O   1 
ATOM   608  N N   . LYS A 1 75  ? -2.455  -13.834 18.789  1.00 44.05  ? 114 LYS A N   1 
ATOM   609  C CA  . LYS A 1 75  ? -2.700  -14.591 17.543  1.00 43.23  ? 114 LYS A CA  1 
ATOM   610  C C   . LYS A 1 75  ? -3.455  -13.663 16.608  1.00 41.89  ? 114 LYS A C   1 
ATOM   611  O O   . LYS A 1 75  ? -4.168  -12.775 17.064  1.00 38.11  ? 114 LYS A O   1 
ATOM   612  C CB  . LYS A 1 75  ? -3.458  -15.880 17.858  1.00 49.86  ? 114 LYS A CB  1 
ATOM   613  C CG  . LYS A 1 75  ? -2.560  -17.062 18.190  1.00 49.66  ? 114 LYS A CG  1 
ATOM   614  C CD  . LYS A 1 75  ? -3.194  -18.078 19.105  1.00 51.46  ? 114 LYS A CD  1 
ATOM   615  C CE  . LYS A 1 75  ? -3.111  -19.494 18.583  1.00 51.13  ? 114 LYS A CE  1 
ATOM   616  N NZ  . LYS A 1 75  ? -1.788  -19.803 18.001  1.00 56.30  ? 114 LYS A NZ  1 
ATOM   617  N N   . PRO A 1 76  ? -3.310  -13.834 15.281  1.00 40.43  ? 115 PRO A N   1 
ATOM   618  C CA  . PRO A 1 76  ? -3.945  -12.934 14.327  1.00 43.12  ? 115 PRO A CA  1 
ATOM   619  C C   . PRO A 1 76  ? -5.463  -13.144 14.317  1.00 45.87  ? 115 PRO A C   1 
ATOM   620  O O   . PRO A 1 76  ? -5.937  -14.176 14.766  1.00 46.68  ? 115 PRO A O   1 
ATOM   621  C CB  . PRO A 1 76  ? -3.340  -13.369 12.987  1.00 44.21  ? 115 PRO A CB  1 
ATOM   622  C CG  . PRO A 1 76  ? -3.080  -14.850 13.184  1.00 41.98  ? 115 PRO A CG  1 
ATOM   623  C CD  . PRO A 1 76  ? -2.622  -14.955 14.625  1.00 42.42  ? 115 PRO A CD  1 
ATOM   624  N N   . GLU A 1 77  ? -6.197  -12.165 13.800  1.00 46.86  ? 116 GLU A N   1 
ATOM   625  C CA  . GLU A 1 77  ? -7.625  -12.347 13.445  1.00 49.77  ? 116 GLU A CA  1 
ATOM   626  C C   . GLU A 1 77  ? -7.651  -13.048 12.087  1.00 49.44  ? 116 GLU A C   1 
ATOM   627  O O   . GLU A 1 77  ? -6.624  -13.112 11.398  1.00 43.85  ? 116 GLU A O   1 
ATOM   628  C CB  . GLU A 1 77  ? -8.338  -10.995 13.520  1.00 51.88  ? 116 GLU A CB  1 
ATOM   629  C CG  . GLU A 1 77  ? -8.117  -10.305 14.858  1.00 53.70  ? 116 GLU A CG  1 
ATOM   630  C CD  . GLU A 1 77  ? -8.744  -8.935  14.993  1.00 57.09  ? 116 GLU A CD  1 
ATOM   631  O OE1 . GLU A 1 77  ? -9.302  -8.428  14.000  1.00 60.34  ? 116 GLU A OE1 1 
ATOM   632  O OE2 . GLU A 1 77  ? -8.678  -8.386  16.099  1.00 64.17  ? 116 GLU A OE2 1 
ATOM   633  N N   . PRO A 1 78  ? -8.796  -13.651 11.684  1.00 47.73  ? 117 PRO A N   1 
ATOM   634  C CA  . PRO A 1 78  ? -8.941  -14.190 10.333  1.00 46.59  ? 117 PRO A CA  1 
ATOM   635  C C   . PRO A 1 78  ? -8.585  -13.089 9.327   1.00 46.35  ? 117 PRO A C   1 
ATOM   636  O O   . PRO A 1 78  ? -8.891  -11.925 9.591   1.00 40.75  ? 117 PRO A O   1 
ATOM   637  C CB  . PRO A 1 78  ? -10.419 -14.581 10.227  1.00 47.27  ? 117 PRO A CB  1 
ATOM   638  C CG  . PRO A 1 78  ? -10.860 -14.779 11.663  1.00 49.42  ? 117 PRO A CG  1 
ATOM   639  C CD  . PRO A 1 78  ? -10.006 -13.839 12.496  1.00 51.50  ? 117 PRO A CD  1 
ATOM   640  N N   . GLN A 1 79  ? -7.920  -13.458 8.233   1.00 45.51  ? 118 GLN A N   1 
ATOM   641  C CA  . GLN A 1 79  ? -7.385  -12.464 7.276   1.00 49.12  ? 118 GLN A CA  1 
ATOM   642  C C   . GLN A 1 79  ? -8.544  -11.677 6.658   1.00 49.74  ? 118 GLN A C   1 
ATOM   643  O O   . GLN A 1 79  ? -9.554  -12.296 6.262   1.00 43.04  ? 118 GLN A O   1 
ATOM   644  C CB  . GLN A 1 79  ? -6.474  -13.129 6.248   1.00 54.30  ? 118 GLN A CB  1 
ATOM   645  C CG  . GLN A 1 79  ? -5.092  -13.406 6.823   1.00 60.84  ? 118 GLN A CG  1 
ATOM   646  C CD  . GLN A 1 79  ? -4.008  -13.482 5.778   1.00 66.38  ? 118 GLN A CD  1 
ATOM   647  O OE1 . GLN A 1 79  ? -4.274  -13.516 4.577   1.00 71.69  ? 118 GLN A OE1 1 
ATOM   648  N NE2 . GLN A 1 79  ? -2.770  -13.528 6.245   1.00 64.91  ? 118 GLN A NE2 1 
ATOM   649  N N   . ALA A 1 80  ? -8.379  -10.347 6.639   1.00 50.60  ? 119 ALA A N   1 
ATOM   650  C CA  . ALA A 1 80  ? -9.174  -9.349  5.886   1.00 50.91  ? 119 ALA A CA  1 
ATOM   651  C C   . ALA A 1 80  ? -9.547  -9.897  4.506   1.00 50.38  ? 119 ALA A C   1 
ATOM   652  O O   . ALA A 1 80  ? -8.776  -10.641 3.903   1.00 45.79  ? 119 ALA A O   1 
ATOM   653  C CB  . ALA A 1 80  ? -8.370  -8.068  5.771   1.00 50.75  ? 119 ALA A CB  1 
ATOM   654  N N   . PRO A 1 81  ? -10.742 -9.569  3.960   1.00 56.47  ? 120 PRO A N   1 
ATOM   655  C CA  . PRO A 1 81  ? -11.105 -10.006 2.607   1.00 59.02  ? 120 PRO A CA  1 
ATOM   656  C C   . PRO A 1 81  ? -10.132 -9.390  1.590   1.00 61.55  ? 120 PRO A C   1 
ATOM   657  O O   . PRO A 1 81  ? -9.689  -8.267  1.823   1.00 71.00  ? 120 PRO A O   1 
ATOM   658  C CB  . PRO A 1 81  ? -12.537 -9.492  2.402   1.00 56.86  ? 120 PRO A CB  1 
ATOM   659  C CG  . PRO A 1 81  ? -12.703 -8.383  3.431   1.00 55.16  ? 120 PRO A CG  1 
ATOM   660  C CD  . PRO A 1 81  ? -11.781 -8.734  4.582   1.00 52.92  ? 120 PRO A CD  1 
ATOM   661  N N   . SER A 1 82  ? -9.782  -10.129 0.533   1.00 63.16  ? 121 SER A N   1 
ATOM   662  C CA  . SER A 1 82  ? -8.912  -9.628  -0.569  1.00 64.32  ? 121 SER A CA  1 
ATOM   663  C C   . SER A 1 82  ? -9.563  -8.385  -1.184  1.00 56.35  ? 121 SER A C   1 
ATOM   664  O O   . SER A 1 82  ? -10.565 -8.525  -1.919  1.00 64.77  ? 121 SER A O   1 
ATOM   665  C CB  . SER A 1 82  ? -8.619  -10.680 -1.610  1.00 68.70  ? 121 SER A CB  1 
ATOM   666  O OG  . SER A 1 82  ? -7.321  -11.222 -1.405  1.00 73.17  ? 121 SER A OG  1 
ATOM   667  N N   . CYS A 1 83  ? -9.051  -7.209  -0.829  1.00 46.25  ? 122 CYS A N   1 
ATOM   668  C CA  . CYS A 1 83  ? -9.466  -5.908  -1.404  1.00 44.10  ? 122 CYS A CA  1 
ATOM   669  C C   . CYS A 1 83  ? -8.402  -5.453  -2.410  1.00 40.20  ? 122 CYS A C   1 
ATOM   670  O O   . CYS A 1 83  ? -7.209  -5.399  -2.054  1.00 38.93  ? 122 CYS A O   1 
ATOM   671  C CB  . CYS A 1 83  ? -9.679  -4.878  -0.303  1.00 44.86  ? 122 CYS A CB  1 
ATOM   672  S SG  . CYS A 1 83  ? -11.052 -5.300  0.803   1.00 45.66  ? 122 CYS A SG  1 
ATOM   673  N N   . VAL A 1 84  ? -8.818  -5.156  -3.635  1.00 36.03  ? 123 VAL A N   1 
ATOM   674  C CA  . VAL A 1 84  ? -7.921  -4.611  -4.688  1.00 36.26  ? 123 VAL A CA  1 
ATOM   675  C C   . VAL A 1 84  ? -8.430  -3.224  -5.063  1.00 33.68  ? 123 VAL A C   1 
ATOM   676  O O   . VAL A 1 84  ? -9.646  -3.065  -5.221  1.00 37.98  ? 123 VAL A O   1 
ATOM   677  C CB  . VAL A 1 84  ? -7.817  -5.545  -5.899  1.00 36.42  ? 123 VAL A CB  1 
ATOM   678  C CG1 . VAL A 1 84  ? -6.892  -4.964  -6.949  1.00 38.10  ? 123 VAL A CG1 1 
ATOM   679  C CG2 . VAL A 1 84  ? -7.360  -6.941  -5.492  1.00 37.87  ? 123 VAL A CG2 1 
ATOM   680  N N   . TYR A 1 85  ? -7.518  -2.251  -5.097  1.00 30.29  ? 124 TYR A N   1 
ATOM   681  C CA  . TYR A 1 85  ? -7.769  -0.871  -5.562  1.00 29.93  ? 124 TYR A CA  1 
ATOM   682  C C   . TYR A 1 85  ? -7.257  -0.785  -6.994  1.00 30.76  ? 124 TYR A C   1 
ATOM   683  O O   . TYR A 1 85  ? -6.115  -1.213  -7.267  1.00 33.97  ? 124 TYR A O   1 
ATOM   684  C CB  . TYR A 1 85  ? -7.100  0.136   -4.626  1.00 27.97  ? 124 TYR A CB  1 
ATOM   685  C CG  . TYR A 1 85  ? -7.267  1.584   -5.003  1.00 27.91  ? 124 TYR A CG  1 
ATOM   686  C CD1 . TYR A 1 85  ? -8.418  2.296   -4.678  1.00 31.09  ? 124 TYR A CD1 1 
ATOM   687  C CD2 . TYR A 1 85  ? -6.267  2.254   -5.682  1.00 27.03  ? 124 TYR A CD2 1 
ATOM   688  C CE1 . TYR A 1 85  ? -8.572  3.629   -5.039  1.00 28.63  ? 124 TYR A CE1 1 
ATOM   689  C CE2 . TYR A 1 85  ? -6.392  3.587   -6.026  1.00 29.35  ? 124 TYR A CE2 1 
ATOM   690  C CZ  . TYR A 1 85  ? -7.546  4.280   -5.706  1.00 30.16  ? 124 TYR A CZ  1 
ATOM   691  O OH  . TYR A 1 85  ? -7.609  5.605   -6.027  1.00 31.40  ? 124 TYR A OH  1 
ATOM   692  N N   . ILE A 1 86  ? -8.109  -0.315  -7.896  1.00 32.12  ? 125 ILE A N   1 
ATOM   693  C CA  . ILE A 1 86  ? -7.750  -0.054  -9.310  1.00 29.76  ? 125 ILE A CA  1 
ATOM   694  C C   . ILE A 1 86  ? -7.308  1.401   -9.362  1.00 27.59  ? 125 ILE A C   1 
ATOM   695  O O   . ILE A 1 86  ? -8.071  2.244   -8.931  1.00 27.80  ? 125 ILE A O   1 
ATOM   696  C CB  . ILE A 1 86  ? -8.935  -0.363  -10.247 1.00 31.67  ? 125 ILE A CB  1 
ATOM   697  C CG1 . ILE A 1 86  ? -9.490  -1.772  -10.018 1.00 33.73  ? 125 ILE A CG1 1 
ATOM   698  C CG2 . ILE A 1 86  ? -8.547  -0.169  -11.709 1.00 33.32  ? 125 ILE A CG2 1 
ATOM   699  C CD1 . ILE A 1 86  ? -10.912 -1.937  -10.474 1.00 33.25  ? 125 ILE A CD1 1 
ATOM   700  N N   . HIS A 1 87  ? -6.087  1.683   -9.805  1.00 26.73  ? 126 HIS A N   1 
ATOM   701  C CA  . HIS A 1 87  ? -5.642  3.082   -9.999  1.00 27.18  ? 126 HIS A CA  1 
ATOM   702  C C   . HIS A 1 87  ? -6.622  3.740   -10.961 1.00 28.27  ? 126 HIS A C   1 
ATOM   703  O O   . HIS A 1 87  ? -6.967  3.156   -11.980 1.00 26.46  ? 126 HIS A O   1 
ATOM   704  C CB  . HIS A 1 87  ? -4.184  3.168   -10.458 1.00 27.32  ? 126 HIS A CB  1 
ATOM   705  C CG  . HIS A 1 87  ? -3.655  4.557   -10.379 1.00 25.46  ? 126 HIS A CG  1 
ATOM   706  N ND1 . HIS A 1 87  ? -4.038  5.527   -11.284 1.00 26.23  ? 126 HIS A ND1 1 
ATOM   707  C CD2 . HIS A 1 87  ? -2.796  5.144   -9.516  1.00 24.90  ? 126 HIS A CD2 1 
ATOM   708  C CE1 . HIS A 1 87  ? -3.414  6.657   -10.993 1.00 28.44  ? 126 HIS A CE1 1 
ATOM   709  N NE2 . HIS A 1 87  ? -2.642  6.451   -9.916  1.00 25.51  ? 126 HIS A NE2 1 
ATOM   710  N N   . PRO A 1 88  ? -7.190  4.909   -10.610 1.00 30.10  ? 127 PRO A N   1 
ATOM   711  C CA  . PRO A 1 88  ? -8.218  5.533   -11.438 1.00 32.90  ? 127 PRO A CA  1 
ATOM   712  C C   . PRO A 1 88  ? -7.772  5.877   -12.870 1.00 32.56  ? 127 PRO A C   1 
ATOM   713  O O   . PRO A 1 88  ? -8.640  6.118   -13.672 1.00 32.19  ? 127 PRO A O   1 
ATOM   714  C CB  . PRO A 1 88  ? -8.602  6.807   -10.659 1.00 33.86  ? 127 PRO A CB  1 
ATOM   715  C CG  . PRO A 1 88  ? -7.413  7.057   -9.736  1.00 33.67  ? 127 PRO A CG  1 
ATOM   716  C CD  . PRO A 1 88  ? -6.918  5.665   -9.378  1.00 32.88  ? 127 PRO A CD  1 
ATOM   717  N N   . ASP A 1 89  ? -6.470  5.885   -13.171 1.00 30.54  ? 128 ASP A N   1 
ATOM   718  C CA  . ASP A 1 89  ? -5.982  6.134   -14.555 1.00 30.55  ? 128 ASP A CA  1 
ATOM   719  C C   . ASP A 1 89  ? -6.111  4.845   -15.380 1.00 30.39  ? 128 ASP A C   1 
ATOM   720  O O   . ASP A 1 89  ? -5.957  4.925   -16.595 1.00 31.67  ? 128 ASP A O   1 
ATOM   721  C CB  . ASP A 1 89  ? -4.541  6.652   -14.605 1.00 29.12  ? 128 ASP A CB  1 
ATOM   722  C CG  . ASP A 1 89  ? -4.268  8.005   -13.964 1.00 30.34  ? 128 ASP A CG  1 
ATOM   723  O OD1 . ASP A 1 89  ? -5.234  8.670   -13.532 1.00 26.81  ? 128 ASP A OD1 1 
ATOM   724  O OD2 . ASP A 1 89  ? -3.068  8.384   -13.899 1.00 31.72  ? 128 ASP A OD2 1 
ATOM   725  N N   . SER A 1 90  ? -6.421  3.700   -14.774 1.00 26.61  ? 129 SER A N   1 
ATOM   726  C CA  . SER A 1 90  ? -6.537  2.411   -15.507 1.00 28.67  ? 129 SER A CA  1 
ATOM   727  C C   . SER A 1 90  ? -7.754  2.419   -16.429 1.00 29.44  ? 129 SER A C   1 
ATOM   728  O O   . SER A 1 90  ? -8.771  3.011   -16.087 1.00 30.46  ? 129 SER A O   1 
ATOM   729  C CB  . SER A 1 90  ? -6.632  1.254   -14.555 1.00 26.14  ? 129 SER A CB  1 
ATOM   730  O OG  . SER A 1 90  ? -5.541  1.267   -13.674 1.00 22.63  ? 129 SER A OG  1 
ATOM   731  N N   . PRO A 1 91  ? -7.732  1.756   -17.612 1.00 30.66  ? 130 PRO A N   1 
ATOM   732  C CA  . PRO A 1 91  ? -6.513  1.291   -18.270 1.00 29.55  ? 130 PRO A CA  1 
ATOM   733  C C   . PRO A 1 91  ? -5.847  2.451   -19.011 1.00 28.55  ? 130 PRO A C   1 
ATOM   734  O O   . PRO A 1 91  ? -6.520  3.379   -19.361 1.00 26.90  ? 130 PRO A O   1 
ATOM   735  C CB  . PRO A 1 91  ? -6.991  0.276   -19.315 1.00 30.48  ? 130 PRO A CB  1 
ATOM   736  C CG  . PRO A 1 91  ? -8.397  0.761   -19.667 1.00 33.34  ? 130 PRO A CG  1 
ATOM   737  C CD  . PRO A 1 91  ? -8.930  1.434   -18.408 1.00 32.49  ? 130 PRO A CD  1 
ATOM   738  N N   . ASN A 1 92  ? -4.554  2.342   -19.283 1.00 29.30  ? 131 ASN A N   1 
ATOM   739  C CA  . ASN A 1 92  ? -3.818  3.427   -19.975 1.00 26.63  ? 131 ASN A CA  1 
ATOM   740  C C   . ASN A 1 92  ? -2.541  2.873   -20.608 1.00 24.58  ? 131 ASN A C   1 
ATOM   741  O O   . ASN A 1 92  ? -2.079  1.780   -20.226 1.00 22.30  ? 131 ASN A O   1 
ATOM   742  C CB  . ASN A 1 92  ? -3.524  4.564   -18.998 1.00 28.03  ? 131 ASN A CB  1 
ATOM   743  C CG  . ASN A 1 92  ? -3.811  5.922   -19.582 1.00 32.17  ? 131 ASN A CG  1 
ATOM   744  O OD1 . ASN A 1 92  ? -3.362  6.246   -20.685 1.00 33.60  ? 131 ASN A OD1 1 
ATOM   745  N ND2 . ASN A 1 92  ? -4.549  6.723   -18.836 1.00 33.74  ? 131 ASN A ND2 1 
ATOM   746  N N   . PHE A 1 93  ? -2.007  3.632   -21.550 1.00 23.59  ? 132 PHE A N   1 
ATOM   747  C CA  . PHE A 1 93  ? -0.763  3.343   -22.289 1.00 25.06  ? 132 PHE A CA  1 
ATOM   748  C C   . PHE A 1 93  ? 0.418   3.223   -21.331 1.00 26.99  ? 132 PHE A C   1 
ATOM   749  O O   . PHE A 1 93  ? 0.462   3.950   -20.302 1.00 25.08  ? 132 PHE A O   1 
ATOM   750  C CB  . PHE A 1 93  ? -0.542  4.446   -23.318 1.00 25.68  ? 132 PHE A CB  1 
ATOM   751  C CG  . PHE A 1 93  ? -1.571  4.455   -24.416 1.00 24.73  ? 132 PHE A CG  1 
ATOM   752  C CD1 . PHE A 1 93  ? -1.586  3.458   -25.367 1.00 25.62  ? 132 PHE A CD1 1 
ATOM   753  C CD2 . PHE A 1 93  ? -2.541  5.440   -24.478 1.00 27.60  ? 132 PHE A CD2 1 
ATOM   754  C CE1 . PHE A 1 93  ? -2.534  3.461   -26.379 1.00 30.07  ? 132 PHE A CE1 1 
ATOM   755  C CE2 . PHE A 1 93  ? -3.482  5.449   -25.496 1.00 27.55  ? 132 PHE A CE2 1 
ATOM   756  C CZ  . PHE A 1 93  ? -3.477  4.464   -26.447 1.00 26.73  ? 132 PHE A CZ  1 
ATOM   757  N N   . GLY A 1 94  ? 1.355   2.331   -21.672 1.00 25.54  ? 133 GLY A N   1 
ATOM   758  C CA  . GLY A 1 94  ? 2.688   2.318   -21.055 1.00 25.12  ? 133 GLY A CA  1 
ATOM   759  C C   . GLY A 1 94  ? 3.242   3.722   -20.985 1.00 25.32  ? 133 GLY A C   1 
ATOM   760  O O   . GLY A 1 94  ? 3.803   4.085   -19.937 1.00 22.93  ? 133 GLY A O   1 
ATOM   761  N N   . ALA A 1 95  ? 3.098   4.501   -22.059 1.00 25.14  ? 134 ALA A N   1 
ATOM   762  C CA  . ALA A 1 95  ? 3.655   5.872   -22.136 1.00 25.83  ? 134 ALA A CA  1 
ATOM   763  C C   . ALA A 1 95  ? 3.085   6.715   -20.989 1.00 27.34  ? 134 ALA A C   1 
ATOM   764  O O   . ALA A 1 95  ? 3.863   7.472   -20.385 1.00 26.18  ? 134 ALA A O   1 
ATOM   765  C CB  . ALA A 1 95  ? 3.373   6.505   -23.482 1.00 26.71  ? 134 ALA A CB  1 
ATOM   766  N N   . HIS A 1 96  ? 1.773   6.603   -20.718 1.00 29.39  ? 135 HIS A N   1 
ATOM   767  C CA  . HIS A 1 96  ? 1.085   7.334   -19.620 1.00 29.92  ? 135 HIS A CA  1 
ATOM   768  C C   . HIS A 1 96  ? 1.725   6.964   -18.278 1.00 28.09  ? 135 HIS A C   1 
ATOM   769  O O   . HIS A 1 96  ? 2.110   7.874   -17.535 1.00 28.08  ? 135 HIS A O   1 
ATOM   770  C CB  . HIS A 1 96  ? -0.426  7.067   -19.593 1.00 31.86  ? 135 HIS A CB  1 
ATOM   771  C CG  . HIS A 1 96  ? -1.077  7.650   -18.385 1.00 33.95  ? 135 HIS A CG  1 
ATOM   772  N ND1 . HIS A 1 96  ? -1.484  8.976   -18.331 1.00 35.79  ? 135 HIS A ND1 1 
ATOM   773  C CD2 . HIS A 1 96  ? -1.327  7.123   -17.162 1.00 32.98  ? 135 HIS A CD2 1 
ATOM   774  C CE1 . HIS A 1 96  ? -1.997  9.221   -17.144 1.00 33.59  ? 135 HIS A CE1 1 
ATOM   775  N NE2 . HIS A 1 96  ? -1.912  8.102   -16.409 1.00 34.61  ? 135 HIS A NE2 1 
ATOM   776  N N   . TRP A 1 97  ? 1.830   5.669   -17.987 1.00 24.91  ? 136 TRP A N   1 
ATOM   777  C CA  . TRP A 1 97  ? 2.321   5.186   -16.684 1.00 25.27  ? 136 TRP A CA  1 
ATOM   778  C C   . TRP A 1 97  ? 3.776   5.619   -16.491 1.00 26.02  ? 136 TRP A C   1 
ATOM   779  O O   . TRP A 1 97  ? 4.121   5.941   -15.363 1.00 29.55  ? 136 TRP A O   1 
ATOM   780  C CB  . TRP A 1 97  ? 2.143   3.678   -16.581 1.00 24.29  ? 136 TRP A CB  1 
ATOM   781  C CG  . TRP A 1 97  ? 0.731   3.200   -16.688 1.00 23.71  ? 136 TRP A CG  1 
ATOM   782  C CD1 . TRP A 1 97  ? 0.224   2.398   -17.672 1.00 25.00  ? 136 TRP A CD1 1 
ATOM   783  C CD2 . TRP A 1 97  ? -0.350  3.444   -15.771 1.00 23.83  ? 136 TRP A CD2 1 
ATOM   784  N NE1 . TRP A 1 97  ? -1.097  2.132   -17.431 1.00 24.55  ? 136 TRP A NE1 1 
ATOM   785  C CE2 . TRP A 1 97  ? -1.479  2.749   -16.267 1.00 24.91  ? 136 TRP A CE2 1 
ATOM   786  C CE3 . TRP A 1 97  ? -0.483  4.171   -14.584 1.00 23.50  ? 136 TRP A CE3 1 
ATOM   787  C CZ2 . TRP A 1 97  ? -2.718  2.774   -15.626 1.00 22.95  ? 136 TRP A CZ2 1 
ATOM   788  C CZ3 . TRP A 1 97  ? -1.703  4.186   -13.944 1.00 24.54  ? 136 TRP A CZ3 1 
ATOM   789  C CH2 . TRP A 1 97  ? -2.802  3.487   -14.452 1.00 24.21  ? 136 TRP A CH2 1 
ATOM   790  N N   . MET A 1 98  ? 4.582   5.679   -17.557 1.00 25.48  ? 137 MET A N   1 
ATOM   791  C CA  . MET A 1 98  ? 6.044   5.930   -17.463 1.00 25.19  ? 137 MET A CA  1 
ATOM   792  C C   . MET A 1 98  ? 6.397   7.425   -17.519 1.00 27.18  ? 137 MET A C   1 
ATOM   793  O O   . MET A 1 98  ? 7.542   7.734   -17.167 1.00 29.59  ? 137 MET A O   1 
ATOM   794  C CB  . MET A 1 98  ? 6.794   5.211   -18.590 1.00 26.05  ? 137 MET A CB  1 
ATOM   795  C CG  . MET A 1 98  ? 6.725   3.697   -18.499 1.00 27.24  ? 137 MET A CG  1 
ATOM   796  S SD  . MET A 1 98  ? 7.771   2.877   -19.734 1.00 28.41  ? 137 MET A SD  1 
ATOM   797  C CE  . MET A 1 98  ? 6.766   3.092   -21.209 1.00 28.32  ? 137 MET A CE  1 
ATOM   798  N N   . LYS A 1 99  ? 5.503   8.326   -17.943 1.00 29.09  ? 138 LYS A N   1 
ATOM   799  C CA  . LYS A 1 99  ? 5.863   9.753   -18.172 1.00 30.79  ? 138 LYS A CA  1 
ATOM   800  C C   . LYS A 1 99  ? 6.005   10.529  -16.850 1.00 31.07  ? 138 LYS A C   1 
ATOM   801  O O   . LYS A 1 99  ? 6.638   11.585  -16.843 1.00 31.80  ? 138 LYS A O   1 
ATOM   802  C CB  . LYS A 1 99  ? 4.841   10.417  -19.100 1.00 33.64  ? 138 LYS A CB  1 
ATOM   803  C CG  . LYS A 1 99  ? 3.470   10.711  -18.507 1.00 36.74  ? 138 LYS A CG  1 
ATOM   804  C CD  . LYS A 1 99  ? 2.592   11.476  -19.478 1.00 40.22  ? 138 LYS A CD  1 
ATOM   805  C CE  . LYS A 1 99  ? 1.099   11.305  -19.273 1.00 43.32  ? 138 LYS A CE  1 
ATOM   806  N NZ  . LYS A 1 99  ? 0.420   11.092  -20.575 1.00 45.49  ? 138 LYS A NZ  1 
ATOM   807  N N   . ALA A 1 100 ? 5.407   10.046  -15.771 1.00 30.23  ? 139 ALA A N   1 
ATOM   808  C CA  . ALA A 1 100 ? 5.365   10.726  -14.461 1.00 29.94  ? 139 ALA A CA  1 
ATOM   809  C C   . ALA A 1 100 ? 5.042   9.679   -13.408 1.00 27.89  ? 139 ALA A C   1 
ATOM   810  O O   . ALA A 1 100 ? 4.393   8.684   -13.731 1.00 26.13  ? 139 ALA A O   1 
ATOM   811  C CB  . ALA A 1 100 ? 4.328   11.835  -14.463 1.00 31.59  ? 139 ALA A CB  1 
ATOM   812  N N   . PRO A 1 101 ? 5.489   9.885   -12.148 1.00 30.52  ? 140 PRO A N   1 
ATOM   813  C CA  . PRO A 1 101 ? 5.254   8.931   -11.063 1.00 29.46  ? 140 PRO A CA  1 
ATOM   814  C C   . PRO A 1 101 ? 3.770   8.563   -10.940 1.00 27.58  ? 140 PRO A C   1 
ATOM   815  O O   . PRO A 1 101 ? 2.930   9.402   -11.184 1.00 27.22  ? 140 PRO A O   1 
ATOM   816  C CB  . PRO A 1 101 ? 5.736   9.669   -9.801  1.00 31.41  ? 140 PRO A CB  1 
ATOM   817  C CG  . PRO A 1 101 ? 6.719   10.706  -10.305 1.00 31.56  ? 140 PRO A CG  1 
ATOM   818  C CD  . PRO A 1 101 ? 6.267   11.062  -11.707 1.00 30.65  ? 140 PRO A CD  1 
ATOM   819  N N   . VAL A 1 102 ? 3.495   7.306   -10.607 1.00 27.42  ? 141 VAL A N   1 
ATOM   820  C CA  . VAL A 1 102 ? 2.116   6.774   -10.416 1.00 26.62  ? 141 VAL A CA  1 
ATOM   821  C C   . VAL A 1 102 ? 1.811   6.899   -8.919  1.00 27.34  ? 141 VAL A C   1 
ATOM   822  O O   . VAL A 1 102 ? 2.452   6.225   -8.108  1.00 27.37  ? 141 VAL A O   1 
ATOM   823  C CB  . VAL A 1 102 ? 1.994   5.329   -10.945 1.00 25.72  ? 141 VAL A CB  1 
ATOM   824  C CG1 . VAL A 1 102 ? 0.575   4.802   -10.855 1.00 24.68  ? 141 VAL A CG1 1 
ATOM   825  C CG2 . VAL A 1 102 ? 2.513   5.221   -12.373 1.00 25.32  ? 141 VAL A CG2 1 
ATOM   826  N N   A SER A 1 103 ? 0.848   7.758   -8.576  0.25 26.69  ? 142 SER A N   1 
ATOM   827  N N   B SER A 1 103 ? 0.841   7.748   -8.574  0.25 27.71  ? 142 SER A N   1 
ATOM   828  C CA  A SER A 1 103 ? 0.455   8.094   -7.183  0.25 26.35  ? 142 SER A CA  1 
ATOM   829  C CA  B SER A 1 103 ? 0.463   8.087   -7.176  0.25 28.00  ? 142 SER A CA  1 
ATOM   830  C C   A SER A 1 103 ? -0.879  7.422   -6.845  0.25 26.03  ? 142 SER A C   1 
ATOM   831  C C   B SER A 1 103 ? -0.883  7.443   -6.833  0.25 26.95  ? 142 SER A C   1 
ATOM   832  O O   A SER A 1 103 ? -1.809  7.522   -7.670  0.25 26.53  ? 142 SER A O   1 
ATOM   833  O O   B SER A 1 103 ? -1.821  7.576   -7.645  0.25 27.41  ? 142 SER A O   1 
ATOM   834  C CB  A SER A 1 103 ? 0.368   9.582   -6.983  0.25 25.44  ? 142 SER A CB  1 
ATOM   835  C CB  B SER A 1 103 ? 0.429   9.577   -6.977  0.25 28.15  ? 142 SER A CB  1 
ATOM   836  O OG  A SER A 1 103 ? 0.090   9.883   -5.626  0.25 25.10  ? 142 SER A OG  1 
ATOM   837  O OG  B SER A 1 103 ? 1.723   10.129  -7.169  0.25 30.38  ? 142 SER A OG  1 
ATOM   838  N N   . PHE A 1 104 ? -0.950  6.773   -5.678  1.00 25.65  ? 143 PHE A N   1 
ATOM   839  C CA  . PHE A 1 104 ? -2.162  6.085   -5.161  1.00 27.01  ? 143 PHE A CA  1 
ATOM   840  C C   . PHE A 1 104 ? -2.765  6.938   -4.037  1.00 28.72  ? 143 PHE A C   1 
ATOM   841  O O   . PHE A 1 104 ? -3.042  6.415   -2.939  1.00 23.75  ? 143 PHE A O   1 
ATOM   842  C CB  . PHE A 1 104 ? -1.781  4.687   -4.677  1.00 24.93  ? 143 PHE A CB  1 
ATOM   843  C CG  . PHE A 1 104 ? -1.507  3.731   -5.807  1.00 26.11  ? 143 PHE A CG  1 
ATOM   844  C CD1 . PHE A 1 104 ? -2.520  2.952   -6.331  1.00 26.42  ? 143 PHE A CD1 1 
ATOM   845  C CD2 . PHE A 1 104 ? -0.244  3.639   -6.367  1.00 26.15  ? 143 PHE A CD2 1 
ATOM   846  C CE1 . PHE A 1 104 ? -2.270  2.077   -7.376  1.00 26.24  ? 143 PHE A CE1 1 
ATOM   847  C CE2 . PHE A 1 104 ? 0.003   2.759   -7.405  1.00 25.24  ? 143 PHE A CE2 1 
ATOM   848  C CZ  . PHE A 1 104 ? -1.010  1.994   -7.911  1.00 24.54  ? 143 PHE A CZ  1 
ATOM   849  N N   . SER A 1 105 ? -2.992  8.219   -4.334  1.00 31.05  ? 144 SER A N   1 
ATOM   850  C CA  . SER A 1 105 ? -3.306  9.255   -3.316  1.00 34.44  ? 144 SER A CA  1 
ATOM   851  C C   . SER A 1 105 ? -4.745  9.120   -2.792  1.00 32.83  ? 144 SER A C   1 
ATOM   852  O O   . SER A 1 105 ? -4.988  9.584   -1.683  1.00 32.34  ? 144 SER A O   1 
ATOM   853  C CB  . SER A 1 105 ? -3.013  10.635  -3.865  1.00 35.42  ? 144 SER A CB  1 
ATOM   854  O OG  . SER A 1 105 ? -3.710  10.835  -5.074  1.00 37.05  ? 144 SER A OG  1 
ATOM   855  N N   . LYS A 1 106 ? -5.655  8.489   -3.541  1.00 33.05  ? 145 LYS A N   1 
ATOM   856  C CA  . LYS A 1 106 ? -7.109  8.460   -3.230  1.00 35.50  ? 145 LYS A CA  1 
ATOM   857  C C   . LYS A 1 106 ? -7.483  7.150   -2.516  1.00 36.24  ? 145 LYS A C   1 
ATOM   858  O O   . LYS A 1 106 ? -8.615  7.080   -2.015  1.00 36.37  ? 145 LYS A O   1 
ATOM   859  C CB  . LYS A 1 106 ? -7.961  8.613   -4.500  1.00 38.60  ? 145 LYS A CB  1 
ATOM   860  C CG  . LYS A 1 106 ? -7.693  9.844   -5.365  1.00 42.61  ? 145 LYS A CG  1 
ATOM   861  C CD  . LYS A 1 106 ? -7.507  11.125  -4.585  1.00 48.09  ? 145 LYS A CD  1 
ATOM   862  C CE  . LYS A 1 106 ? -7.690  12.381  -5.418  1.00 52.45  ? 145 LYS A CE  1 
ATOM   863  N NZ  . LYS A 1 106 ? -8.173  13.509  -4.579  1.00 54.14  ? 145 LYS A NZ  1 
ATOM   864  N N   . VAL A 1 107 ? -6.596  6.147   -2.465  1.00 33.66  ? 146 VAL A N   1 
ATOM   865  C CA  . VAL A 1 107 ? -6.913  4.860   -1.777  1.00 34.22  ? 146 VAL A CA  1 
ATOM   866  C C   . VAL A 1 107 ? -7.155  5.160   -0.290  1.00 34.20  ? 146 VAL A C   1 
ATOM   867  O O   . VAL A 1 107 ? -6.423  5.998   0.281   1.00 32.71  ? 146 VAL A O   1 
ATOM   868  C CB  . VAL A 1 107 ? -5.827  3.784   -1.974  1.00 35.31  ? 146 VAL A CB  1 
ATOM   869  C CG1 . VAL A 1 107 ? -4.540  4.101   -1.220  1.00 36.69  ? 146 VAL A CG1 1 
ATOM   870  C CG2 . VAL A 1 107 ? -6.347  2.412   -1.578  1.00 36.65  ? 146 VAL A CG2 1 
ATOM   871  N N   . LYS A 1 108 ? -8.172  4.519   0.290   1.00 35.15  ? 147 LYS A N   1 
ATOM   872  C CA  . LYS A 1 108 ? -8.612  4.707   1.699   1.00 33.35  ? 147 LYS A CA  1 
ATOM   873  C C   . LYS A 1 108 ? -8.545  3.369   2.432   1.00 31.90  ? 147 LYS A C   1 
ATOM   874  O O   . LYS A 1 108 ? -8.996  2.362   1.881   1.00 30.03  ? 147 LYS A O   1 
ATOM   875  C CB  . LYS A 1 108 ? -10.043 5.242   1.745   1.00 35.52  ? 147 LYS A CB  1 
ATOM   876  C CG  . LYS A 1 108 ? -10.170 6.709   1.383   1.00 38.45  ? 147 LYS A CG  1 
ATOM   877  C CD  . LYS A 1 108 ? -11.539 7.235   1.644   1.00 42.76  ? 147 LYS A CD  1 
ATOM   878  C CE  . LYS A 1 108 ? -11.619 8.725   1.438   1.00 47.33  ? 147 LYS A CE  1 
ATOM   879  N NZ  . LYS A 1 108 ? -12.914 9.245   1.927   1.00 49.42  ? 147 LYS A NZ  1 
ATOM   880  N N   . LEU A 1 109 ? -7.997  3.380   3.641   1.00 33.35  ? 148 LEU A N   1 
ATOM   881  C CA  . LEU A 1 109 ? -7.930  2.192   4.521   1.00 30.02  ? 148 LEU A CA  1 
ATOM   882  C C   . LEU A 1 109 ? -9.057  2.292   5.549   1.00 31.17  ? 148 LEU A C   1 
ATOM   883  O O   . LEU A 1 109 ? -9.230  3.371   6.176   1.00 29.32  ? 148 LEU A O   1 
ATOM   884  C CB  . LEU A 1 109 ? -6.554  2.131   5.186   1.00 28.79  ? 148 LEU A CB  1 
ATOM   885  C CG  . LEU A 1 109 ? -5.350  2.317   4.262   1.00 28.51  ? 148 LEU A CG  1 
ATOM   886  C CD1 . LEU A 1 109 ? -4.064  2.167   5.060   1.00 27.02  ? 148 LEU A CD1 1 
ATOM   887  C CD2 . LEU A 1 109 ? -5.391  1.366   3.072   1.00 27.54  ? 148 LEU A CD2 1 
ATOM   888  N N   . THR A 1 110 ? -9.790  1.196   5.717   1.00 29.93  ? 149 THR A N   1 
ATOM   889  C CA  . THR A 1 110 ? -11.005 1.118   6.557   1.00 32.02  ? 149 THR A CA  1 
ATOM   890  C C   . THR A 1 110 ? -10.922 -0.128  7.438   1.00 32.49  ? 149 THR A C   1 
ATOM   891  O O   . THR A 1 110 ? -10.222 -1.093  7.064   1.00 31.03  ? 149 THR A O   1 
ATOM   892  C CB  . THR A 1 110 ? -12.275 1.101   5.696   1.00 30.97  ? 149 THR A CB  1 
ATOM   893  O OG1 . THR A 1 110 ? -13.390 1.270   6.568   1.00 37.00  ? 149 THR A OG1 1 
ATOM   894  C CG2 . THR A 1 110 ? -12.462 -0.169  4.892   1.00 30.75  ? 149 THR A CG2 1 
ATOM   895  N N   . ASN A 1 111 ? -11.652 -0.097  8.541   1.00 33.98  ? 150 ASN A N   1 
ATOM   896  C CA  . ASN A 1 111 ? -11.894 -1.259  9.434   1.00 41.37  ? 150 ASN A CA  1 
ATOM   897  C C   . ASN A 1 111 ? -13.385 -1.650  9.400   1.00 47.27  ? 150 ASN A C   1 
ATOM   898  O O   . ASN A 1 111 ? -13.841 -2.291  10.360  1.00 52.57  ? 150 ASN A O   1 
ATOM   899  C CB  . ASN A 1 111 ? -11.382 -0.963  10.846  1.00 38.85  ? 150 ASN A CB  1 
ATOM   900  C CG  . ASN A 1 111 ? -12.113 0.163   11.546  1.00 39.54  ? 150 ASN A CG  1 
ATOM   901  O OD1 . ASN A 1 111 ? -11.843 0.445   12.713  1.00 44.53  ? 150 ASN A OD1 1 
ATOM   902  N ND2 . ASN A 1 111 ? -13.009 0.836   10.849  1.00 35.22  ? 150 ASN A ND2 1 
ATOM   903  N N   . LYS A 1 112 ? -14.119 -1.275  8.347   1.00 54.40  ? 151 LYS A N   1 
ATOM   904  C CA  . LYS A 1 112 ? -15.510 -1.735  8.079   1.00 59.49  ? 151 LYS A CA  1 
ATOM   905  C C   . LYS A 1 112 ? -15.695 -1.917  6.570   1.00 64.78  ? 151 LYS A C   1 
ATOM   906  O O   . LYS A 1 112 ? -15.345 -0.979  5.821   1.00 63.37  ? 151 LYS A O   1 
ATOM   907  C CB  . LYS A 1 112 ? -16.552 -0.732  8.583   1.00 63.56  ? 151 LYS A CB  1 
ATOM   908  C CG  . LYS A 1 112 ? -16.458 -0.347  10.054  1.00 71.42  ? 151 LYS A CG  1 
ATOM   909  C CD  . LYS A 1 112 ? -17.191 -1.284  11.004  1.00 75.22  ? 151 LYS A CD  1 
ATOM   910  C CE  . LYS A 1 112 ? -16.904 -0.973  12.459  1.00 78.57  ? 151 LYS A CE  1 
ATOM   911  N NZ  . LYS A 1 112 ? -15.535 -1.394  12.845  1.00 76.72  ? 151 LYS A NZ  1 
ATOM   912  N N   . LEU A 1 113 ? -16.247 -3.060  6.148   1.00 72.15  ? 152 LEU A N   1 
ATOM   913  C CA  . LEU A 1 113 ? -16.704 -3.297  4.748   1.00 81.76  ? 152 LEU A CA  1 
ATOM   914  C C   . LEU A 1 113 ? -17.916 -2.398  4.445   1.00 81.24  ? 152 LEU A C   1 
ATOM   915  O O   . LEU A 1 113 ? -19.016 -2.932  4.217   1.00 84.16  ? 152 LEU A O   1 
ATOM   916  C CB  . LEU A 1 113 ? -17.015 -4.785  4.512   1.00 85.44  ? 152 LEU A CB  1 
ATOM   917  C CG  . LEU A 1 113 ? -17.846 -5.566  5.546   1.00 92.08  ? 152 LEU A CG  1 
ATOM   918  C CD1 . LEU A 1 113 ? -16.966 -6.389  6.480   1.00 91.71  ? 152 LEU A CD1 1 
ATOM   919  C CD2 . LEU A 1 113 ? -18.815 -4.707  6.358   1.00 94.27  ? 152 LEU A CD2 1 
ATOM   920  N N   . ASN A 1 114 ? -17.705 -1.078  4.408   1.00 81.48  ? 153 ASN A N   1 
ATOM   921  C CA  . ASN A 1 114 ? -18.767 -0.053  4.213   1.00 80.61  ? 153 ASN A CA  1 
ATOM   922  C C   . ASN A 1 114 ? -18.709 0.451   2.762   1.00 82.87  ? 153 ASN A C   1 
ATOM   923  O O   . ASN A 1 114 ? -19.181 1.584   2.520   1.00 86.07  ? 153 ASN A O   1 
ATOM   924  C CB  . ASN A 1 114 ? -18.665 1.061   5.262   1.00 81.36  ? 153 ASN A CB  1 
ATOM   925  C CG  . ASN A 1 114 ? -17.528 2.033   5.022   1.00 84.56  ? 153 ASN A CG  1 
ATOM   926  O OD1 . ASN A 1 114 ? -17.770 3.216   4.795   1.00 91.43  ? 153 ASN A OD1 1 
ATOM   927  N ND2 . ASN A 1 114 ? -16.292 1.555   5.073   1.00 82.08  ? 153 ASN A ND2 1 
ATOM   928  N N   . GLY A 1 115 ? -18.172 -0.367  1.840   1.00 86.31  ? 154 GLY A N   1 
ATOM   929  C CA  . GLY A 1 115 ? -18.128 -0.117  0.382   1.00 84.01  ? 154 GLY A CA  1 
ATOM   930  C C   . GLY A 1 115 ? -17.174 1.010   0.009   1.00 84.81  ? 154 GLY A C   1 
ATOM   931  O O   . GLY A 1 115 ? -16.298 1.348   0.833   1.00 87.97  ? 154 GLY A O   1 
ATOM   932  N N   . GLY A 1 116 ? -17.331 1.561   -1.202  1.00 79.59  ? 155 GLY A N   1 
ATOM   933  C CA  . GLY A 1 116 ? -16.597 2.740   -1.707  1.00 69.95  ? 155 GLY A CA  1 
ATOM   934  C C   . GLY A 1 116 ? -15.176 2.411   -2.140  1.00 64.44  ? 155 GLY A C   1 
ATOM   935  O O   . GLY A 1 116 ? -14.300 3.273   -1.942  1.00 60.52  ? 155 GLY A O   1 
ATOM   936  N N   . GLY A 1 117 ? -14.950 1.218   -2.706  1.00 63.53  ? 156 GLY A N   1 
ATOM   937  C CA  . GLY A 1 117 ? -13.641 0.743   -3.209  1.00 57.10  ? 156 GLY A CA  1 
ATOM   938  C C   . GLY A 1 117 ? -12.518 0.917   -2.192  1.00 56.94  ? 156 GLY A C   1 
ATOM   939  O O   . GLY A 1 117 ? -11.364 1.140   -2.614  1.00 58.45  ? 156 GLY A O   1 
ATOM   940  N N   . GLN A 1 118 ? -12.838 0.812   -0.899  1.00 53.61  ? 157 GLN A N   1 
ATOM   941  C CA  . GLN A 1 118 ? -11.890 1.001   0.227   1.00 49.08  ? 157 GLN A CA  1 
ATOM   942  C C   . GLN A 1 118 ? -11.152 -0.321  0.480   1.00 47.07  ? 157 GLN A C   1 
ATOM   943  O O   . GLN A 1 118 ? -11.659 -1.391  0.052   1.00 44.34  ? 157 GLN A O   1 
ATOM   944  C CB  . GLN A 1 118 ? -12.651 1.462   1.466   1.00 49.12  ? 157 GLN A CB  1 
ATOM   945  C CG  . GLN A 1 118 ? -13.389 2.775   1.275   1.00 48.79  ? 157 GLN A CG  1 
ATOM   946  C CD  . GLN A 1 118 ? -14.118 3.167   2.534   1.00 50.34  ? 157 GLN A CD  1 
ATOM   947  O OE1 . GLN A 1 118 ? -13.658 2.900   3.636   1.00 49.71  ? 157 GLN A OE1 1 
ATOM   948  N NE2 . GLN A 1 118 ? -15.276 3.788   2.380   1.00 52.89  ? 157 GLN A NE2 1 
ATOM   949  N N   . ILE A 1 119 ? -10.000 -0.262  1.154   1.00 39.64  ? 158 ILE A N   1 
ATOM   950  C CA  . ILE A 1 119 ? -9.220  -1.477  1.527   1.00 34.46  ? 158 ILE A CA  1 
ATOM   951  C C   . ILE A 1 119 ? -9.500  -1.772  3.007   1.00 33.25  ? 158 ILE A C   1 
ATOM   952  O O   . ILE A 1 119 ? -9.217  -0.916  3.868   1.00 30.10  ? 158 ILE A O   1 
ATOM   953  C CB  . ILE A 1 119 ? -7.711  -1.309  1.262   1.00 34.54  ? 158 ILE A CB  1 
ATOM   954  C CG1 . ILE A 1 119 ? -7.383  -0.935  -0.189  1.00 36.61  ? 158 ILE A CG1 1 
ATOM   955  C CG2 . ILE A 1 119 ? -6.964  -2.542  1.738   1.00 31.25  ? 158 ILE A CG2 1 
ATOM   956  C CD1 . ILE A 1 119 ? -7.565  -2.044  -1.211  1.00 37.64  ? 158 ILE A CD1 1 
ATOM   957  N N   . MET A 1 120 ? -10.062 -2.943  3.276   1.00 34.62  ? 159 MET A N   1 
ATOM   958  C CA  . MET A 1 120 ? -10.326 -3.451  4.643   1.00 36.72  ? 159 MET A CA  1 
ATOM   959  C C   . MET A 1 120 ? -9.028  -4.034  5.220   1.00 34.28  ? 159 MET A C   1 
ATOM   960  O O   . MET A 1 120 ? -8.452  -4.953  4.588   1.00 33.11  ? 159 MET A O   1 
ATOM   961  C CB  . MET A 1 120 ? -11.399 -4.542  4.593   1.00 42.28  ? 159 MET A CB  1 
ATOM   962  C CG  . MET A 1 120 ? -11.584 -5.257  5.909   1.00 46.34  ? 159 MET A CG  1 
ATOM   963  S SD  . MET A 1 120 ? -12.632 -4.302  6.993   1.00 54.57  ? 159 MET A SD  1 
ATOM   964  C CE  . MET A 1 120 ? -14.151 -5.223  6.800   1.00 57.47  ? 159 MET A CE  1 
ATOM   965  N N   . LEU A 1 121 ? -8.589  -3.531  6.373   1.00 30.23  ? 160 LEU A N   1 
ATOM   966  C CA  . LEU A 1 121 ? -7.419  -4.061  7.119   1.00 30.51  ? 160 LEU A CA  1 
ATOM   967  C C   . LEU A 1 121 ? -7.852  -4.415  8.554   1.00 32.48  ? 160 LEU A C   1 
ATOM   968  O O   . LEU A 1 121 ? -8.874  -3.876  9.008   1.00 38.32  ? 160 LEU A O   1 
ATOM   969  C CB  . LEU A 1 121 ? -6.313  -3.000  7.118   1.00 28.60  ? 160 LEU A CB  1 
ATOM   970  C CG  . LEU A 1 121 ? -5.718  -2.596  5.763   1.00 25.93  ? 160 LEU A CG  1 
ATOM   971  C CD1 . LEU A 1 121 ? -4.557  -1.645  5.986   1.00 28.50  ? 160 LEU A CD1 1 
ATOM   972  C CD2 . LEU A 1 121 ? -5.238  -3.781  4.945   1.00 24.49  ? 160 LEU A CD2 1 
ATOM   973  N N   . ASN A 1 122 ? -7.115  -5.310  9.223   1.00 33.24  ? 161 ASN A N   1 
ATOM   974  C CA  . ASN A 1 122 ? -7.294  -5.624  10.661  1.00 32.26  ? 161 ASN A CA  1 
ATOM   975  C C   . ASN A 1 122 ? -6.411  -4.675  11.472  1.00 32.56  ? 161 ASN A C   1 
ATOM   976  O O   . ASN A 1 122 ? -5.213  -4.617  11.230  1.00 30.13  ? 161 ASN A O   1 
ATOM   977  C CB  . ASN A 1 122 ? -7.036  -7.099  10.950  1.00 31.14  ? 161 ASN A CB  1 
ATOM   978  C CG  . ASN A 1 122 ? -8.046  -7.978  10.243  1.00 32.35  ? 161 ASN A CG  1 
ATOM   979  O OD1 . ASN A 1 122 ? -9.159  -7.538  9.990   1.00 35.20  ? 161 ASN A OD1 1 
ATOM   980  N ND2 . ASN A 1 122 ? -7.671  -9.198  9.909   1.00 32.53  ? 161 ASN A ND2 1 
ATOM   981  N N   . SER A 1 123 ? -7.013  -3.958  12.416  1.00 34.23  ? 162 SER A N   1 
ATOM   982  C CA  . SER A 1 123 ? -6.279  -3.161  13.423  1.00 34.41  ? 162 SER A CA  1 
ATOM   983  C C   . SER A 1 123 ? -5.216  -4.040  14.093  1.00 32.76  ? 162 SER A C   1 
ATOM   984  O O   . SER A 1 123 ? -5.479  -5.263  14.313  1.00 29.67  ? 162 SER A O   1 
ATOM   985  C CB  . SER A 1 123 ? -7.222  -2.554  14.411  1.00 37.39  ? 162 SER A CB  1 
ATOM   986  O OG  . SER A 1 123 ? -6.534  -1.568  15.166  1.00 45.51  ? 162 SER A OG  1 
ATOM   987  N N   . LEU A 1 124 ? -4.040  -3.450  14.323  1.00 27.42  ? 163 LEU A N   1 
ATOM   988  C CA  . LEU A 1 124 ? -2.886  -4.014  15.071  1.00 29.17  ? 163 LEU A CA  1 
ATOM   989  C C   . LEU A 1 124 ? -2.245  -5.164  14.277  1.00 26.80  ? 163 LEU A C   1 
ATOM   990  O O   . LEU A 1 124 ? -1.500  -5.952  14.851  1.00 24.52  ? 163 LEU A O   1 
ATOM   991  C CB  . LEU A 1 124 ? -3.336  -4.385  16.492  1.00 30.22  ? 163 LEU A CB  1 
ATOM   992  C CG  . LEU A 1 124 ? -3.762  -3.181  17.353  1.00 32.76  ? 163 LEU A CG  1 
ATOM   993  C CD1 . LEU A 1 124 ? -4.262  -3.596  18.732  1.00 32.82  ? 163 LEU A CD1 1 
ATOM   994  C CD2 . LEU A 1 124 ? -2.636  -2.177  17.493  1.00 31.30  ? 163 LEU A CD2 1 
ATOM   995  N N   . HIS A 1 125 ? -2.480  -5.215  12.969  1.00 28.98  ? 164 HIS A N   1 
ATOM   996  C CA  . HIS A 1 125 ? -1.822  -6.173  12.043  1.00 28.55  ? 164 HIS A CA  1 
ATOM   997  C C   . HIS A 1 125 ? -0.959  -5.396  11.053  1.00 26.80  ? 164 HIS A C   1 
ATOM   998  O O   . HIS A 1 125 ? -1.361  -4.256  10.672  1.00 25.66  ? 164 HIS A O   1 
ATOM   999  C CB  . HIS A 1 125 ? -2.852  -7.026  11.312  1.00 31.02  ? 164 HIS A CB  1 
ATOM   1000 C CG  . HIS A 1 125 ? -3.628  -7.935  12.201  1.00 30.04  ? 164 HIS A CG  1 
ATOM   1001 N ND1 . HIS A 1 125 ? -4.571  -7.464  13.075  1.00 31.48  ? 164 HIS A ND1 1 
ATOM   1002 C CD2 . HIS A 1 125 ? -3.638  -9.286  12.307  1.00 30.29  ? 164 HIS A CD2 1 
ATOM   1003 C CE1 . HIS A 1 125 ? -5.137  -8.488  13.696  1.00 31.49  ? 164 HIS A CE1 1 
ATOM   1004 N NE2 . HIS A 1 125 ? -4.557  -9.612  13.259  1.00 28.78  ? 164 HIS A NE2 1 
ATOM   1005 N N   . LYS A 1 126 ? 0.183   -5.977  10.698  1.00 25.81  ? 165 LYS A N   1 
ATOM   1006 C CA  . LYS A 1 126 ? 1.217   -5.368  9.826   1.00 26.39  ? 165 LYS A CA  1 
ATOM   1007 C C   . LYS A 1 126 ? 0.893   -5.760  8.384   1.00 27.59  ? 165 LYS A C   1 
ATOM   1008 O O   . LYS A 1 126 ? 0.549   -6.931  8.168   1.00 25.95  ? 165 LYS A O   1 
ATOM   1009 C CB  . LYS A 1 126 ? 2.612   -5.848  10.233  1.00 27.73  ? 165 LYS A CB  1 
ATOM   1010 C CG  . LYS A 1 126 ? 3.766   -5.315  9.379   1.00 31.29  ? 165 LYS A CG  1 
ATOM   1011 C CD  . LYS A 1 126 ? 5.154   -5.581  9.935   1.00 32.84  ? 165 LYS A CD  1 
ATOM   1012 C CE  . LYS A 1 126 ? 5.361   -4.863  11.262  1.00 37.09  ? 165 LYS A CE  1 
ATOM   1013 N NZ  . LYS A 1 126 ? 6.769   -4.889  11.734  1.00 40.11  ? 165 LYS A NZ  1 
ATOM   1014 N N   . TYR A 1 127 ? 0.932   -4.791  7.467   1.00 26.26  ? 166 TYR A N   1 
ATOM   1015 C CA  . TYR A 1 127 ? 0.654   -4.962  6.020   1.00 27.49  ? 166 TYR A CA  1 
ATOM   1016 C C   . TYR A 1 127 ? 1.803   -4.374  5.207   1.00 28.05  ? 166 TYR A C   1 
ATOM   1017 O O   . TYR A 1 127 ? 2.468   -3.429  5.698   1.00 28.32  ? 166 TYR A O   1 
ATOM   1018 C CB  . TYR A 1 127 ? -0.680  -4.324  5.644   1.00 26.14  ? 166 TYR A CB  1 
ATOM   1019 C CG  . TYR A 1 127 ? -1.855  -4.995  6.297   1.00 26.31  ? 166 TYR A CG  1 
ATOM   1020 C CD1 . TYR A 1 127 ? -2.372  -6.174  5.787   1.00 26.22  ? 166 TYR A CD1 1 
ATOM   1021 C CD2 . TYR A 1 127 ? -2.401  -4.498  7.472   1.00 26.65  ? 166 TYR A CD2 1 
ATOM   1022 C CE1 . TYR A 1 127 ? -3.442  -6.817  6.395   1.00 26.16  ? 166 TYR A CE1 1 
ATOM   1023 C CE2 . TYR A 1 127 ? -3.477  -5.123  8.085   1.00 28.24  ? 166 TYR A CE2 1 
ATOM   1024 C CZ  . TYR A 1 127 ? -3.996  -6.290  7.548   1.00 26.50  ? 166 TYR A CZ  1 
ATOM   1025 O OH  . TYR A 1 127 ? -5.052  -6.910  8.159   1.00 26.70  ? 166 TYR A OH  1 
ATOM   1026 N N   . GLU A 1 128 ? 2.038   -4.973  4.036   1.00 28.44  ? 167 GLU A N   1 
ATOM   1027 C CA  . GLU A 1 128 ? 3.008   -4.518  3.006   1.00 29.40  ? 167 GLU A CA  1 
ATOM   1028 C C   . GLU A 1 128 ? 2.252   -4.275  1.701   1.00 28.73  ? 167 GLU A C   1 
ATOM   1029 O O   . GLU A 1 128 ? 1.736   -5.216  1.085   1.00 27.91  ? 167 GLU A O   1 
ATOM   1030 C CB  . GLU A 1 128 ? 4.084   -5.574  2.789   1.00 31.68  ? 167 GLU A CB  1 
ATOM   1031 C CG  . GLU A 1 128 ? 5.268   -5.059  1.982   1.00 35.77  ? 167 GLU A CG  1 
ATOM   1032 C CD  . GLU A 1 128 ? 6.360   -6.106  1.901   1.00 40.37  ? 167 GLU A CD  1 
ATOM   1033 O OE1 . GLU A 1 128 ? 6.155   -7.070  1.140   1.00 41.64  ? 167 GLU A OE1 1 
ATOM   1034 O OE2 . GLU A 1 128 ? 7.346   -6.026  2.681   1.00 41.86  ? 167 GLU A OE2 1 
ATOM   1035 N N   . PRO A 1 129 ? 2.166   -3.001  1.261   1.00 28.24  ? 168 PRO A N   1 
ATOM   1036 C CA  . PRO A 1 129 ? 1.649   -2.654  -0.060  1.00 25.94  ? 168 PRO A CA  1 
ATOM   1037 C C   . PRO A 1 129 ? 2.318   -3.396  -1.230  1.00 24.95  ? 168 PRO A C   1 
ATOM   1038 O O   . PRO A 1 129 ? 3.533   -3.676  -1.196  1.00 23.85  ? 168 PRO A O   1 
ATOM   1039 C CB  . PRO A 1 129 ? 1.945   -1.153  -0.158  1.00 27.84  ? 168 PRO A CB  1 
ATOM   1040 C CG  . PRO A 1 129 ? 1.920   -0.682  1.259   1.00 27.48  ? 168 PRO A CG  1 
ATOM   1041 C CD  . PRO A 1 129 ? 2.543   -1.815  2.040   1.00 28.77  ? 168 PRO A CD  1 
ATOM   1042 N N   . ARG A 1 130 ? 1.504   -3.738  -2.222  1.00 23.87  ? 169 ARG A N   1 
ATOM   1043 C CA  . ARG A 1 130 ? 1.920   -4.547  -3.387  1.00 25.69  ? 169 ARG A CA  1 
ATOM   1044 C C   . ARG A 1 130 ? 1.162   -4.014  -4.596  1.00 26.36  ? 169 ARG A C   1 
ATOM   1045 O O   . ARG A 1 130 ? -0.090  -3.966  -4.546  1.00 25.86  ? 169 ARG A O   1 
ATOM   1046 C CB  . ARG A 1 130 ? 1.660   -6.036  -3.132  1.00 26.01  ? 169 ARG A CB  1 
ATOM   1047 C CG  . ARG A 1 130 ? 1.931   -6.930  -4.336  1.00 28.17  ? 169 ARG A CG  1 
ATOM   1048 C CD  . ARG A 1 130 ? 1.803   -8.417  -4.044  1.00 28.11  ? 169 ARG A CD  1 
ATOM   1049 N NE  . ARG A 1 130 ? 0.431   -8.770  -3.717  1.00 25.50  ? 169 ARG A NE  1 
ATOM   1050 C CZ  . ARG A 1 130 ? 0.010   -10.008 -3.500  1.00 26.27  ? 169 ARG A CZ  1 
ATOM   1051 N NH1 . ARG A 1 130 ? 0.863   -11.013 -3.551  1.00 23.85  ? 169 ARG A NH1 1 
ATOM   1052 N NH2 . ARG A 1 130 ? -1.262  -10.237 -3.221  1.00 26.14  ? 169 ARG A NH2 1 
ATOM   1053 N N   . ILE A 1 131 ? 1.907   -3.633  -5.630  1.00 25.61  ? 170 ILE A N   1 
ATOM   1054 C CA  . ILE A 1 131 ? 1.360   -3.116  -6.911  1.00 25.38  ? 170 ILE A CA  1 
ATOM   1055 C C   . ILE A 1 131 ? 1.427   -4.230  -7.958  1.00 26.17  ? 170 ILE A C   1 
ATOM   1056 O O   . ILE A 1 131 ? 2.484   -4.878  -8.090  1.00 27.29  ? 170 ILE A O   1 
ATOM   1057 C CB  . ILE A 1 131 ? 2.151   -1.870  -7.338  1.00 24.82  ? 170 ILE A CB  1 
ATOM   1058 C CG1 . ILE A 1 131 ? 1.950   -0.743  -6.322  1.00 24.92  ? 170 ILE A CG1 1 
ATOM   1059 C CG2 . ILE A 1 131 ? 1.796   -1.470  -8.763  1.00 24.37  ? 170 ILE A CG2 1 
ATOM   1060 C CD1 . ILE A 1 131 ? 2.787   0.514   -6.586  1.00 25.75  ? 170 ILE A CD1 1 
ATOM   1061 N N   . HIS A 1 132 ? 0.332   -4.411  -8.683  1.00 26.64  ? 171 HIS A N   1 
ATOM   1062 C CA  . HIS A 1 132 ? 0.199   -5.338  -9.828  1.00 28.33  ? 171 HIS A CA  1 
ATOM   1063 C C   . HIS A 1 132 ? 0.051   -4.532  -11.119 1.00 27.60  ? 171 HIS A C   1 
ATOM   1064 O O   . HIS A 1 132 ? -0.763  -3.599  -11.136 1.00 26.46  ? 171 HIS A O   1 
ATOM   1065 C CB  . HIS A 1 132 ? -1.016  -6.234  -9.638  1.00 28.96  ? 171 HIS A CB  1 
ATOM   1066 C CG  . HIS A 1 132 ? -1.049  -6.900  -8.318  1.00 30.39  ? 171 HIS A CG  1 
ATOM   1067 N ND1 . HIS A 1 132 ? -0.599  -8.185  -8.143  1.00 32.14  ? 171 HIS A ND1 1 
ATOM   1068 C CD2 . HIS A 1 132 ? -1.459  -6.464  -7.112  1.00 31.07  ? 171 HIS A CD2 1 
ATOM   1069 C CE1 . HIS A 1 132 ? -0.737  -8.519  -6.873  1.00 32.08  ? 171 HIS A CE1 1 
ATOM   1070 N NE2 . HIS A 1 132 ? -1.265  -7.487  -6.224  1.00 30.14  ? 171 HIS A NE2 1 
ATOM   1071 N N   . ILE A 1 133 ? 0.783   -4.903  -12.167 1.00 25.94  ? 172 ILE A N   1 
ATOM   1072 C CA  . ILE A 1 133 ? 0.580   -4.323  -13.521 1.00 24.63  ? 172 ILE A CA  1 
ATOM   1073 C C   . ILE A 1 133 ? -0.050  -5.415  -14.388 1.00 25.41  ? 172 ILE A C   1 
ATOM   1074 O O   . ILE A 1 133 ? 0.541   -6.497  -14.494 1.00 23.31  ? 172 ILE A O   1 
ATOM   1075 C CB  . ILE A 1 133 ? 1.892   -3.744  -14.073 1.00 24.45  ? 172 ILE A CB  1 
ATOM   1076 C CG1 . ILE A 1 133 ? 2.453   -2.666  -13.138 1.00 24.62  ? 172 ILE A CG1 1 
ATOM   1077 C CG2 . ILE A 1 133 ? 1.696   -3.215  -15.485 1.00 25.29  ? 172 ILE A CG2 1 
ATOM   1078 C CD1 . ILE A 1 133 ? 3.915   -2.329  -13.378 1.00 24.95  ? 172 ILE A CD1 1 
ATOM   1079 N N   . VAL A 1 134 ? -1.233  -5.117  -14.928 1.00 26.01  ? 173 VAL A N   1 
ATOM   1080 C CA  . VAL A 1 134 ? -2.126  -6.022  -15.698 1.00 28.45  ? 173 VAL A CA  1 
ATOM   1081 C C   . VAL A 1 134 ? -2.181  -5.518  -17.143 1.00 30.43  ? 173 VAL A C   1 
ATOM   1082 O O   . VAL A 1 134 ? -2.740  -4.429  -17.357 1.00 32.40  ? 173 VAL A O   1 
ATOM   1083 C CB  . VAL A 1 134 ? -3.532  -6.032  -15.067 1.00 30.98  ? 173 VAL A CB  1 
ATOM   1084 C CG1 . VAL A 1 134 ? -4.453  -7.071  -15.697 1.00 32.69  ? 173 VAL A CG1 1 
ATOM   1085 C CG2 . VAL A 1 134 ? -3.458  -6.235  -13.570 1.00 31.60  ? 173 VAL A CG2 1 
ATOM   1086 N N   . ARG A 1 135 ? -1.605  -6.270  -18.086 1.00 31.06  ? 174 ARG A N   1 
ATOM   1087 C CA  . ARG A 1 135 ? -1.625  -5.935  -19.526 1.00 32.89  ? 174 ARG A CA  1 
ATOM   1088 C C   . ARG A 1 135 ? -3.042  -6.152  -20.045 1.00 31.23  ? 174 ARG A C   1 
ATOM   1089 O O   . ARG A 1 135 ? -3.593  -7.224  -19.788 1.00 32.55  ? 174 ARG A O   1 
ATOM   1090 C CB  . ARG A 1 135 ? -0.664  -6.802  -20.331 1.00 33.57  ? 174 ARG A CB  1 
ATOM   1091 C CG  . ARG A 1 135 ? -0.518  -6.319  -21.763 1.00 37.25  ? 174 ARG A CG  1 
ATOM   1092 C CD  . ARG A 1 135 ? 0.775   -6.830  -22.325 1.00 41.29  ? 174 ARG A CD  1 
ATOM   1093 N NE  . ARG A 1 135 ? 0.802   -8.291  -22.299 1.00 47.52  ? 174 ARG A NE  1 
ATOM   1094 C CZ  . ARG A 1 135 ? 1.912   -9.041  -22.309 1.00 48.15  ? 174 ARG A CZ  1 
ATOM   1095 N NH1 . ARG A 1 135 ? 1.827   -10.368 -22.305 1.00 42.58  ? 174 ARG A NH1 1 
ATOM   1096 N NH2 . ARG A 1 135 ? 3.100   -8.456  -22.315 1.00 46.94  ? 174 ARG A NH2 1 
ATOM   1097 N N   . VAL A 1 136 ? -3.633  -5.173  -20.724 1.00 33.92  ? 175 VAL A N   1 
ATOM   1098 C CA  . VAL A 1 136 ? -5.056  -5.330  -21.130 1.00 32.22  ? 175 VAL A CA  1 
ATOM   1099 C C   . VAL A 1 136 ? -5.080  -6.066  -22.474 1.00 32.61  ? 175 VAL A C   1 
ATOM   1100 O O   . VAL A 1 136 ? -4.089  -5.978  -23.235 1.00 30.58  ? 175 VAL A O   1 
ATOM   1101 C CB  . VAL A 1 136 ? -5.861  -4.019  -21.123 1.00 35.02  ? 175 VAL A CB  1 
ATOM   1102 C CG1 . VAL A 1 136 ? -5.253  -2.972  -20.211 1.00 35.70  ? 175 VAL A CG1 1 
ATOM   1103 C CG2 . VAL A 1 136 ? -6.142  -3.475  -22.505 1.00 36.96  ? 175 VAL A CG2 1 
ATOM   1104 N N   . GLY A 1 137 ? -6.155  -6.823  -22.685 1.00 33.70  ? 176 GLY A N   1 
ATOM   1105 C CA  . GLY A 1 137 ? -6.468  -7.550  -23.928 1.00 37.49  ? 176 GLY A CA  1 
ATOM   1106 C C   . GLY A 1 137 ? -5.495  -8.681  -24.159 1.00 37.52  ? 176 GLY A C   1 
ATOM   1107 O O   . GLY A 1 137 ? -5.194  -8.969  -25.317 1.00 38.53  ? 176 GLY A O   1 
ATOM   1108 N N   . ASP A 1 138 ? -4.977  -9.281  -23.087 1.00 36.82  ? 177 ASP A N   1 
ATOM   1109 C CA  . ASP A 1 138 ? -3.931  -10.327 -23.204 1.00 34.08  ? 177 ASP A CA  1 
ATOM   1110 C C   . ASP A 1 138 ? -4.570  -11.688 -22.935 1.00 30.82  ? 177 ASP A C   1 
ATOM   1111 O O   . ASP A 1 138 ? -5.111  -11.886 -21.855 1.00 28.96  ? 177 ASP A O   1 
ATOM   1112 C CB  . ASP A 1 138 ? -2.788  -10.007 -22.251 1.00 33.85  ? 177 ASP A CB  1 
ATOM   1113 C CG  . ASP A 1 138 ? -1.714  -11.070 -22.244 1.00 32.63  ? 177 ASP A CG  1 
ATOM   1114 O OD1 . ASP A 1 138 ? -1.766  -11.984 -23.091 1.00 36.14  ? 177 ASP A OD1 1 
ATOM   1115 O OD2 . ASP A 1 138 ? -0.865  -10.988 -21.386 1.00 32.99  ? 177 ASP A OD2 1 
ATOM   1116 N N   . PRO A 1 139 ? -4.578  -12.639 -23.903 1.00 30.15  ? 178 PRO A N   1 
ATOM   1117 C CA  . PRO A 1 139 ? -5.212  -13.942 -23.675 1.00 29.65  ? 178 PRO A CA  1 
ATOM   1118 C C   . PRO A 1 139 ? -4.503  -14.732 -22.553 1.00 29.41  ? 178 PRO A C   1 
ATOM   1119 O O   . PRO A 1 139 ? -5.124  -15.587 -21.972 1.00 29.46  ? 178 PRO A O   1 
ATOM   1120 C CB  . PRO A 1 139 ? -5.151  -14.651 -25.037 1.00 30.47  ? 178 PRO A CB  1 
ATOM   1121 C CG  . PRO A 1 139 ? -4.104  -13.897 -25.844 1.00 30.99  ? 178 PRO A CG  1 
ATOM   1122 C CD  . PRO A 1 139 ? -4.030  -12.503 -25.264 1.00 30.19  ? 178 PRO A CD  1 
ATOM   1123 N N   . GLN A 1 140 ? -3.252  -14.388 -22.216 1.00 28.03  ? 179 GLN A N   1 
ATOM   1124 C CA  . GLN A 1 140 ? -2.489  -15.027 -21.112 1.00 27.28  ? 179 GLN A CA  1 
ATOM   1125 C C   . GLN A 1 140 ? -2.658  -14.273 -19.787 1.00 27.19  ? 179 GLN A C   1 
ATOM   1126 O O   . GLN A 1 140 ? -2.134  -14.765 -18.753 1.00 25.44  ? 179 GLN A O   1 
ATOM   1127 C CB  . GLN A 1 140 ? -1.023  -15.103 -21.489 1.00 29.35  ? 179 GLN A CB  1 
ATOM   1128 C CG  . GLN A 1 140 ? -0.776  -15.969 -22.707 1.00 33.97  ? 179 GLN A CG  1 
ATOM   1129 C CD  . GLN A 1 140 ? 0.707   -16.175 -22.867 1.00 36.00  ? 179 GLN A CD  1 
ATOM   1130 O OE1 . GLN A 1 140 ? 1.245   -17.222 -22.522 1.00 41.40  ? 179 GLN A OE1 1 
ATOM   1131 N NE2 . GLN A 1 140 ? 1.380   -15.145 -23.345 1.00 35.32  ? 179 GLN A NE2 1 
ATOM   1132 N N   . ARG A 1 141 ? -3.380  -13.160 -19.802 1.00 27.19  ? 180 ARG A N   1 
ATOM   1133 C CA  . ARG A 1 141 ? -3.655  -12.369 -18.574 1.00 30.01  ? 180 ARG A CA  1 
ATOM   1134 C C   . ARG A 1 141 ? -2.373  -12.217 -17.771 1.00 29.31  ? 180 ARG A C   1 
ATOM   1135 O O   . ARG A 1 141 ? -2.350  -12.504 -16.603 1.00 29.01  ? 180 ARG A O   1 
ATOM   1136 C CB  . ARG A 1 141 ? -4.768  -13.024 -17.771 1.00 32.92  ? 180 ARG A CB  1 
ATOM   1137 C CG  . ARG A 1 141 ? -5.986  -13.286 -18.628 1.00 37.65  ? 180 ARG A CG  1 
ATOM   1138 C CD  . ARG A 1 141 ? -7.180  -13.522 -17.754 1.00 42.11  ? 180 ARG A CD  1 
ATOM   1139 N NE  . ARG A 1 141 ? -7.333  -14.934 -17.923 1.00 46.15  ? 180 ARG A NE  1 
ATOM   1140 C CZ  . ARG A 1 141 ? -7.114  -15.788 -16.966 1.00 55.65  ? 180 ARG A CZ  1 
ATOM   1141 N NH1 . ARG A 1 141 ? -7.268  -17.065 -17.204 1.00 56.01  ? 180 ARG A NH1 1 
ATOM   1142 N NH2 . ARG A 1 141 ? -6.779  -15.370 -15.766 1.00 62.21  ? 180 ARG A NH2 1 
ATOM   1143 N N   A MET A 1 142 ? -1.318  -11.769 -18.438 0.25 28.54  ? 181 MET A N   1 
ATOM   1144 N N   B MET A 1 142 ? -1.350  -11.739 -18.465 0.25 30.10  ? 181 MET A N   1 
ATOM   1145 C CA  A MET A 1 142 ? 0.008   -11.597 -17.790 0.25 27.63  ? 181 MET A CA  1 
ATOM   1146 C CA  B MET A 1 142 ? 0.005   -11.525 -17.905 0.25 30.20  ? 181 MET A CA  1 
ATOM   1147 C C   A MET A 1 142 ? -0.114  -10.489 -16.738 0.25 25.67  ? 181 MET A C   1 
ATOM   1148 C C   B MET A 1 142 ? -0.070  -10.396 -16.870 0.25 28.51  ? 181 MET A C   1 
ATOM   1149 O O   A MET A 1 142 ? -0.634  -9.414  -17.072 0.25 25.90  ? 181 MET A O   1 
ATOM   1150 O O   B MET A 1 142 ? -0.597  -9.323  -17.206 0.25 29.18  ? 181 MET A O   1 
ATOM   1151 C CB  A MET A 1 142 ? 1.113   -11.240 -18.791 0.25 27.57  ? 181 MET A CB  1 
ATOM   1152 C CB  B MET A 1 142 ? 0.994   -11.171 -19.020 0.25 30.88  ? 181 MET A CB  1 
ATOM   1153 C CG  A MET A 1 142 ? 2.478   -11.062 -18.134 0.25 28.14  ? 181 MET A CG  1 
ATOM   1154 C CG  B MET A 1 142 ? 2.427   -11.105 -18.557 0.25 32.07  ? 181 MET A CG  1 
ATOM   1155 S SD  A MET A 1 142 ? 3.779   -10.548 -19.292 0.25 29.74  ? 181 MET A SD  1 
ATOM   1156 S SD  B MET A 1 142 ? 2.771   -9.562  -17.691 0.25 34.72  ? 181 MET A SD  1 
ATOM   1157 C CE  A MET A 1 142 ? 5.121   -10.164 -18.170 0.25 28.03  ? 181 MET A CE  1 
ATOM   1158 C CE  B MET A 1 142 ? 3.000   -8.443  -19.075 0.25 34.18  ? 181 MET A CE  1 
ATOM   1159 N N   A ILE A 1 143 ? 0.305   -10.778 -15.506 0.25 24.17  ? 182 ILE A N   1 
ATOM   1160 N N   B ILE A 1 143 ? 0.401   -10.662 -15.651 0.25 27.05  ? 182 ILE A N   1 
ATOM   1161 C CA  A ILE A 1 143 ? 0.382   -9.799  -14.385 0.25 23.69  ? 182 ILE A CA  1 
ATOM   1162 C CA  B ILE A 1 143 ? 0.388   -9.718  -14.496 0.25 26.68  ? 182 ILE A CA  1 
ATOM   1163 C C   A ILE A 1 143 ? 1.819   -9.800  -13.851 0.25 23.20  ? 182 ILE A C   1 
ATOM   1164 C C   B ILE A 1 143 ? 1.758   -9.779  -13.810 0.25 26.01  ? 182 ILE A C   1 
ATOM   1165 O O   A ILE A 1 143 ? 2.471   -10.869 -13.873 0.25 22.41  ? 182 ILE A O   1 
ATOM   1166 O O   B ILE A 1 143 ? 2.268   -10.899 -13.604 0.25 25.74  ? 182 ILE A O   1 
ATOM   1167 C CB  A ILE A 1 143 ? -0.654  -10.125 -13.292 0.25 23.12  ? 182 ILE A CB  1 
ATOM   1168 C CB  B ILE A 1 143 ? -0.770  -10.064 -13.538 0.25 26.20  ? 182 ILE A CB  1 
ATOM   1169 C CG1 A ILE A 1 143 ? -2.075  -10.158 -13.861 0.25 23.27  ? 182 ILE A CG1 1 
ATOM   1170 C CG1 B ILE A 1 143 ? -0.874  -9.082  -12.369 0.25 26.32  ? 182 ILE A CG1 1 
ATOM   1171 C CG2 A ILE A 1 143 ? -0.533  -9.156  -12.123 0.25 23.11  ? 182 ILE A CG2 1 
ATOM   1172 C CG2 B ILE A 1 143 ? -0.656  -11.500 -13.050 0.25 26.76  ? 182 ILE A CG2 1 
ATOM   1173 C CD1 A ILE A 1 143 ? -3.110  -10.723 -12.915 0.25 23.13  ? 182 ILE A CD1 1 
ATOM   1174 C CD1 B ILE A 1 143 ? -2.172  -9.201  -11.603 0.25 26.15  ? 182 ILE A CD1 1 
ATOM   1175 N N   A THR A 1 144 ? 2.307   -8.626  -13.452 0.25 23.12  ? 183 THR A N   1 
ATOM   1176 N N   B THR A 1 144 ? 2.351   -8.618  -13.517 0.25 25.60  ? 183 THR A N   1 
ATOM   1177 C CA  A THR A 1 144 ? 3.571   -8.446  -12.698 0.25 23.19  ? 183 THR A CA  1 
ATOM   1178 C CA  B THR A 1 144 ? 3.633   -8.485  -12.779 0.25 25.37  ? 183 THR A CA  1 
ATOM   1179 C C   A THR A 1 144 ? 3.222   -7.868  -11.325 0.25 23.48  ? 183 THR A C   1 
ATOM   1180 C C   B THR A 1 144 ? 3.359   -7.833  -11.421 0.25 25.86  ? 183 THR A C   1 
ATOM   1181 O O   A THR A 1 144 ? 2.350   -6.977  -11.264 0.25 22.65  ? 183 THR A O   1 
ATOM   1182 O O   B THR A 1 144 ? 2.888   -6.682  -11.411 0.25 26.23  ? 183 THR A O   1 
ATOM   1183 C CB  A THR A 1 144 ? 4.560   -7.541  -13.437 0.25 23.47  ? 183 THR A CB  1 
ATOM   1184 C CB  B THR A 1 144 ? 4.675   -7.688  -13.576 0.25 25.15  ? 183 THR A CB  1 
ATOM   1185 O OG1 A THR A 1 144 ? 4.021   -6.220  -13.410 0.25 23.47  ? 183 THR A OG1 1 
ATOM   1186 O OG1 B THR A 1 144 ? 4.822   -8.263  -14.873 0.25 24.49  ? 183 THR A OG1 1 
ATOM   1187 C CG2 A THR A 1 144 ? 4.818   -7.973  -14.864 0.25 23.18  ? 183 THR A CG2 1 
ATOM   1188 C CG2 B THR A 1 144 ? 6.027   -7.656  -12.898 0.25 24.84  ? 183 THR A CG2 1 
ATOM   1189 N N   A SER A 1 145 ? 3.858   -8.384  -10.271 0.25 22.54  ? 184 SER A N   1 
ATOM   1190 N N   B SER A 1 145 ? 3.625   -8.553  -10.327 0.25 24.61  ? 184 SER A N   1 
ATOM   1191 C CA  A SER A 1 145 ? 3.662   -7.927  -8.874  0.25 22.93  ? 184 SER A CA  1 
ATOM   1192 C CA  B SER A 1 145 ? 3.466   -8.065  -8.933  0.25 24.58  ? 184 SER A CA  1 
ATOM   1193 C C   A SER A 1 145 ? 4.991   -7.427  -8.312  0.25 22.01  ? 184 SER A C   1 
ATOM   1194 C C   B SER A 1 145 ? 4.779   -7.422  -8.473  0.25 23.55  ? 184 SER A C   1 
ATOM   1195 O O   A SER A 1 145 ? 6.001   -8.153  -8.431  0.25 21.14  ? 184 SER A O   1 
ATOM   1196 O O   B SER A 1 145 ? 5.832   -7.772  -9.028  0.25 22.82  ? 184 SER A O   1 
ATOM   1197 C CB  A SER A 1 145 ? 3.081   -9.013  -8.018  0.25 22.84  ? 184 SER A CB  1 
ATOM   1198 C CB  B SER A 1 145 ? 3.040   -9.171  -8.007  0.25 24.48  ? 184 SER A CB  1 
ATOM   1199 O OG  A SER A 1 145 ? 1.955   -9.591  -8.655  0.25 24.06  ? 184 SER A OG  1 
ATOM   1200 O OG  B SER A 1 145 ? 3.928   -10.275 -8.099  0.25 25.41  ? 184 SER A OG  1 
ATOM   1201 N N   A HIS A 1 146 ? 4.968   -6.225  -7.734  0.25 21.87  ? 185 HIS A N   1 
ATOM   1202 N N   B HIS A 1 146 ? 4.702   -6.521  -7.490  0.25 23.07  ? 185 HIS A N   1 
ATOM   1203 C CA  A HIS A 1 146 ? 6.089   -5.625  -6.968  0.25 22.29  ? 185 HIS A CA  1 
ATOM   1204 C CA  B HIS A 1 146 ? 5.842   -5.726  -6.963  0.25 23.30  ? 185 HIS A CA  1 
ATOM   1205 C C   A HIS A 1 146 ? 5.625   -5.378  -5.533  0.25 23.14  ? 185 HIS A C   1 
ATOM   1206 C C   B HIS A 1 146 ? 5.567   -5.387  -5.495  0.25 23.77  ? 185 HIS A C   1 
ATOM   1207 O O   A HIS A 1 146 ? 4.502   -4.877  -5.354  0.25 23.15  ? 185 HIS A O   1 
ATOM   1208 O O   B HIS A 1 146 ? 4.508   -4.791  -5.240  0.25 23.94  ? 185 HIS A O   1 
ATOM   1209 C CB  A HIS A 1 146 ? 6.595   -4.351  -7.653  0.25 21.82  ? 185 HIS A CB  1 
ATOM   1210 C CB  B HIS A 1 146 ? 6.022   -4.463  -7.814  0.25 22.88  ? 185 HIS A CB  1 
ATOM   1211 C CG  A HIS A 1 146 ? 7.392   -4.626  -8.882  0.25 21.36  ? 185 HIS A CG  1 
ATOM   1212 C CG  B HIS A 1 146 ? 5.913   -4.699  -9.286  0.25 22.37  ? 185 HIS A CG  1 
ATOM   1213 N ND1 A HIS A 1 146 ? 8.773   -4.626  -8.880  0.25 20.90  ? 185 HIS A ND1 1 
ATOM   1214 N ND1 B HIS A 1 146 ? 4.690   -4.764  -9.941  0.25 21.77  ? 185 HIS A ND1 1 
ATOM   1215 C CD2 A HIS A 1 146 ? 7.012   -4.926  -10.140 0.25 21.04  ? 185 HIS A CD2 1 
ATOM   1216 C CD2 B HIS A 1 146 ? 6.862   -4.864  -10.233 0.25 22.20  ? 185 HIS A CD2 1 
ATOM   1217 C CE1 A HIS A 1 146 ? 9.205   -4.908  -10.089 0.25 21.00  ? 185 HIS A CE1 1 
ATOM   1218 C CE1 B HIS A 1 146 ? 4.893   -4.971  -11.225 0.25 22.21  ? 185 HIS A CE1 1 
ATOM   1219 N NE2 A HIS A 1 146 ? 8.149   -5.086  -10.883 0.25 20.94  ? 185 HIS A NE2 1 
ATOM   1220 N NE2 B HIS A 1 146 ? 6.223   -5.026  -11.435 0.25 22.28  ? 185 HIS A NE2 1 
ATOM   1221 N N   . CYS A 1 147 ? 6.466   -5.756  -4.573  1.00 24.08  ? 186 CYS A N   1 
ATOM   1222 C CA  . CYS A 1 147 ? 6.296   -5.484  -3.120  1.00 27.75  ? 186 CYS A CA  1 
ATOM   1223 C C   . CYS A 1 147 ? 7.238   -4.343  -2.719  1.00 27.10  ? 186 CYS A C   1 
ATOM   1224 O O   . CYS A 1 147 ? 8.311   -4.207  -3.328  1.00 26.42  ? 186 CYS A O   1 
ATOM   1225 C CB  . CYS A 1 147 ? 6.582   -6.729  -2.291  1.00 28.01  ? 186 CYS A CB  1 
ATOM   1226 S SG  . CYS A 1 147 ? 5.422   -8.076  -2.620  1.00 29.27  ? 186 CYS A SG  1 
ATOM   1227 N N   . PHE A 1 148 ? 6.838   -3.555  -1.729  1.00 26.76  ? 187 PHE A N   1 
ATOM   1228 C CA  . PHE A 1 148 ? 7.522   -2.309  -1.310  1.00 26.05  ? 187 PHE A CA  1 
ATOM   1229 C C   . PHE A 1 148 ? 7.790   -2.398  0.186   1.00 26.54  ? 187 PHE A C   1 
ATOM   1230 O O   . PHE A 1 148 ? 7.002   -1.918  0.996   1.00 26.27  ? 187 PHE A O   1 
ATOM   1231 C CB  . PHE A 1 148 ? 6.662   -1.127  -1.739  1.00 24.90  ? 187 PHE A CB  1 
ATOM   1232 C CG  . PHE A 1 148 ? 6.602   -1.022  -3.229  1.00 26.20  ? 187 PHE A CG  1 
ATOM   1233 C CD1 . PHE A 1 148 ? 7.637   -0.435  -3.935  1.00 27.43  ? 187 PHE A CD1 1 
ATOM   1234 C CD2 . PHE A 1 148 ? 5.574   -1.637  -3.927  1.00 29.47  ? 187 PHE A CD2 1 
ATOM   1235 C CE1 . PHE A 1 148 ? 7.611   -0.404  -5.320  1.00 31.03  ? 187 PHE A CE1 1 
ATOM   1236 C CE2 . PHE A 1 148 ? 5.546   -1.596  -5.310  1.00 28.50  ? 187 PHE A CE2 1 
ATOM   1237 C CZ  . PHE A 1 148 ? 6.564   -0.985  -6.001  1.00 30.08  ? 187 PHE A CZ  1 
ATOM   1238 N N   . PRO A 1 149 ? 8.867   -3.105  0.572   1.00 30.39  ? 188 PRO A N   1 
ATOM   1239 C CA  . PRO A 1 149 ? 9.166   -3.379  1.977   1.00 29.26  ? 188 PRO A CA  1 
ATOM   1240 C C   . PRO A 1 149 ? 9.388   -2.116  2.826   1.00 27.48  ? 188 PRO A C   1 
ATOM   1241 O O   . PRO A 1 149 ? 9.079   -2.194  3.981   1.00 25.50  ? 188 PRO A O   1 
ATOM   1242 C CB  . PRO A 1 149 ? 10.433  -4.248  1.933   1.00 31.15  ? 188 PRO A CB  1 
ATOM   1243 C CG  . PRO A 1 149 ? 11.023  -3.999  0.562   1.00 32.72  ? 188 PRO A CG  1 
ATOM   1244 C CD  . PRO A 1 149 ? 9.831   -3.750  -0.339  1.00 33.13  ? 188 PRO A CD  1 
ATOM   1245 N N   . GLU A 1 150 ? 9.824   -1.004  2.221   1.00 29.48  ? 189 GLU A N   1 
ATOM   1246 C CA  . GLU A 1 150 ? 9.987   0.331   2.856   1.00 26.90  ? 189 GLU A CA  1 
ATOM   1247 C C   . GLU A 1 150 ? 8.653   0.854   3.395   1.00 25.62  ? 189 GLU A C   1 
ATOM   1248 O O   . GLU A 1 150 ? 8.686   1.666   4.354   1.00 26.00  ? 189 GLU A O   1 
ATOM   1249 C CB  . GLU A 1 150 ? 10.532  1.328   1.840   1.00 32.61  ? 189 GLU A CB  1 
ATOM   1250 C CG  . GLU A 1 150 ? 11.917  0.957   1.341   1.00 34.01  ? 189 GLU A CG  1 
ATOM   1251 C CD  . GLU A 1 150 ? 11.928  0.356   -0.054  1.00 37.98  ? 189 GLU A CD  1 
ATOM   1252 O OE1 . GLU A 1 150 ? 12.938  0.578   -0.761  1.00 40.78  ? 189 GLU A OE1 1 
ATOM   1253 O OE2 . GLU A 1 150 ? 10.929  -0.315  -0.440  1.00 39.43  ? 189 GLU A OE2 1 
ATOM   1254 N N   . THR A 1 151 ? 7.534   0.401   2.816   1.00 22.40  ? 190 THR A N   1 
ATOM   1255 C CA  . THR A 1 151 ? 6.182   0.973   3.019   1.00 22.46  ? 190 THR A CA  1 
ATOM   1256 C C   . THR A 1 151 ? 5.379   0.123   4.011   1.00 22.22  ? 190 THR A C   1 
ATOM   1257 O O   . THR A 1 151 ? 4.200   0.443   4.201   1.00 21.72  ? 190 THR A O   1 
ATOM   1258 C CB  . THR A 1 151 ? 5.449   1.104   1.672   1.00 24.66  ? 190 THR A CB  1 
ATOM   1259 O OG1 . THR A 1 151 ? 5.214   -0.194  1.129   1.00 23.06  ? 190 THR A OG1 1 
ATOM   1260 C CG2 . THR A 1 151 ? 6.231   1.871   0.622   1.00 23.35  ? 190 THR A CG2 1 
ATOM   1261 N N   . GLN A 1 152 ? 5.977   -0.900  4.638   1.00 24.09  ? 191 GLN A N   1 
ATOM   1262 C CA  . GLN A 1 152 ? 5.305   -1.700  5.699   1.00 26.00  ? 191 GLN A CA  1 
ATOM   1263 C C   . GLN A 1 152 ? 4.772   -0.767  6.785   1.00 23.17  ? 191 GLN A C   1 
ATOM   1264 O O   . GLN A 1 152 ? 5.486   0.185   7.168   1.00 25.57  ? 191 GLN A O   1 
ATOM   1265 C CB  . GLN A 1 152 ? 6.257   -2.661  6.407   1.00 29.37  ? 191 GLN A CB  1 
ATOM   1266 C CG  . GLN A 1 152 ? 6.460   -3.976  5.676   1.00 33.62  ? 191 GLN A CG  1 
ATOM   1267 C CD  . GLN A 1 152 ? 7.721   -4.638  6.167   1.00 38.62  ? 191 GLN A CD  1 
ATOM   1268 O OE1 . GLN A 1 152 ? 8.205   -4.341  7.263   1.00 41.91  ? 191 GLN A OE1 1 
ATOM   1269 N NE2 . GLN A 1 152 ? 8.286   -5.501  5.335   1.00 38.74  ? 191 GLN A NE2 1 
ATOM   1270 N N   . PHE A 1 153 ? 3.597   -1.067  7.304   1.00 23.43  ? 192 PHE A N   1 
ATOM   1271 C CA  . PHE A 1 153 ? 2.982   -0.306  8.414   1.00 22.72  ? 192 PHE A CA  1 
ATOM   1272 C C   . PHE A 1 153 ? 2.050   -1.219  9.190   1.00 24.93  ? 192 PHE A C   1 
ATOM   1273 O O   . PHE A 1 153 ? 1.584   -2.256  8.657   1.00 24.41  ? 192 PHE A O   1 
ATOM   1274 C CB  . PHE A 1 153 ? 2.200   0.895   7.868   1.00 22.33  ? 192 PHE A CB  1 
ATOM   1275 C CG  . PHE A 1 153 ? 1.033   0.510   7.002   1.00 21.17  ? 192 PHE A CG  1 
ATOM   1276 C CD1 . PHE A 1 153 ? -0.207  0.272   7.563   1.00 21.34  ? 192 PHE A CD1 1 
ATOM   1277 C CD2 . PHE A 1 153 ? 1.183   0.363   5.638   1.00 21.19  ? 192 PHE A CD2 1 
ATOM   1278 C CE1 . PHE A 1 153 ? -1.280  -0.104  6.778   1.00 21.77  ? 192 PHE A CE1 1 
ATOM   1279 C CE2 . PHE A 1 153 ? 0.110   -0.018  4.852   1.00 21.26  ? 192 PHE A CE2 1 
ATOM   1280 C CZ  . PHE A 1 153 ? -1.113  -0.262  5.421   1.00 22.23  ? 192 PHE A CZ  1 
ATOM   1281 N N   . ILE A 1 154 ? 1.737   -0.817  10.414  1.00 23.87  ? 193 ILE A N   1 
ATOM   1282 C CA  . ILE A 1 154 ? 0.655   -1.457  11.187  1.00 25.28  ? 193 ILE A CA  1 
ATOM   1283 C C   . ILE A 1 154 ? -0.603  -0.595  11.047  1.00 25.47  ? 193 ILE A C   1 
ATOM   1284 O O   . ILE A 1 154 ? -0.527  0.632   11.302  1.00 25.19  ? 193 ILE A O   1 
ATOM   1285 C CB  . ILE A 1 154 ? 1.118   -1.646  12.644  1.00 29.07  ? 193 ILE A CB  1 
ATOM   1286 C CG1 . ILE A 1 154 ? 2.450   -2.400  12.673  1.00 27.45  ? 193 ILE A CG1 1 
ATOM   1287 C CG2 . ILE A 1 154 ? 0.016   -2.321  13.468  1.00 27.64  ? 193 ILE A CG2 1 
ATOM   1288 C CD1 . ILE A 1 154 ? 3.000   -2.603  14.048  1.00 31.23  ? 193 ILE A CD1 1 
ATOM   1289 N N   . ALA A 1 155 ? -1.720  -1.216  10.673  1.00 26.50  ? 194 ALA A N   1 
ATOM   1290 C CA  . ALA A 1 155 ? -3.075  -0.625  10.754  1.00 29.43  ? 194 ALA A CA  1 
ATOM   1291 C C   . ALA A 1 155 ? -3.401  -0.321  12.222  1.00 29.76  ? 194 ALA A C   1 
ATOM   1292 O O   . ALA A 1 155 ? -3.195  -1.202  13.061  1.00 30.82  ? 194 ALA A O   1 
ATOM   1293 C CB  . ALA A 1 155 ? -4.092  -1.551  10.146  1.00 29.24  ? 194 ALA A CB  1 
ATOM   1294 N N   . VAL A 1 156 ? -3.863  0.890   12.520  1.00 26.98  ? 195 VAL A N   1 
ATOM   1295 C CA  . VAL A 1 156 ? -4.235  1.306   13.906  1.00 28.27  ? 195 VAL A CA  1 
ATOM   1296 C C   . VAL A 1 156 ? -5.526  2.132   13.816  1.00 28.58  ? 195 VAL A C   1 
ATOM   1297 O O   . VAL A 1 156 ? -5.715  2.823   12.808  1.00 26.29  ? 195 VAL A O   1 
ATOM   1298 C CB  . VAL A 1 156 ? -3.111  2.098   14.598  1.00 30.18  ? 195 VAL A CB  1 
ATOM   1299 C CG1 . VAL A 1 156 ? -1.808  1.317   14.669  1.00 29.29  ? 195 VAL A CG1 1 
ATOM   1300 C CG2 . VAL A 1 156 ? -2.881  3.469   13.957  1.00 30.55  ? 195 VAL A CG2 1 
ATOM   1301 N N   . THR A 1 157 ? -6.378  2.068   14.836  1.00 30.25  ? 196 THR A N   1 
ATOM   1302 C CA  . THR A 1 157 ? -7.578  2.940   14.969  1.00 30.21  ? 196 THR A CA  1 
ATOM   1303 C C   . THR A 1 157 ? -7.143  4.305   15.514  1.00 28.98  ? 196 THR A C   1 
ATOM   1304 O O   . THR A 1 157 ? -7.899  5.250   15.365  1.00 31.95  ? 196 THR A O   1 
ATOM   1305 C CB  . THR A 1 157 ? -8.657  2.239   15.800  1.00 32.48  ? 196 THR A CB  1 
ATOM   1306 O OG1 . THR A 1 157 ? -8.110  1.934   17.081  1.00 33.95  ? 196 THR A OG1 1 
ATOM   1307 C CG2 . THR A 1 157 ? -9.156  0.978   15.139  1.00 32.92  ? 196 THR A CG2 1 
ATOM   1308 N N   . ALA A 1 158 ? -5.948  4.399   16.096  1.00 27.58  ? 197 ALA A N   1 
ATOM   1309 C CA  . ALA A 1 158 ? -5.363  5.630   16.660  1.00 29.90  ? 197 ALA A CA  1 
ATOM   1310 C C   . ALA A 1 158 ? -3.856  5.416   16.750  1.00 29.80  ? 197 ALA A C   1 
ATOM   1311 O O   . ALA A 1 158 ? -3.436  4.261   16.981  1.00 32.34  ? 197 ALA A O   1 
ATOM   1312 C CB  . ALA A 1 158 ? -5.957  5.932   18.027  1.00 29.98  ? 197 ALA A CB  1 
ATOM   1313 N N   . TYR A 1 159 ? -3.072  6.475   16.589  1.00 29.36  ? 198 TYR A N   1 
ATOM   1314 C CA  . TYR A 1 159 ? -1.595  6.407   16.679  1.00 29.40  ? 198 TYR A CA  1 
ATOM   1315 C C   . TYR A 1 159 ? -1.228  5.959   18.088  1.00 30.46  ? 198 TYR A C   1 
ATOM   1316 O O   . TYR A 1 159 ? -1.806  6.493   19.034  1.00 30.06  ? 198 TYR A O   1 
ATOM   1317 C CB  . TYR A 1 159 ? -0.948  7.737   16.286  1.00 30.34  ? 198 TYR A CB  1 
ATOM   1318 C CG  . TYR A 1 159 ? -1.078  8.067   14.817  1.00 31.77  ? 198 TYR A CG  1 
ATOM   1319 C CD1 . TYR A 1 159 ? -0.789  7.108   13.850  1.00 31.61  ? 198 TYR A CD1 1 
ATOM   1320 C CD2 . TYR A 1 159 ? -1.479  9.324   14.385  1.00 31.58  ? 198 TYR A CD2 1 
ATOM   1321 C CE1 . TYR A 1 159 ? -0.924  7.376   12.496  1.00 33.32  ? 198 TYR A CE1 1 
ATOM   1322 C CE2 . TYR A 1 159 ? -1.585  9.618   13.030  1.00 33.12  ? 198 TYR A CE2 1 
ATOM   1323 C CZ  . TYR A 1 159 ? -1.307  8.640   12.082  1.00 33.42  ? 198 TYR A CZ  1 
ATOM   1324 O OH  . TYR A 1 159 ? -1.419  8.880   10.744  1.00 36.56  ? 198 TYR A OH  1 
ATOM   1325 N N   . GLN A 1 160 ? -0.330  4.975   18.178  1.00 29.91  ? 199 GLN A N   1 
ATOM   1326 C CA  . GLN A 1 160 ? 0.287   4.459   19.423  1.00 28.77  ? 199 GLN A CA  1 
ATOM   1327 C C   . GLN A 1 160 ? 1.558   5.254   19.750  1.00 27.87  ? 199 GLN A C   1 
ATOM   1328 O O   . GLN A 1 160 ? 1.740   5.632   20.914  1.00 29.10  ? 199 GLN A O   1 
ATOM   1329 C CB  . GLN A 1 160 ? 0.601   2.972   19.242  1.00 28.93  ? 199 GLN A CB  1 
ATOM   1330 C CG  . GLN A 1 160 ? -0.595  2.148   18.782  1.00 29.91  ? 199 GLN A CG  1 
ATOM   1331 C CD  . GLN A 1 160 ? -1.687  2.164   19.817  1.00 31.80  ? 199 GLN A CD  1 
ATOM   1332 O OE1 . GLN A 1 160 ? -1.501  1.666   20.917  1.00 33.24  ? 199 GLN A OE1 1 
ATOM   1333 N NE2 . GLN A 1 160 ? -2.824  2.756   19.482  1.00 31.83  ? 199 GLN A NE2 1 
ATOM   1334 N N   . ASN A 1 161 ? 2.434   5.440   18.768  1.00 27.02  ? 200 ASN A N   1 
ATOM   1335 C CA  . ASN A 1 161 ? 3.759   6.084   18.903  1.00 27.59  ? 200 ASN A CA  1 
ATOM   1336 C C   . ASN A 1 161 ? 3.571   7.593   18.712  1.00 32.34  ? 200 ASN A C   1 
ATOM   1337 O O   . ASN A 1 161 ? 3.226   7.980   17.588  1.00 28.37  ? 200 ASN A O   1 
ATOM   1338 C CB  . ASN A 1 161 ? 4.730   5.452   17.906  1.00 28.30  ? 200 ASN A CB  1 
ATOM   1339 C CG  . ASN A 1 161 ? 6.176   5.849   18.091  1.00 26.87  ? 200 ASN A CG  1 
ATOM   1340 O OD1 . ASN A 1 161 ? 6.493   6.733   18.893  1.00 31.49  ? 200 ASN A OD1 1 
ATOM   1341 N ND2 . ASN A 1 161 ? 7.058   5.176   17.379  1.00 25.46  ? 200 ASN A ND2 1 
ATOM   1342 N N   . GLU A 1 162 ? 3.772   8.415   19.759  1.00 33.33  ? 201 GLU A N   1 
ATOM   1343 C CA  . GLU A 1 162 ? 3.600   9.892   19.650  1.00 34.52  ? 201 GLU A CA  1 
ATOM   1344 C C   . GLU A 1 162 ? 4.598   10.459  18.635  1.00 30.65  ? 201 GLU A C   1 
ATOM   1345 O O   . GLU A 1 162 ? 4.292   11.503  18.087  1.00 33.70  ? 201 GLU A O   1 
ATOM   1346 C CB  . GLU A 1 162 ? 3.750   10.628  20.982  1.00 37.71  ? 201 GLU A CB  1 
ATOM   1347 C CG  . GLU A 1 162 ? 5.181   10.824  21.434  1.00 41.67  ? 201 GLU A CG  1 
ATOM   1348 C CD  . GLU A 1 162 ? 5.912   9.572   21.898  1.00 47.52  ? 201 GLU A CD  1 
ATOM   1349 O OE1 . GLU A 1 162 ? 7.129   9.673   22.166  1.00 54.98  ? 201 GLU A OE1 1 
ATOM   1350 O OE2 . GLU A 1 162 ? 5.272   8.496   22.004  1.00 52.82  ? 201 GLU A OE2 1 
ATOM   1351 N N   . GLU A 1 163 ? 5.747   9.816   18.431  1.00 29.69  ? 202 GLU A N   1 
ATOM   1352 C CA  . GLU A 1 163 ? 6.748   10.193  17.393  1.00 33.43  ? 202 GLU A CA  1 
ATOM   1353 C C   . GLU A 1 163 ? 6.191   10.025  15.975  1.00 31.24  ? 202 GLU A C   1 
ATOM   1354 O O   . GLU A 1 163 ? 6.610   10.821  15.087  1.00 32.52  ? 202 GLU A O   1 
ATOM   1355 C CB  . GLU A 1 163 ? 8.008   9.334   17.447  1.00 34.14  ? 202 GLU A CB  1 
ATOM   1356 C CG  . GLU A 1 163 ? 8.987   9.768   18.513  1.00 39.20  ? 202 GLU A CG  1 
ATOM   1357 C CD  . GLU A 1 163 ? 10.299  9.027   18.401  1.00 42.11  ? 202 GLU A CD  1 
ATOM   1358 O OE1 . GLU A 1 163 ? 11.206  9.538   17.736  1.00 48.50  ? 202 GLU A OE1 1 
ATOM   1359 O OE2 . GLU A 1 163 ? 10.377  7.907   18.918  1.00 55.33  ? 202 GLU A OE2 1 
ATOM   1360 N N   . ILE A 1 164 ? 5.362   9.004   15.748  1.00 27.41  ? 203 ILE A N   1 
ATOM   1361 C CA  . ILE A 1 164 ? 4.660   8.818   14.443  1.00 27.00  ? 203 ILE A CA  1 
ATOM   1362 C C   . ILE A 1 164 ? 3.671   9.966   14.268  1.00 29.40  ? 203 ILE A C   1 
ATOM   1363 O O   . ILE A 1 164 ? 3.663   10.578  13.180  1.00 28.39  ? 203 ILE A O   1 
ATOM   1364 C CB  . ILE A 1 164 ? 3.987   7.438   14.334  1.00 26.52  ? 203 ILE A CB  1 
ATOM   1365 C CG1 . ILE A 1 164 ? 5.027   6.347   14.055  1.00 25.67  ? 203 ILE A CG1 1 
ATOM   1366 C CG2 . ILE A 1 164 ? 2.878   7.462   13.290  1.00 26.08  ? 203 ILE A CG2 1 
ATOM   1367 C CD1 . ILE A 1 164 ? 5.662   6.456   12.692  1.00 28.75  ? 203 ILE A CD1 1 
ATOM   1368 N N   . THR A 1 165 ? 2.858   10.232  15.287  1.00 29.28  ? 204 THR A N   1 
ATOM   1369 C CA  . THR A 1 165 ? 1.866   11.332  15.274  1.00 30.48  ? 204 THR A CA  1 
ATOM   1370 C C   . THR A 1 165 ? 2.581   12.616  14.849  1.00 31.44  ? 204 THR A C   1 
ATOM   1371 O O   . THR A 1 165 ? 2.061   13.294  13.946  1.00 31.86  ? 204 THR A O   1 
ATOM   1372 C CB  . THR A 1 165 ? 1.202   11.523  16.645  1.00 31.45  ? 204 THR A CB  1 
ATOM   1373 O OG1 . THR A 1 165 ? 0.596   10.281  16.992  1.00 30.06  ? 204 THR A OG1 1 
ATOM   1374 C CG2 . THR A 1 165 ? 0.168   12.631  16.649  1.00 32.55  ? 204 THR A CG2 1 
ATOM   1375 N N   . ALA A 1 166 ? 3.762   12.871  15.424  1.00 31.82  ? 205 ALA A N   1 
ATOM   1376 C CA  . ALA A 1 166 ? 4.571   14.097  15.204  1.00 35.44  ? 205 ALA A CA  1 
ATOM   1377 C C   . ALA A 1 166 ? 5.169   14.094  13.792  1.00 32.66  ? 205 ALA A C   1 
ATOM   1378 O O   . ALA A 1 166 ? 5.097   15.140  13.132  1.00 30.36  ? 205 ALA A O   1 
ATOM   1379 C CB  . ALA A 1 166 ? 5.652   14.206  16.248  1.00 34.27  ? 205 ALA A CB  1 
ATOM   1380 N N   . LEU A 1 167 ? 5.755   12.970  13.370  1.00 32.38  ? 206 LEU A N   1 
ATOM   1381 C CA  . LEU A 1 167 ? 6.310   12.772  12.003  1.00 30.70  ? 206 LEU A CA  1 
ATOM   1382 C C   . LEU A 1 167 ? 5.246   13.108  10.960  1.00 28.26  ? 206 LEU A C   1 
ATOM   1383 O O   . LEU A 1 167 ? 5.592   13.810  9.987   1.00 29.59  ? 206 LEU A O   1 
ATOM   1384 C CB  . LEU A 1 167 ? 6.771   11.327  11.803  1.00 32.20  ? 206 LEU A CB  1 
ATOM   1385 C CG  . LEU A 1 167 ? 8.262   11.079  11.593  1.00 35.11  ? 206 LEU A CG  1 
ATOM   1386 C CD1 . LEU A 1 167 ? 8.489   9.851   10.721  1.00 36.31  ? 206 LEU A CD1 1 
ATOM   1387 C CD2 . LEU A 1 167 ? 8.972   12.266  10.999  1.00 34.97  ? 206 LEU A CD2 1 
ATOM   1388 N N   . LYS A 1 168 ? 4.026   12.604  11.139  1.00 27.34  ? 207 LYS A N   1 
ATOM   1389 C CA  . LYS A 1 168 ? 2.891   12.764  10.185  1.00 29.67  ? 207 LYS A CA  1 
ATOM   1390 C C   . LYS A 1 168 ? 2.525   14.247  10.045  1.00 33.19  ? 207 LYS A C   1 
ATOM   1391 O O   . LYS A 1 168 ? 2.154   14.675  8.934   1.00 35.17  ? 207 LYS A O   1 
ATOM   1392 C CB  . LYS A 1 168 ? 1.668   11.963  10.646  1.00 30.70  ? 207 LYS A CB  1 
ATOM   1393 C CG  . LYS A 1 168 ? 1.846   10.453  10.669  1.00 31.36  ? 207 LYS A CG  1 
ATOM   1394 C CD  . LYS A 1 168 ? 1.408   9.726   9.423   1.00 30.70  ? 207 LYS A CD  1 
ATOM   1395 C CE  . LYS A 1 168 ? 1.624   8.227   9.540   1.00 28.71  ? 207 LYS A CE  1 
ATOM   1396 N NZ  . LYS A 1 168 ? 0.610   7.460   8.779   1.00 28.10  ? 207 LYS A NZ  1 
ATOM   1397 N N   . ILE A 1 169 ? 2.599   15.001  11.138  1.00 35.85  ? 208 ILE A N   1 
ATOM   1398 C CA  . ILE A 1 169 ? 2.295   16.461  11.161  1.00 37.65  ? 208 ILE A CA  1 
ATOM   1399 C C   . ILE A 1 169 ? 3.469   17.193  10.513  1.00 37.54  ? 208 ILE A C   1 
ATOM   1400 O O   . ILE A 1 169 ? 3.216   18.092  9.696   1.00 39.07  ? 208 ILE A O   1 
ATOM   1401 C CB  . ILE A 1 169 ? 1.993   16.932  12.601  1.00 41.55  ? 208 ILE A CB  1 
ATOM   1402 C CG1 . ILE A 1 169 ? 0.552   16.573  12.983  1.00 44.20  ? 208 ILE A CG1 1 
ATOM   1403 C CG2 . ILE A 1 169 ? 2.262   18.421  12.778  1.00 42.11  ? 208 ILE A CG2 1 
ATOM   1404 C CD1 . ILE A 1 169 ? 0.278   16.563  14.470  1.00 44.87  ? 208 ILE A CD1 1 
ATOM   1405 N N   . LYS A 1 170 ? 4.701   16.815  10.859  1.00 34.53  ? 209 LYS A N   1 
ATOM   1406 C CA  . LYS A 1 170 ? 5.932   17.457  10.337  1.00 35.78  ? 209 LYS A CA  1 
ATOM   1407 C C   . LYS A 1 170 ? 5.913   17.377  8.801   1.00 36.83  ? 209 LYS A C   1 
ATOM   1408 O O   . LYS A 1 170 ? 5.930   18.450  8.153   1.00 33.89  ? 209 LYS A O   1 
ATOM   1409 C CB  . LYS A 1 170 ? 7.178   16.810  10.949  1.00 36.49  ? 209 LYS A CB  1 
ATOM   1410 C CG  . LYS A 1 170 ? 8.508   17.425  10.514  1.00 36.75  ? 209 LYS A CG  1 
ATOM   1411 C CD  . LYS A 1 170 ? 9.714   16.838  11.203  1.00 36.54  ? 209 LYS A CD  1 
ATOM   1412 C CE  . LYS A 1 170 ? 11.021  17.246  10.570  1.00 38.49  ? 209 LYS A CE  1 
ATOM   1413 N NZ  . LYS A 1 170 ? 11.162  18.718  10.546  1.00 38.88  ? 209 LYS A NZ  1 
ATOM   1414 N N   . TYR A 1 171 ? 5.821   16.171  8.233   1.00 34.69  ? 210 TYR A N   1 
ATOM   1415 C CA  . TYR A 1 171 ? 6.052   15.942  6.781   1.00 37.04  ? 210 TYR A CA  1 
ATOM   1416 C C   . TYR A 1 171 ? 4.757   16.085  5.985   1.00 36.49  ? 210 TYR A C   1 
ATOM   1417 O O   . TYR A 1 171 ? 4.875   16.127  4.755   1.00 38.98  ? 210 TYR A O   1 
ATOM   1418 C CB  . TYR A 1 171 ? 6.735   14.596  6.530   1.00 35.43  ? 210 TYR A CB  1 
ATOM   1419 C CG  . TYR A 1 171 ? 8.183   14.591  6.939   1.00 37.15  ? 210 TYR A CG  1 
ATOM   1420 C CD1 . TYR A 1 171 ? 9.088   15.466  6.362   1.00 38.65  ? 210 TYR A CD1 1 
ATOM   1421 C CD2 . TYR A 1 171 ? 8.648   13.733  7.919   1.00 37.77  ? 210 TYR A CD2 1 
ATOM   1422 C CE1 . TYR A 1 171 ? 10.420  15.482  6.741   1.00 36.80  ? 210 TYR A CE1 1 
ATOM   1423 C CE2 . TYR A 1 171 ? 9.981   13.723  8.297   1.00 39.87  ? 210 TYR A CE2 1 
ATOM   1424 C CZ  . TYR A 1 171 ? 10.866  14.609  7.715   1.00 39.02  ? 210 TYR A CZ  1 
ATOM   1425 O OH  . TYR A 1 171 ? 12.163  14.622  8.127   1.00 41.30  ? 210 TYR A OH  1 
ATOM   1426 N N   . ASN A 1 172 ? 3.589   16.141  6.626   1.00 37.88  ? 211 ASN A N   1 
ATOM   1427 C CA  . ASN A 1 172 ? 2.288   16.272  5.913   1.00 41.45  ? 211 ASN A CA  1 
ATOM   1428 C C   . ASN A 1 172 ? 1.707   17.632  6.284   1.00 47.44  ? 211 ASN A C   1 
ATOM   1429 O O   . ASN A 1 172 ? 2.381   18.617  5.974   1.00 53.42  ? 211 ASN A O   1 
ATOM   1430 C CB  . ASN A 1 172 ? 1.320   15.113  6.198   1.00 44.72  ? 211 ASN A CB  1 
ATOM   1431 C CG  . ASN A 1 172 ? 0.086   15.130  5.317   1.00 42.42  ? 211 ASN A CG  1 
ATOM   1432 O OD1 . ASN A 1 172 ? 0.088   15.758  4.264   1.00 45.93  ? 211 ASN A OD1 1 
ATOM   1433 N ND2 . ASN A 1 172 ? -0.976  14.456  5.734   1.00 39.17  ? 211 ASN A ND2 1 
ATOM   1434 O OXT . ASN A 1 172 ? 0.627   17.759  6.868   1.00 50.21  ? 211 ASN A OXT 1 
HETATM 1435 N N1  . O0V B 2 .   ? 10.698  13.747  0.718   0.46 37.44  ? 301 O0V A N1  1 
HETATM 1436 C C4  . O0V B 2 .   ? 11.124  14.360  1.799   0.46 36.43  ? 301 O0V A C4  1 
HETATM 1437 C C5  . O0V B 2 .   ? 9.428   13.884  0.308   0.46 43.71  ? 301 O0V A C5  1 
HETATM 1438 C C6  . O0V B 2 .   ? 8.484   14.624  0.944   0.46 48.28  ? 301 O0V A C6  1 
HETATM 1439 C C7  . O0V B 2 .   ? 8.899   15.261  2.051   0.46 46.75  ? 301 O0V A C7  1 
HETATM 1440 C C8  . O0V B 2 .   ? 10.210  15.157  2.470   0.46 39.35  ? 301 O0V A C8  1 
HETATM 1441 N N   . O0V B 2 .   ? 12.513  14.210  2.271   0.46 35.69  ? 301 O0V A N   1 
HETATM 1442 C C   . O0V B 2 .   ? 13.267  13.210  4.391   0.46 35.48  ? 301 O0V A C   1 
HETATM 1443 O O   . O0V B 2 .   ? 14.020  15.628  5.092   0.46 37.02  ? 301 O0V A O   1 
HETATM 1444 C C1  . O0V B 2 .   ? 12.810  14.482  3.683   0.46 36.00  ? 301 O0V A C1  1 
HETATM 1445 C C2  . O0V B 2 .   ? 13.894  15.510  3.765   0.46 35.73  ? 301 O0V A C2  1 
HETATM 1446 C C3  . O0V B 2 .   ? 13.403  13.160  1.712   0.46 35.44  ? 301 O0V A C3  1 
HETATM 1447 F F   . O0V B 2 .   ? 10.580  15.902  3.455   0.46 41.43  ? 301 O0V A F   1 
HETATM 1448 O O   . HOH C 3 .   ? -7.015  -16.002 14.058  1.00 51.66  ? 401 HOH A O   1 
HETATM 1449 O O   . HOH C 3 .   ? -10.708 6.151   -2.538  1.00 57.93  ? 402 HOH A O   1 
HETATM 1450 O O   . HOH C 3 .   ? -0.123  -10.557 -9.282  1.00 37.82  ? 403 HOH A O   1 
HETATM 1451 O O   . HOH C 3 .   ? 3.779   -1.805  30.186  1.00 38.39  ? 404 HOH A O   1 
HETATM 1452 O O   . HOH C 3 .   ? 17.122  3.701   -11.167 1.00 48.33  ? 405 HOH A O   1 
HETATM 1453 O O   . HOH C 3 .   ? 11.169  -5.136  6.081   1.00 56.55  ? 406 HOH A O   1 
HETATM 1454 O O   . HOH C 3 .   ? 6.719   -0.786  -28.174 1.00 47.25  ? 407 HOH A O   1 
HETATM 1455 O O   . HOH C 3 .   ? 13.529  2.937   -14.040 1.00 33.34  ? 408 HOH A O   1 
HETATM 1456 O O   . HOH C 3 .   ? 0.052   -12.982 -24.362 1.00 29.84  ? 409 HOH A O   1 
HETATM 1457 O O   . HOH C 3 .   ? 0.287   -12.518 3.730   1.00 41.99  ? 410 HOH A O   1 
HETATM 1458 O O   . HOH C 3 .   ? -9.869  6.525   -6.018  1.00 38.55  ? 411 HOH A O   1 
HETATM 1459 O O   . HOH C 3 .   ? 7.671   13.559  -5.140  1.00 43.50  ? 412 HOH A O   1 
HETATM 1460 O O   . HOH C 3 .   ? 12.679  8.426   11.681  1.00 33.25  ? 413 HOH A O   1 
HETATM 1461 O O   . HOH C 3 .   ? 2.075   8.529   -14.587 1.00 31.79  ? 414 HOH A O   1 
HETATM 1462 O O   . HOH C 3 .   ? 8.463   11.767  21.939  1.00 50.73  ? 415 HOH A O   1 
HETATM 1463 O O   . HOH C 3 .   ? 3.470   13.666  19.027  1.00 29.87  ? 416 HOH A O   1 
HETATM 1464 O O   . HOH C 3 .   ? 1.440   19.550  8.408   1.00 58.74  ? 417 HOH A O   1 
HETATM 1465 O O   . HOH C 3 .   ? 8.625   3.639   19.875  1.00 33.79  ? 418 HOH A O   1 
HETATM 1466 O O   . HOH C 3 .   ? -5.406  6.780   -6.127  1.00 40.76  ? 419 HOH A O   1 
HETATM 1467 O O   . HOH C 3 .   ? -3.437  -9.098  -18.142 1.00 35.10  ? 420 HOH A O   1 
HETATM 1468 O O   . HOH C 3 .   ? 10.148  2.062   24.425  1.00 50.47  ? 421 HOH A O   1 
HETATM 1469 O O   . HOH C 3 .   ? -3.914  11.266  -0.165  1.00 46.08  ? 422 HOH A O   1 
HETATM 1470 O O   . HOH C 3 .   ? 3.738   -14.343 -23.645 1.00 34.56  ? 423 HOH A O   1 
HETATM 1471 O O   . HOH C 3 .   ? 13.833  0.011   -17.551 1.00 35.81  ? 424 HOH A O   1 
HETATM 1472 O O   . HOH C 3 .   ? 9.805   5.614   18.058  1.00 41.76  ? 425 HOH A O   1 
HETATM 1473 O O   . HOH C 3 .   ? 8.592   12.367  15.240  1.00 26.46  ? 426 HOH A O   1 
HETATM 1474 O O   . HOH C 3 .   ? 6.333   5.882   22.611  1.00 40.42  ? 427 HOH A O   1 
HETATM 1475 O O   . HOH C 3 .   ? -3.036  10.743  10.216  1.00 41.34  ? 428 HOH A O   1 
HETATM 1476 O O   . HOH C 3 .   ? -7.626  -15.786 -21.714 1.00 42.69  ? 429 HOH A O   1 
HETATM 1477 O O   . HOH C 3 .   ? 10.313  0.837   15.407  1.00 50.42  ? 430 HOH A O   1 
HETATM 1478 O O   . HOH C 3 .   ? -10.971 -7.916  8.265   1.00 52.64  ? 431 HOH A O   1 
HETATM 1479 O O   . HOH C 3 .   ? 4.511   -14.546 10.936  1.00 43.77  ? 432 HOH A O   1 
HETATM 1480 O O   . HOH C 3 .   ? -13.754 9.010   4.327   1.00 47.50  ? 433 HOH A O   1 
HETATM 1481 O O   . HOH C 3 .   ? -4.661  10.309  -11.642 1.00 40.91  ? 434 HOH A O   1 
HETATM 1482 O O   . HOH C 3 .   ? -5.834  -5.505  0.116   1.00 31.77  ? 435 HOH A O   1 
HETATM 1483 O O   . HOH C 3 .   ? 10.173  12.513  -7.979  1.00 27.16  ? 436 HOH A O   1 
HETATM 1484 O O   . HOH C 3 .   ? 4.441   -5.565  -21.123 1.00 38.78  ? 437 HOH A O   1 
HETATM 1485 O O   . HOH C 3 .   ? 15.332  8.191   5.649   1.00 38.86  ? 438 HOH A O   1 
HETATM 1486 O O   . HOH C 3 .   ? -13.952 5.181   -0.229  1.00 77.99  ? 439 HOH A O   1 
HETATM 1487 O O   . HOH C 3 .   ? -5.662  -10.832 9.713   1.00 51.68  ? 440 HOH A O   1 
HETATM 1488 O O   . HOH C 3 .   ? -10.501 2.659   -8.114  1.00 49.35  ? 441 HOH A O   1 
HETATM 1489 O O   . HOH C 3 .   ? 8.911   6.318   20.359  1.00 37.70  ? 442 HOH A O   1 
HETATM 1490 O O   . HOH C 3 .   ? 0.961   -8.545  11.971  1.00 33.29  ? 443 HOH A O   1 
HETATM 1491 O O   . HOH C 3 .   ? 8.411   2.290   17.811  1.00 36.14  ? 444 HOH A O   1 
HETATM 1492 O O   . HOH C 3 .   ? -2.400  10.901  -13.802 1.00 37.25  ? 445 HOH A O   1 
HETATM 1493 O O   . HOH C 3 .   ? -1.765  -14.355 -14.863 1.00 28.23  ? 446 HOH A O   1 
HETATM 1494 O O   . HOH C 3 .   ? 6.202   8.103   -21.379 1.00 29.03  ? 447 HOH A O   1 
HETATM 1495 O O   . HOH C 3 .   ? 11.524  10.096  -10.082 1.00 41.22  ? 448 HOH A O   1 
HETATM 1496 O O   . HOH C 3 .   ? -10.045 3.101   -1.459  1.00 30.95  ? 449 HOH A O   1 
HETATM 1497 O O   . HOH C 3 .   ? 0.956   12.346  -5.296  1.00 49.34  ? 450 HOH A O   1 
HETATM 1498 O O   . HOH C 3 .   ? -9.934  5.369   -15.975 1.00 47.70  ? 451 HOH A O   1 
HETATM 1499 O O   . HOH C 3 .   ? -13.691 -2.946  13.901  1.00 55.74  ? 452 HOH A O   1 
HETATM 1500 O O   . HOH C 3 .   ? -0.357  -9.111  9.332   1.00 30.24  ? 453 HOH A O   1 
HETATM 1501 O O   . HOH C 3 .   ? 5.337   -10.104 22.878  1.00 51.33  ? 454 HOH A O   1 
HETATM 1502 O O   . HOH C 3 .   ? -10.002 4.986   13.795  1.00 39.06  ? 455 HOH A O   1 
HETATM 1503 O O   . HOH C 3 .   ? 1.555   -7.028  -16.872 1.00 39.69  ? 456 HOH A O   1 
HETATM 1504 O O   . HOH C 3 .   ? 6.769   -4.041  14.234  1.00 39.30  ? 457 HOH A O   1 
HETATM 1505 O O   . HOH C 3 .   ? 14.375  3.051   8.125   1.00 55.32  ? 458 HOH A O   1 
HETATM 1506 O O   . HOH C 3 .   ? -2.549  11.639  2.048   1.00 33.46  ? 459 HOH A O   1 
HETATM 1507 O O   . HOH C 3 .   ? -19.360 -4.065  1.852   1.00 55.80  ? 460 HOH A O   1 
HETATM 1508 O O   . HOH C 3 .   ? -10.762 -4.990  10.491  1.00 62.59  ? 461 HOH A O   1 
HETATM 1509 O O   . HOH C 3 .   ? 8.568   -2.788  15.194  1.00 51.88  ? 462 HOH A O   1 
HETATM 1510 O O   . HOH C 3 .   ? -3.015  13.001  4.854   1.00 49.65  ? 463 HOH A O   1 
HETATM 1511 O O   . HOH C 3 .   ? -5.230  -9.422  7.296   1.00 38.83  ? 464 HOH A O   1 
HETATM 1512 O O   . HOH C 3 .   ? 5.421   3.356   15.823  1.00 22.90  ? 465 HOH A O   1 
HETATM 1513 O O   . HOH C 3 .   ? 18.125  7.349   11.712  1.00 74.41  ? 466 HOH A O   1 
HETATM 1514 O O   . HOH C 3 .   ? 10.837  -0.702  -3.087  1.00 35.95  ? 467 HOH A O   1 
HETATM 1515 O O   . HOH C 3 .   ? 11.657  -4.602  -11.689 1.00 40.74  ? 468 HOH A O   1 
HETATM 1516 O O   . HOH C 3 .   ? -10.918 -8.126  -4.547  1.00 57.84  ? 469 HOH A O   1 
HETATM 1517 O O   . HOH C 3 .   ? 9.907   1.358   -22.147 1.00 41.30  ? 470 HOH A O   1 
HETATM 1518 O O   . HOH C 3 .   ? 11.467  2.961   -12.633 1.00 39.45  ? 471 HOH A O   1 
HETATM 1519 O O   . HOH C 3 .   ? 9.070   -3.864  17.181  1.00 72.75  ? 472 HOH A O   1 
HETATM 1520 O O   . HOH C 3 .   ? -4.695  8.861   -17.184 1.00 147.97 ? 473 HOH A O   1 
HETATM 1521 O O   . HOH C 3 .   ? -4.695  5.481   6.424   1.00 35.46  ? 474 HOH A O   1 
HETATM 1522 O O   . HOH C 3 .   ? -4.033  7.287   0.182   1.00 27.60  ? 475 HOH A O   1 
HETATM 1523 O O   . HOH C 3 .   ? -7.377  -9.461  23.243  1.00 41.26  ? 476 HOH A O   1 
HETATM 1524 O O   . HOH C 3 .   ? 6.885   2.443   6.246   1.00 23.64  ? 477 HOH A O   1 
HETATM 1525 O O   . HOH C 3 .   ? 1.010   20.962  6.207   1.00 49.21  ? 478 HOH A O   1 
HETATM 1526 O O   . HOH C 3 .   ? -5.176  -7.279  3.135   1.00 35.76  ? 479 HOH A O   1 
HETATM 1527 O O   . HOH C 3 .   ? 13.612  2.109   -2.917  1.00 39.98  ? 480 HOH A O   1 
HETATM 1528 O O   . HOH C 3 .   ? 5.484   17.493  14.458  1.00 28.26  ? 481 HOH A O   1 
HETATM 1529 O O   . HOH C 3 .   ? 7.624   -3.733  25.554  1.00 35.20  ? 482 HOH A O   1 
HETATM 1530 O O   . HOH C 3 .   ? 5.870   6.954   -2.339  1.00 24.77  ? 483 HOH A O   1 
HETATM 1531 O O   . HOH C 3 .   ? 2.709   0.142   27.532  1.00 28.12  ? 484 HOH A O   1 
HETATM 1532 O O   . HOH C 3 .   ? -6.070  -6.656  16.602  1.00 63.33  ? 485 HOH A O   1 
HETATM 1533 O O   . HOH C 3 .   ? -0.575  13.306  13.179  1.00 35.18  ? 486 HOH A O   1 
HETATM 1534 O O   . HOH C 3 .   ? -2.476  -10.983 3.151   1.00 37.65  ? 487 HOH A O   1 
HETATM 1535 O O   . HOH C 3 .   ? -14.241 4.711   12.630  1.00 38.61  ? 488 HOH A O   1 
HETATM 1536 O O   . HOH C 3 .   ? -12.182 -11.472 6.512   1.00 58.65  ? 489 HOH A O   1 
HETATM 1537 O O   . HOH C 3 .   ? 13.927  4.335   -10.441 1.00 51.42  ? 490 HOH A O   1 
HETATM 1538 O O   . HOH C 3 .   ? -0.493  7.864   -13.028 1.00 30.52  ? 491 HOH A O   1 
HETATM 1539 O O   . HOH C 3 .   ? -10.687 0.182   -6.996  1.00 29.80  ? 492 HOH A O   1 
HETATM 1540 O O   . HOH C 3 .   ? 19.703  -1.196  -14.952 1.00 55.67  ? 493 HOH A O   1 
HETATM 1541 O O   . HOH C 3 .   ? -2.474  -6.764  20.094  1.00 39.75  ? 494 HOH A O   1 
HETATM 1542 O O   . HOH C 3 .   ? 7.322   -4.826  -19.733 1.00 42.55  ? 495 HOH A O   1 
HETATM 1543 O O   . HOH C 3 .   ? 3.821   -7.330  26.116  1.00 35.23  ? 496 HOH A O   1 
HETATM 1544 O O   . HOH C 3 .   ? 6.567   6.501   -13.791 1.00 24.49  ? 497 HOH A O   1 
HETATM 1545 O O   . HOH C 3 .   ? 14.676  2.744   -0.460  1.00 74.14  ? 498 HOH A O   1 
HETATM 1546 O O   . HOH C 3 .   ? 7.023   -0.177  9.483   1.00 29.15  ? 499 HOH A O   1 
HETATM 1547 O O   . HOH C 3 .   ? 9.000   -0.579  18.401  1.00 41.25  ? 500 HOH A O   1 
HETATM 1548 O O   . HOH C 3 .   ? 11.295  2.899   -19.985 1.00 42.12  ? 501 HOH A O   1 
HETATM 1549 O O   . HOH C 3 .   ? -2.280  -7.192  -25.032 1.00 40.63  ? 502 HOH A O   1 
HETATM 1550 O O   . HOH C 3 .   ? -1.233  5.437   -1.003  1.00 29.10  ? 503 HOH A O   1 
HETATM 1551 O O   . HOH C 3 .   ? -3.050  8.791   -21.876 1.00 45.47  ? 504 HOH A O   1 
HETATM 1552 O O   . HOH C 3 .   ? -11.216 7.045   -12.957 1.00 63.03  ? 505 HOH A O   1 
HETATM 1553 O O   . HOH C 3 .   ? -1.054  13.014  8.173   1.00 44.70  ? 506 HOH A O   1 
HETATM 1554 O O   . HOH C 3 .   ? 8.676   -4.016  27.908  1.00 29.28  ? 507 HOH A O   1 
HETATM 1555 O O   . HOH C 3 .   ? -3.145  6.256   21.531  1.00 45.28  ? 508 HOH A O   1 
HETATM 1556 O O   . HOH C 3 .   ? 12.053  0.897   -5.059  1.00 30.30  ? 509 HOH A O   1 
HETATM 1557 O O   . HOH C 3 .   ? 0.319   10.188  19.832  1.00 27.33  ? 510 HOH A O   1 
HETATM 1558 O O   . HOH C 3 .   ? -3.932  9.206   16.551  1.00 38.98  ? 511 HOH A O   1 
HETATM 1559 O O   . HOH C 3 .   ? -5.964  -9.030  -20.401 1.00 45.28  ? 512 HOH A O   1 
HETATM 1560 O O   . HOH C 3 .   ? 10.868  -6.809  -18.022 1.00 43.46  ? 513 HOH A O   1 
HETATM 1561 O O   . HOH C 3 .   ? 9.751   -1.298  10.737  1.00 63.60  ? 514 HOH A O   1 
HETATM 1562 O O   . HOH C 3 .   ? 1.923   -11.896 -10.377 0.50 39.83  ? 515 HOH A O   1 
HETATM 1563 O O   . HOH C 3 .   ? -7.417  -6.241  2.224   1.00 38.18  ? 516 HOH A O   1 
HETATM 1564 O O   . HOH C 3 .   ? -10.757 -10.710 11.426  1.00 51.83  ? 517 HOH A O   1 
HETATM 1565 O O   . HOH C 3 .   ? -9.885  -4.116  12.730  1.00 52.07  ? 518 HOH A O   1 
HETATM 1566 O O   . HOH C 3 .   ? 3.759   2.605   25.402  1.00 38.86  ? 519 HOH A O   1 
HETATM 1567 O O   . HOH C 3 .   ? -0.822  9.023   -10.597 1.00 33.46  ? 520 HOH A O   1 
HETATM 1568 O O   . HOH C 3 .   ? -3.459  7.143   8.082   1.00 36.93  ? 521 HOH A O   1 
HETATM 1569 O O   . HOH C 3 .   ? -1.117  -1.230  20.984  1.00 30.09  ? 522 HOH A O   1 
HETATM 1570 O O   . HOH C 3 .   ? 3.348   11.461  0.550   1.00 33.92  ? 523 HOH A O   1 
HETATM 1571 O O   . HOH C 3 .   ? -2.303  -3.912  -24.342 1.00 34.99  ? 524 HOH A O   1 
HETATM 1572 O O   . HOH C 3 .   ? -8.920  -10.804 19.767  1.00 47.07  ? 525 HOH A O   1 
HETATM 1573 O O   . HOH C 3 .   ? 3.717   -7.014  -0.538  1.00 44.12  ? 526 HOH A O   1 
HETATM 1574 O O   . HOH C 3 .   ? -9.886  2.802   -13.349 1.00 50.75  ? 527 HOH A O   1 
HETATM 1575 O O   . HOH C 3 .   ? 7.034   -8.254  -16.862 0.50 55.24  ? 528 HOH A O   1 
HETATM 1576 O O   . HOH C 3 .   ? 19.468  -1.286  -10.971 1.00 37.01  ? 529 HOH A O   1 
HETATM 1577 O O   . HOH C 3 .   ? -8.935  10.607  4.357   1.00 33.09  ? 530 HOH A O   1 
HETATM 1578 O O   . HOH C 3 .   ? 1.793   13.463  -21.859 1.00 68.49  ? 531 HOH A O   1 
HETATM 1579 O O   . HOH C 3 .   ? -5.309  0.458   17.175  1.00 40.07  ? 532 HOH A O   1 
HETATM 1580 O O   . HOH C 3 .   ? 12.062  10.875  0.209   1.00 41.76  ? 533 HOH A O   1 
HETATM 1581 O O   . HOH C 3 .   ? -9.069  -0.879  -15.374 1.00 59.64  ? 534 HOH A O   1 
HETATM 1582 O O   . HOH C 3 .   ? 3.507   -5.547  -16.355 1.00 43.33  ? 535 HOH A O   1 
HETATM 1583 O O   . HOH C 3 .   ? -11.869 -5.347  -3.895  1.00 48.20  ? 536 HOH A O   1 
HETATM 1584 O O   . HOH C 3 .   ? 7.683   -2.361  10.246  1.00 40.09  ? 537 HOH A O   1 
HETATM 1585 O O   . HOH C 3 .   ? -11.848 3.093   -16.159 1.00 52.34  ? 538 HOH A O   1 
HETATM 1586 O O   . HOH C 3 .   ? -4.067  -9.335  -0.195  1.00 40.05  ? 539 HOH A O   1 
HETATM 1587 O O   . HOH C 3 .   ? 3.922   -11.083 -4.032  1.00 37.54  ? 540 HOH A O   1 
HETATM 1588 O O   . HOH C 3 .   ? -5.086  11.471  11.947  1.00 42.95  ? 541 HOH A O   1 
HETATM 1589 O O   . HOH C 3 .   ? -5.036  3.487   21.540  1.00 43.69  ? 542 HOH A O   1 
HETATM 1590 O O   . HOH C 3 .   ? -5.348  9.609   -19.705 1.00 37.97  ? 543 HOH A O   1 
HETATM 1591 O O   . HOH C 3 .   ? -10.642 -2.169  13.997  1.00 59.81  ? 544 HOH A O   1 
HETATM 1592 O O   . HOH C 3 .   ? -4.852  8.441   -7.701  1.00 42.71  ? 545 HOH A O   1 
HETATM 1593 O O   . HOH C 3 .   ? -3.568  -6.447  24.492  1.00 50.25  ? 546 HOH A O   1 
HETATM 1594 O O   . HOH C 3 .   ? 11.495  3.301   16.895  1.00 50.82  ? 547 HOH A O   1 
HETATM 1595 O O   . HOH C 3 .   ? -1.699  -17.979 14.340  1.00 47.50  ? 548 HOH A O   1 
HETATM 1596 O O   . HOH C 3 .   ? -20.666 7.459   9.412   1.00 60.76  ? 549 HOH A O   1 
HETATM 1597 O O   . HOH C 3 .   ? 8.178   8.557   -13.629 1.00 39.85  ? 550 HOH A O   1 
HETATM 1598 O O   . HOH C 3 .   ? -4.557  9.794   8.595   1.00 51.23  ? 551 HOH A O   1 
HETATM 1599 O O   . HOH C 3 .   ? 3.999   -13.044 5.070   1.00 55.55  ? 552 HOH A O   1 
HETATM 1600 O O   . HOH C 3 .   ? -2.103  12.171  -7.690  1.00 53.93  ? 553 HOH A O   1 
HETATM 1601 O O   . HOH C 3 .   ? -6.841  10.543  13.626  1.00 48.33  ? 554 HOH A O   1 
HETATM 1602 O O   . HOH C 3 .   ? -5.940  -17.411 15.673  1.00 39.38  ? 555 HOH A O   1 
HETATM 1603 O O   . HOH C 3 .   ? 8.853   11.308  -19.381 1.00 48.14  ? 556 HOH A O   1 
HETATM 1604 O O   . HOH C 3 .   ? -11.238 9.461   13.832  1.00 63.54  ? 557 HOH A O   1 
HETATM 1605 O O   . HOH C 3 .   ? -2.920  9.973   -9.813  1.00 35.42  ? 558 HOH A O   1 
HETATM 1606 O O   . HOH C 3 .   ? -10.836 0.834   -14.451 1.00 41.79  ? 559 HOH A O   1 
HETATM 1607 O O   . HOH C 3 .   ? 8.733   14.616  13.693  1.00 31.26  ? 560 HOH A O   1 
HETATM 1608 O O   . HOH C 3 .   ? 1.974   -16.851 -26.268 1.00 45.16  ? 561 HOH A O   1 
HETATM 1609 O O   . HOH C 3 .   ? -11.003 3.253   -10.415 1.00 54.45  ? 562 HOH A O   1 
HETATM 1610 O O   . HOH C 3 .   ? -2.036  -8.968  24.660  1.00 55.96  ? 563 HOH A O   1 
HETATM 1611 O O   . HOH C 3 .   ? -6.782  8.451   -16.847 1.00 83.08  ? 564 HOH A O   1 
HETATM 1612 O O   . HOH C 3 .   ? 7.132   12.957  19.415  1.00 39.59  ? 565 HOH A O   1 
HETATM 1613 O O   . HOH C 3 .   ? 15.072  4.499   -12.671 1.00 40.10  ? 566 HOH A O   1 
HETATM 1614 O O   . HOH C 3 .   ? 3.405   -1.843  -31.402 1.00 41.84  ? 567 HOH A O   1 
HETATM 1615 O O   . HOH C 3 .   ? 14.210  1.806   -10.346 1.00 57.24  ? 568 HOH A O   1 
HETATM 1616 O O   . HOH C 3 .   ? 4.309   14.322  -17.023 1.00 54.29  ? 569 HOH A O   1 
HETATM 1617 O O   . HOH C 3 .   ? -12.936 -4.491  -1.331  1.00 76.91  ? 570 HOH A O   1 
HETATM 1618 O O   . HOH C 3 .   ? 2.133   15.516  17.302  1.00 28.88  ? 571 HOH A O   1 
HETATM 1619 O O   . HOH C 3 .   ? 12.544  1.029   16.891  1.00 52.49  ? 572 HOH A O   1 
HETATM 1620 O O   . HOH C 3 .   ? -17.747 8.585   4.444   1.00 68.47  ? 573 HOH A O   1 
HETATM 1621 O O   . HOH C 3 .   ? 10.970  11.341  14.557  1.00 47.22  ? 574 HOH A O   1 
HETATM 1622 O O   . HOH C 3 .   ? 8.765   -1.375  -26.677 1.00 61.82  ? 575 HOH A O   1 
HETATM 1623 O O   . HOH C 3 .   ? -7.168  -5.131  -14.745 1.00 53.42  ? 576 HOH A O   1 
HETATM 1624 O O   . HOH C 3 .   ? 13.732  -0.571  -9.366  1.00 53.46  ? 577 HOH A O   1 
HETATM 1625 O O   . HOH C 3 .   ? 7.933   16.994  14.840  1.00 35.75  ? 578 HOH A O   1 
HETATM 1626 O O   . HOH C 3 .   ? 13.941  -0.590  6.964   1.00 56.40  ? 579 HOH A O   1 
HETATM 1627 O O   . HOH C 3 .   ? -14.338 -1.894  -4.932  1.00 69.94  ? 580 HOH A O   1 
HETATM 1628 O O   . HOH C 3 .   ? -5.065  -9.600  4.575   1.00 44.67  ? 581 HOH A O   1 
HETATM 1629 O O   . HOH C 3 .   ? -12.286 -10.991 14.318  1.00 48.98  ? 582 HOH A O   1 
HETATM 1630 O O   . HOH C 3 .   ? 5.447   14.670  20.295  1.00 38.68  ? 583 HOH A O   1 
HETATM 1631 O O   . HOH C 3 .   ? 0.619   10.775  -14.728 1.00 29.55  ? 584 HOH A O   1 
HETATM 1632 O O   . HOH C 3 .   ? -0.824  13.093  1.299   1.00 53.51  ? 585 HOH A O   1 
HETATM 1633 O O   . HOH C 3 .   ? -10.331 -2.121  16.621  1.00 51.80  ? 586 HOH A O   1 
HETATM 1634 O O   . HOH C 3 .   ? -9.920  -17.980 -14.207 1.00 47.51  ? 587 HOH A O   1 
HETATM 1635 O O   . HOH C 3 .   ? 10.991  -5.109  27.972  1.00 46.54  ? 588 HOH A O   1 
HETATM 1636 O O   . HOH C 3 .   ? -2.131  13.566  -2.383  1.00 48.90  ? 589 HOH A O   1 
HETATM 1637 O O   . HOH C 3 .   ? 15.780  -2.111  -9.906  1.00 49.08  ? 590 HOH A O   1 
HETATM 1638 O O   . HOH C 3 .   ? -5.045  12.697  -12.406 1.00 52.54  ? 591 HOH A O   1 
HETATM 1639 O O   . HOH C 3 .   ? 11.507  14.858  13.248  1.00 46.20  ? 592 HOH A O   1 
HETATM 1640 O O   . HOH C 3 .   ? 5.185   -5.946  -18.424 1.00 34.13  ? 593 HOH A O   1 
HETATM 1641 O O   . HOH C 3 .   ? -10.478 -12.230 15.779  1.00 44.09  ? 594 HOH A O   1 
HETATM 1642 O O   . HOH C 3 .   ? 7.334   5.882   -22.277 1.00 52.54  ? 595 HOH A O   1 
HETATM 1643 O O   . HOH C 3 .   ? 5.369   20.115  13.675  1.00 34.45  ? 596 HOH A O   1 
HETATM 1644 O O   . HOH C 3 .   ? 8.944   13.710  17.620  1.00 41.06  ? 597 HOH A O   1 
HETATM 1645 O O   . HOH C 3 .   ? -12.852 7.851   13.196  1.00 66.51  ? 598 HOH A O   1 
HETATM 1646 O O   . HOH C 3 .   ? 3.803   5.607   -32.508 1.00 53.79  ? 599 HOH A O   1 
HETATM 1647 O O   . HOH C 3 .   ? 3.836   17.587  16.752  1.00 32.79  ? 600 HOH A O   1 
HETATM 1648 O O   . HOH C 3 .   ? -3.697  -5.116  21.894  1.00 42.81  ? 601 HOH A O   1 
HETATM 1649 O O   . HOH C 3 .   ? -5.609  16.176  -1.737  1.00 60.17  ? 602 HOH A O   1 
HETATM 1650 O O   . HOH C 3 .   ? -2.322  12.640  -12.062 1.00 63.55  ? 603 HOH A O   1 
HETATM 1651 O O   . HOH C 3 .   ? 9.536   -8.308  21.380  1.00 45.84  ? 604 HOH A O   1 
HETATM 1652 O O   . HOH C 3 .   ? -6.330  -4.658  21.512  1.00 50.02  ? 605 HOH A O   1 
HETATM 1653 O O   . HOH C 3 .   ? -0.878  -4.669  -26.958 1.00 37.04  ? 606 HOH A O   1 
HETATM 1654 O O   . HOH C 3 .   ? 1.121   -2.190  -31.005 1.00 39.46  ? 607 HOH A O   1 
HETATM 1655 O O   . HOH C 3 .   ? -13.543 -13.100 13.041  1.00 35.48  ? 608 HOH A O   1 
HETATM 1656 O O   . HOH C 3 .   ? -11.885 -17.101 8.249   1.00 45.84  ? 609 HOH A O   1 
HETATM 1657 O O   . HOH C 3 .   ? 8.225   16.599  17.469  1.00 36.37  ? 610 HOH A O   1 
HETATM 1658 O O   . HOH C 3 .   ? -10.914 -18.649 12.982  1.00 33.60  ? 611 HOH A O   1 
HETATM 1659 O O   . HOH C 3 .   ? -13.551 5.793   16.606  1.00 58.11  ? 612 HOH A O   1 
HETATM 1660 O O   . HOH C 3 .   ? 2.258   19.801  17.281  1.00 39.62  ? 613 HOH A O   1 
HETATM 1661 O O   . HOH C 3 .   ? -22.107 -5.284  10.570  1.00 59.98  ? 614 HOH A O   1 
HETATM 1662 O O   . HOH C 3 .   ? 10.621  19.157  18.276  1.00 56.92  ? 615 HOH A O   1 
# 
